data_7NIW
#
_entry.id   7NIW
#
loop_
_entity.id
_entity.type
_entity.pdbx_description
1 polymer 'Phosphatidylcholine translocator ABCB4'
2 polymer '4B1 Fab-fragment light chain'
3 polymer '4B1 Fab-fragment heavy chain'
4 non-polymer CHOLESTEROL
5 non-polymer POSACONAZOLE
6 non-polymer 1,2-DILINOLEOYL-SN-GLYCERO-3-PHOSPHOCHOLINE
#
loop_
_entity_poly.entity_id
_entity_poly.type
_entity_poly.pdbx_seq_one_letter_code
_entity_poly.pdbx_strand_id
1 'polypeptide(L)'
;MDLEAAKNGTAWRPTSAEGDFELGISSKQKRKKTKTVKMIGVLTLFRYSDWQDKLFMSLGTIMAIAHGSGLPLMMIVFGE
MTDKFVDTAGNFSFPVNFSLSLLNPGKILEEEMTRYAYYYSGLGAGVLVAAYIQVSFWTLAAGRQIRKIRQKFFHAILRQ
EIGWFDINDTTELNTRLTDDISKISEGIGDKVGMFFQAVATFFAGFIVGFIRGWKLTLVIMAISPILGLSAAVWAKILSA
FSDKELAAYAKAGAVAEEALGAIRTVIAFGGQNKELERYQKHLENAKEIGIKKAISANISMGIAFLLIYASYALAFWYGS
TLVISKEYTIGNAMTVFFSILIGAFSVGQAAPCIDAFANARGAAYVIFDIIDNNPKIDSFSERGHKPDSIKGNLEFNDVH
FSYPSRANVKILKGLNLKVQSGQTVALVGSSGCGKSTTVQLIQRLYDPDEGTINIDGQDIRNFNVNYLREIIGVVSQEPV
LFSTTIAENICYGRGNVTMDEIKKAVKEANAYEFIMKLPQKFDTLVGERGAQLSGGQKQRIAIARALVRNPKILLLDQAT
SALDTESEAEVQAALDKAREGRTTIVIAHRLSTVRNADVIAGFEDGVIVEQGSHSELMKKEGVYFKLVNMQTSGSQIQSE
EFELNDEKAATRMAPNGWKSRLFRHSTQKNLKNSQMCQKSLDVETDGLEANVPPVSFLKVLKLNKTEWPYFVVGTVCAIA
NGGLQPAFSVIFSEIIAIFGPGDDAVKQQKCNIFSLIFLFLGIISFFTFFLQGFTFGKAGEILTRRLRSMAFKAMLRQDM
SWFDDHKNSTGALSTRLATDAAQVQGATGTRLALIAQNIANLGTGIIISFIYGWQLTLLLLAVVPIIAVSGIVEMKLLAG
NAKRDKKELEAAGKIATEAIENIRTVVSLTQERKFESMYVEKLYGPYRNSVQKAHIYGITFSISQAFMYFSYAGCFRFGA
YLIVNGHMRFRDVILVFSAIVFGAVALGHASSFAPDYAKAKLSAAHLFMLFERQPLIDSYSEEGLKPDKFEGNITFNEVV
FNYPTRANVPVLQGLSLEVKKGQTLALVGSSGCGKSTVVQLLERFYDPLAGTVLLDGQEAKKLNVQWLRAQLGIVSQEPI
LFDCSIAENIAYGDNSRVVSQDEIVSAAKAANIHPFIETLPHKYETRVGDKGTQLSGGQKQRIAIARALIRQPQILLLDQ
ATSALDTESEKVVQEALDKAREGRTCIVIAHRLSTIQNADLIVVFQNGRVKEHGTHQQLLAQKGIYFSMVSVQAGTQNL
;
A
2 'polypeptide(L)'
;SDIQMTQSPSSLSASVGDRVTITCRASQSVSSAVAWYQQKPGKAPKLLIYSASSLYSGVPSRFSGSRSGTDFTLTISSLQ
PEDFATYYCQQGYSKLITFGQGTKVEIKRTVAAPSVFIFPPSDSQLKSGTASVVCLLNNFYPREAKVQWKVDNALQSGNS
QESVTEQDSKDSTYSLSSTLTLSKADYEKHKVYACEVTHQGLSSPVTKSFNRGEC
;
B
3 'polypeptide(L)'
;EISEVQLVESGGGLVQPGGSLRLSCAASGFNLYSSYIHWVRQAPGKGLEWVAYISSYYGSTSYADSVKGRFTISADTSKN
TAYLQMNSLRAEDTAVYYCARSFSINGSYSWWWDQAAYGLDYWGQGTLVTVSSASTKGPSVFPLAPSSKSTSGGTAALGC
LVKDYFPEPVTVSWNSGALTSGVHTFPAVLQSSGLYSLSSVVTVPSSSLGTQTYICNVNHKPSNTKVDKKVEPKSCDKTH
T
;
C
#
loop_
_chem_comp.id
_chem_comp.type
_chem_comp.name
_chem_comp.formula
CLR non-polymer CHOLESTEROL 'C27 H46 O'
DLP non-polymer 1,2-DILINOLEOYL-SN-GLYCERO-3-PHOSPHOCHOLINE 'C44 H80 N O8 P'
X2N non-polymer POSACONAZOLE 'C37 H42 F2 N8 O4'
#
# COMPACT_ATOMS: atom_id res chain seq x y z
N THR A 44 -19.57 -10.81 -38.44
CA THR A 44 -20.02 -10.99 -37.07
C THR A 44 -19.26 -10.08 -36.13
N LEU A 45 -17.93 -10.05 -36.29
CA LEU A 45 -17.05 -9.32 -35.38
C LEU A 45 -15.95 -8.56 -36.09
N PHE A 46 -15.70 -8.82 -37.36
CA PHE A 46 -14.64 -8.14 -38.08
C PHE A 46 -15.18 -7.03 -38.96
N ARG A 47 -16.31 -6.43 -38.60
CA ARG A 47 -16.84 -5.35 -39.40
C ARG A 47 -15.77 -4.32 -39.68
N TYR A 48 -15.26 -3.69 -38.63
CA TYR A 48 -14.53 -2.45 -38.83
C TYR A 48 -13.21 -2.75 -39.51
N SER A 49 -13.30 -3.09 -40.78
CA SER A 49 -12.15 -3.58 -41.51
C SER A 49 -12.11 -2.91 -42.88
N ASP A 50 -10.98 -2.31 -43.21
CA ASP A 50 -10.77 -1.79 -44.55
C ASP A 50 -10.47 -2.97 -45.45
N TRP A 51 -9.92 -2.73 -46.62
CA TRP A 51 -9.35 -3.85 -47.35
C TRP A 51 -8.00 -4.24 -46.79
N GLN A 52 -7.12 -3.27 -46.54
CA GLN A 52 -5.77 -3.58 -46.08
C GLN A 52 -5.81 -4.50 -44.87
N ASP A 53 -6.81 -4.38 -44.01
CA ASP A 53 -6.92 -5.35 -42.93
C ASP A 53 -7.11 -6.74 -43.49
N LYS A 54 -7.97 -6.90 -44.49
CA LYS A 54 -8.25 -8.24 -44.99
C LYS A 54 -7.04 -8.82 -45.67
N LEU A 55 -6.34 -8.04 -46.49
CA LEU A 55 -5.11 -8.53 -47.06
C LEU A 55 -4.16 -8.97 -45.95
N PHE A 56 -4.02 -8.13 -44.93
CA PHE A 56 -3.19 -8.50 -43.79
C PHE A 56 -3.55 -9.86 -43.20
N MET A 57 -4.83 -10.05 -42.86
CA MET A 57 -5.23 -11.30 -42.24
C MET A 57 -4.99 -12.48 -43.16
N SER A 58 -5.28 -12.35 -44.45
CA SER A 58 -5.20 -13.54 -45.30
C SER A 58 -3.77 -13.90 -45.61
N LEU A 59 -2.98 -12.93 -46.01
CA LEU A 59 -1.56 -13.22 -46.12
C LEU A 59 -0.93 -13.54 -44.77
N GLY A 60 -1.66 -13.47 -43.67
CA GLY A 60 -1.14 -14.03 -42.44
C GLY A 60 -1.57 -15.45 -42.21
N THR A 61 -2.77 -15.79 -42.67
CA THR A 61 -3.25 -17.14 -42.46
C THR A 61 -2.54 -18.15 -43.34
N ILE A 62 -2.38 -17.86 -44.62
CA ILE A 62 -1.73 -18.87 -45.45
C ILE A 62 -0.35 -19.17 -44.91
N MET A 63 0.38 -18.17 -44.48
CA MET A 63 1.70 -18.49 -43.95
C MET A 63 1.64 -19.03 -42.54
N ALA A 64 0.54 -18.85 -41.82
CA ALA A 64 0.35 -19.65 -40.61
C ALA A 64 0.38 -21.12 -40.95
N ILE A 65 -0.38 -21.52 -41.96
CA ILE A 65 -0.44 -22.93 -42.30
C ILE A 65 0.90 -23.42 -42.83
N ALA A 66 1.54 -22.64 -43.67
CA ALA A 66 2.82 -23.07 -44.18
C ALA A 66 3.94 -22.98 -43.16
N HIS A 67 3.68 -22.46 -41.98
CA HIS A 67 4.58 -22.68 -40.85
C HIS A 67 4.19 -23.90 -40.09
N GLY A 68 2.89 -24.09 -39.89
CA GLY A 68 2.42 -25.21 -39.12
C GLY A 68 2.87 -26.53 -39.68
N SER A 69 2.95 -26.62 -40.98
CA SER A 69 3.38 -27.84 -41.66
C SER A 69 4.85 -28.01 -41.66
N GLY A 70 5.55 -27.41 -40.74
CA GLY A 70 6.98 -27.43 -40.85
C GLY A 70 7.70 -28.50 -40.06
N LEU A 71 7.08 -29.08 -39.04
CA LEU A 71 7.76 -30.17 -38.35
C LEU A 71 7.58 -31.48 -39.09
N PRO A 72 6.37 -31.93 -39.36
CA PRO A 72 6.22 -33.18 -40.09
C PRO A 72 7.17 -33.37 -41.25
N LEU A 73 7.31 -32.38 -42.11
CA LEU A 73 8.34 -32.49 -43.13
C LEU A 73 9.69 -32.71 -42.48
N MET A 74 9.93 -32.07 -41.36
CA MET A 74 11.21 -32.26 -40.71
C MET A 74 11.41 -33.71 -40.32
N MET A 75 10.35 -34.36 -39.84
CA MET A 75 10.48 -35.74 -39.41
C MET A 75 10.66 -36.66 -40.60
N ILE A 76 10.06 -36.33 -41.72
CA ILE A 76 10.32 -37.09 -42.94
C ILE A 76 11.81 -37.12 -43.23
N VAL A 77 12.43 -35.95 -43.20
CA VAL A 77 13.84 -36.00 -43.51
C VAL A 77 14.62 -36.70 -42.40
N PHE A 78 14.18 -36.57 -41.15
CA PHE A 78 14.88 -37.25 -40.07
C PHE A 78 14.86 -38.75 -40.28
N GLY A 79 13.70 -39.27 -40.66
CA GLY A 79 13.60 -40.67 -40.99
C GLY A 79 14.65 -41.08 -42.00
N GLU A 80 14.67 -40.42 -43.14
CA GLU A 80 15.62 -40.83 -44.15
C GLU A 80 17.06 -40.77 -43.65
N MET A 81 17.38 -39.76 -42.84
CA MET A 81 18.78 -39.64 -42.45
C MET A 81 19.18 -40.70 -41.45
N THR A 82 18.30 -41.03 -40.49
CA THR A 82 18.69 -42.07 -39.55
C THR A 82 18.79 -43.40 -40.25
N ASP A 83 18.03 -43.59 -41.31
CA ASP A 83 18.17 -44.79 -42.10
C ASP A 83 19.57 -44.89 -42.66
N LYS A 84 20.01 -43.86 -43.38
CA LYS A 84 21.37 -43.93 -43.92
C LYS A 84 22.36 -44.17 -42.82
N PHE A 85 22.21 -43.50 -41.68
CA PHE A 85 23.21 -43.62 -40.63
C PHE A 85 23.30 -45.03 -40.09
N VAL A 86 22.16 -45.63 -39.74
CA VAL A 86 22.22 -46.91 -39.05
C VAL A 86 22.50 -48.01 -40.03
N ASP A 87 22.01 -47.89 -41.26
CA ASP A 87 22.43 -48.77 -42.34
C ASP A 87 23.93 -48.80 -42.49
N THR A 88 24.55 -47.64 -42.71
CA THR A 88 25.99 -47.61 -42.89
C THR A 88 26.72 -48.06 -41.65
N ALA A 89 26.18 -47.73 -40.47
CA ALA A 89 26.84 -48.10 -39.23
C ALA A 89 26.87 -49.62 -39.07
N GLY A 90 25.70 -50.26 -38.98
CA GLY A 90 25.68 -51.70 -38.81
C GLY A 90 26.33 -52.42 -39.97
N ASN A 91 26.07 -51.97 -41.20
CA ASN A 91 26.58 -52.65 -42.38
C ASN A 91 28.10 -52.53 -42.46
N PHE A 92 28.66 -51.48 -41.88
CA PHE A 92 30.03 -51.56 -41.35
C PHE A 92 30.25 -50.40 -40.40
N SER A 93 30.41 -50.72 -39.12
CA SER A 93 30.82 -49.71 -38.16
C SER A 93 32.29 -49.40 -38.36
N PHE A 94 32.63 -48.12 -38.24
CA PHE A 94 33.97 -47.63 -38.52
C PHE A 94 34.42 -46.74 -37.38
N PRO A 95 34.78 -47.33 -36.24
CA PRO A 95 35.31 -46.49 -35.16
C PRO A 95 36.59 -45.80 -35.55
N VAL A 96 37.33 -46.36 -36.50
CA VAL A 96 38.59 -45.81 -36.96
C VAL A 96 38.34 -44.58 -37.83
N PRO A 105 33.90 -44.80 -49.44
CA PRO A 105 34.45 -45.62 -48.36
C PRO A 105 34.04 -45.07 -47.02
N GLY A 106 32.85 -44.47 -47.01
CA GLY A 106 32.34 -43.73 -45.88
C GLY A 106 32.04 -42.28 -46.19
N LYS A 107 32.75 -41.67 -47.13
CA LYS A 107 32.47 -40.28 -47.49
C LYS A 107 31.14 -40.11 -48.18
N ILE A 108 30.54 -41.19 -48.67
CA ILE A 108 29.15 -41.13 -49.10
C ILE A 108 28.28 -40.68 -47.96
N LEU A 109 28.61 -41.12 -46.74
CA LEU A 109 27.92 -40.62 -45.56
C LEU A 109 27.96 -39.10 -45.54
N GLU A 110 29.11 -38.53 -45.88
CA GLU A 110 29.26 -37.09 -45.86
C GLU A 110 28.49 -36.43 -46.99
N GLU A 111 28.58 -36.97 -48.19
CA GLU A 111 27.81 -36.39 -49.27
C GLU A 111 26.34 -36.34 -48.89
N GLU A 112 25.84 -37.44 -48.36
CA GLU A 112 24.44 -37.47 -47.98
C GLU A 112 24.16 -36.55 -46.81
N MET A 113 25.10 -36.40 -45.89
CA MET A 113 24.79 -35.56 -44.75
C MET A 113 24.83 -34.07 -45.09
N THR A 114 25.71 -33.65 -45.97
CA THR A 114 25.62 -32.29 -46.43
C THR A 114 24.34 -32.07 -47.21
N ARG A 115 23.96 -33.02 -48.06
CA ARG A 115 22.67 -32.88 -48.74
C ARG A 115 21.58 -32.66 -47.72
N TYR A 116 21.62 -33.44 -46.66
CA TYR A 116 20.58 -33.30 -45.67
C TYR A 116 20.69 -31.97 -44.94
N ALA A 117 21.90 -31.44 -44.78
CA ALA A 117 22.04 -30.16 -44.09
C ALA A 117 21.41 -29.04 -44.89
N TYR A 118 21.60 -29.06 -46.21
CA TYR A 118 20.88 -28.12 -47.05
C TYR A 118 19.39 -28.29 -46.87
N TYR A 119 18.88 -29.52 -46.91
CA TYR A 119 17.44 -29.68 -46.71
C TYR A 119 16.99 -29.06 -45.41
N TYR A 120 17.66 -29.42 -44.31
CA TYR A 120 17.27 -28.92 -43.00
C TYR A 120 17.22 -27.41 -42.98
N SER A 121 18.31 -26.77 -43.37
CA SER A 121 18.39 -25.33 -43.18
C SER A 121 17.48 -24.60 -44.14
N GLY A 122 17.34 -25.13 -45.35
CA GLY A 122 16.46 -24.53 -46.33
C GLY A 122 15.05 -24.56 -45.79
N LEU A 123 14.76 -25.57 -44.98
CA LEU A 123 13.46 -25.71 -44.36
C LEU A 123 13.37 -24.71 -43.23
N GLY A 124 14.50 -24.46 -42.59
CA GLY A 124 14.56 -23.51 -41.49
C GLY A 124 14.20 -22.13 -41.98
N ALA A 125 14.82 -21.71 -43.09
CA ALA A 125 14.55 -20.42 -43.69
C ALA A 125 13.06 -20.29 -43.95
N GLY A 126 12.47 -21.34 -44.51
CA GLY A 126 11.05 -21.35 -44.79
C GLY A 126 10.24 -21.03 -43.56
N VAL A 127 10.54 -21.70 -42.45
CA VAL A 127 9.72 -21.42 -41.28
C VAL A 127 10.01 -20.05 -40.72
N LEU A 128 11.25 -19.55 -40.89
CA LEU A 128 11.55 -18.22 -40.38
C LEU A 128 10.60 -17.21 -40.98
N VAL A 129 10.55 -17.19 -42.31
CA VAL A 129 9.73 -16.21 -42.99
C VAL A 129 8.27 -16.38 -42.63
N ALA A 130 7.78 -17.62 -42.64
CA ALA A 130 6.35 -17.77 -42.42
C ALA A 130 5.98 -17.46 -40.99
N ALA A 131 6.84 -17.78 -40.02
CA ALA A 131 6.55 -17.45 -38.64
C ALA A 131 6.42 -15.94 -38.47
N TYR A 132 7.44 -15.22 -38.92
CA TYR A 132 7.44 -13.78 -38.80
C TYR A 132 6.18 -13.17 -39.38
N ILE A 133 5.84 -13.54 -40.62
CA ILE A 133 4.67 -12.93 -41.24
C ILE A 133 3.41 -13.29 -40.49
N GLN A 134 3.27 -14.52 -40.01
CA GLN A 134 2.06 -14.85 -39.26
C GLN A 134 1.88 -13.90 -38.09
N VAL A 135 2.93 -13.76 -37.29
CA VAL A 135 2.85 -12.92 -36.10
C VAL A 135 2.52 -11.49 -36.46
N SER A 136 3.34 -10.86 -37.29
CA SER A 136 3.12 -9.45 -37.55
C SER A 136 1.74 -9.29 -38.13
N PHE A 137 1.50 -9.78 -39.34
CA PHE A 137 0.25 -9.42 -40.00
C PHE A 137 -0.95 -9.65 -39.11
N TRP A 138 -0.92 -10.69 -38.30
CA TRP A 138 -2.08 -10.84 -37.45
C TRP A 138 -2.14 -9.74 -36.41
N THR A 139 -1.02 -9.36 -35.80
CA THR A 139 -1.13 -8.35 -34.76
C THR A 139 -1.30 -6.94 -35.32
N LEU A 140 -0.89 -6.71 -36.57
CA LEU A 140 -1.16 -5.43 -37.20
C LEU A 140 -2.64 -5.28 -37.48
N ALA A 141 -3.25 -6.27 -38.09
CA ALA A 141 -4.68 -6.18 -38.26
C ALA A 141 -5.35 -5.95 -36.92
N ALA A 142 -4.82 -6.59 -35.88
CA ALA A 142 -5.35 -6.35 -34.54
C ALA A 142 -5.27 -4.89 -34.16
N GLY A 143 -4.07 -4.32 -34.20
CA GLY A 143 -3.89 -2.95 -33.73
C GLY A 143 -4.77 -1.96 -34.47
N ARG A 144 -4.69 -1.97 -35.79
CA ARG A 144 -5.50 -1.02 -36.54
C ARG A 144 -6.96 -1.17 -36.19
N GLN A 145 -7.45 -2.39 -36.16
CA GLN A 145 -8.88 -2.47 -35.95
C GLN A 145 -9.24 -2.05 -34.53
N ILE A 146 -8.32 -2.25 -33.58
CA ILE A 146 -8.71 -1.90 -32.22
C ILE A 146 -8.70 -0.40 -32.03
N ARG A 147 -7.81 0.32 -32.71
CA ARG A 147 -7.83 1.76 -32.58
C ARG A 147 -9.10 2.33 -33.16
N LYS A 148 -9.48 1.89 -34.36
CA LYS A 148 -10.75 2.35 -34.89
C LYS A 148 -11.90 2.01 -33.94
N ILE A 149 -11.82 0.87 -33.27
CA ILE A 149 -12.88 0.48 -32.35
C ILE A 149 -13.01 1.48 -31.21
N ARG A 150 -11.92 1.69 -30.47
CA ARG A 150 -11.93 2.62 -29.35
C ARG A 150 -12.55 3.93 -29.73
N GLN A 151 -12.05 4.51 -30.81
CA GLN A 151 -12.52 5.83 -31.22
C GLN A 151 -14.02 5.81 -31.45
N LYS A 152 -14.51 4.85 -32.22
CA LYS A 152 -15.94 4.89 -32.45
C LYS A 152 -16.72 4.65 -31.19
N PHE A 153 -16.15 3.91 -30.23
CA PHE A 153 -16.89 3.66 -28.99
C PHE A 153 -17.06 4.92 -28.18
N PHE A 154 -16.00 5.71 -28.04
CA PHE A 154 -16.24 6.98 -27.35
C PHE A 154 -17.28 7.77 -28.10
N HIS A 155 -17.00 8.09 -29.36
CA HIS A 155 -17.90 8.94 -30.11
C HIS A 155 -19.34 8.48 -30.06
N ALA A 156 -19.59 7.23 -29.66
CA ALA A 156 -20.96 6.85 -29.40
C ALA A 156 -21.28 6.69 -27.93
N ILE A 157 -20.33 6.90 -27.03
CA ILE A 157 -20.74 7.03 -25.63
C ILE A 157 -21.11 8.47 -25.32
N LEU A 158 -20.48 9.44 -25.99
CA LEU A 158 -20.93 10.82 -25.83
C LEU A 158 -22.32 11.01 -26.40
N ARG A 159 -22.61 10.40 -27.53
CA ARG A 159 -23.95 10.48 -28.09
C ARG A 159 -24.97 9.76 -27.25
N GLN A 160 -24.56 9.18 -26.15
CA GLN A 160 -25.47 8.42 -25.33
C GLN A 160 -26.04 9.31 -24.24
N GLU A 161 -27.35 9.24 -24.06
CA GLU A 161 -28.08 10.25 -23.29
C GLU A 161 -27.77 10.14 -21.81
N ILE A 162 -28.49 10.94 -21.04
CA ILE A 162 -28.28 10.96 -19.60
C ILE A 162 -29.15 9.94 -18.90
N GLY A 163 -30.37 9.71 -19.40
CA GLY A 163 -31.10 8.54 -18.95
C GLY A 163 -30.23 7.31 -18.98
N TRP A 164 -29.49 7.12 -20.07
CA TRP A 164 -28.56 6.01 -20.11
C TRP A 164 -27.48 6.16 -19.06
N PHE A 165 -27.14 7.40 -18.70
CA PHE A 165 -26.19 7.59 -17.62
C PHE A 165 -26.85 7.42 -16.26
N ASP A 166 -28.15 7.76 -16.16
CA ASP A 166 -28.84 7.53 -14.89
C ASP A 166 -28.99 6.06 -14.61
N ILE A 167 -28.97 5.22 -15.64
CA ILE A 167 -29.21 3.80 -15.42
C ILE A 167 -27.98 3.14 -14.81
N ASN A 168 -26.83 3.23 -15.48
CA ASN A 168 -25.69 2.42 -15.11
C ASN A 168 -24.68 3.21 -14.30
N ASP A 169 -23.53 2.59 -14.08
CA ASP A 169 -22.44 3.08 -13.26
C ASP A 169 -21.45 3.86 -14.12
N THR A 170 -20.58 4.59 -13.45
CA THR A 170 -19.57 5.40 -14.10
C THR A 170 -18.14 4.93 -13.91
N THR A 171 -17.87 3.96 -13.04
CA THR A 171 -16.61 3.24 -13.16
C THR A 171 -16.76 2.00 -14.02
N GLU A 172 -17.93 1.36 -13.98
CA GLU A 172 -18.21 0.27 -14.91
C GLU A 172 -17.83 0.67 -16.33
N LEU A 173 -18.18 1.89 -16.72
CA LEU A 173 -17.90 2.36 -18.06
C LEU A 173 -16.41 2.45 -18.32
N ASN A 174 -15.67 3.15 -17.46
CA ASN A 174 -14.26 3.37 -17.79
C ASN A 174 -13.48 2.08 -17.71
N THR A 175 -13.74 1.27 -16.69
CA THR A 175 -13.11 -0.05 -16.62
C THR A 175 -13.47 -0.90 -17.83
N ARG A 176 -14.74 -0.89 -18.22
CA ARG A 176 -15.15 -1.55 -19.44
C ARG A 176 -14.28 -1.10 -20.59
N LEU A 177 -14.16 0.21 -20.78
CA LEU A 177 -13.30 0.73 -21.83
C LEU A 177 -11.93 0.09 -21.76
N THR A 178 -11.19 0.34 -20.68
CA THR A 178 -9.80 -0.11 -20.62
C THR A 178 -9.69 -1.64 -20.77
N ASP A 179 -10.25 -2.38 -19.81
CA ASP A 179 -10.12 -3.83 -19.86
C ASP A 179 -10.69 -4.39 -21.16
N ASP A 180 -11.98 -4.19 -21.41
CA ASP A 180 -12.60 -4.87 -22.53
C ASP A 180 -11.92 -4.56 -23.85
N ILE A 181 -11.43 -3.35 -24.05
CA ILE A 181 -10.72 -3.13 -25.29
C ILE A 181 -9.44 -3.92 -25.31
N SER A 182 -8.75 -4.06 -24.16
CA SER A 182 -7.60 -4.95 -24.19
C SER A 182 -8.02 -6.39 -24.46
N LYS A 183 -9.22 -6.75 -24.03
CA LYS A 183 -9.73 -8.10 -24.21
C LYS A 183 -9.93 -8.40 -25.68
N ILE A 184 -10.64 -7.52 -26.37
CA ILE A 184 -10.81 -7.69 -27.80
C ILE A 184 -9.45 -7.72 -28.49
N SER A 185 -8.54 -6.83 -28.08
CA SER A 185 -7.25 -6.75 -28.74
C SER A 185 -6.52 -8.08 -28.70
N GLU A 186 -6.38 -8.65 -27.50
CA GLU A 186 -5.74 -9.96 -27.42
C GLU A 186 -6.58 -11.04 -28.09
N GLY A 187 -7.88 -10.87 -28.13
CA GLY A 187 -8.69 -11.89 -28.72
C GLY A 187 -8.46 -12.01 -30.20
N ILE A 188 -8.91 -11.01 -30.96
CA ILE A 188 -8.71 -11.04 -32.41
C ILE A 188 -7.27 -10.86 -32.79
N GLY A 189 -6.38 -10.67 -31.84
CA GLY A 189 -5.09 -10.19 -32.21
C GLY A 189 -4.23 -11.15 -32.97
N ASP A 190 -3.69 -12.13 -32.25
CA ASP A 190 -2.70 -13.05 -32.79
C ASP A 190 -2.95 -14.49 -32.43
N LYS A 191 -3.64 -14.77 -31.33
CA LYS A 191 -4.03 -16.12 -30.99
C LYS A 191 -4.61 -16.84 -32.18
N VAL A 192 -5.23 -16.13 -33.10
CA VAL A 192 -5.78 -16.83 -34.24
C VAL A 192 -4.67 -17.36 -35.13
N GLY A 193 -3.60 -16.61 -35.30
CA GLY A 193 -2.49 -17.13 -36.08
C GLY A 193 -1.98 -18.43 -35.51
N MET A 194 -1.68 -18.44 -34.23
CA MET A 194 -1.15 -19.62 -33.57
C MET A 194 -2.14 -20.75 -33.60
N PHE A 195 -3.42 -20.47 -33.49
CA PHE A 195 -4.38 -21.55 -33.59
C PHE A 195 -4.35 -22.19 -34.96
N PHE A 196 -4.21 -21.39 -36.00
CA PHE A 196 -4.19 -22.01 -37.31
C PHE A 196 -2.94 -22.84 -37.51
N GLN A 197 -1.77 -22.36 -37.07
CA GLN A 197 -0.59 -23.20 -37.22
C GLN A 197 -0.73 -24.47 -36.40
N ALA A 198 -1.50 -24.44 -35.32
CA ALA A 198 -1.74 -25.67 -34.58
C ALA A 198 -2.48 -26.67 -35.42
N VAL A 199 -3.61 -26.26 -35.99
CA VAL A 199 -4.36 -27.23 -36.79
C VAL A 199 -3.53 -27.71 -37.98
N ALA A 200 -2.70 -26.83 -38.53
CA ALA A 200 -1.80 -27.26 -39.59
C ALA A 200 -0.91 -28.41 -39.13
N THR A 201 -0.14 -28.19 -38.06
CA THR A 201 0.78 -29.25 -37.64
C THR A 201 0.04 -30.52 -37.28
N PHE A 202 -1.19 -30.40 -36.80
CA PHE A 202 -1.96 -31.59 -36.57
C PHE A 202 -2.18 -32.39 -37.86
N PHE A 203 -2.98 -31.83 -38.77
CA PHE A 203 -3.34 -32.64 -39.93
C PHE A 203 -2.13 -33.04 -40.70
N ALA A 204 -1.05 -32.26 -40.64
CA ALA A 204 0.14 -32.68 -41.32
C ALA A 204 0.79 -33.85 -40.63
N GLY A 205 0.65 -33.95 -39.31
CA GLY A 205 1.21 -35.10 -38.63
C GLY A 205 0.53 -36.38 -39.02
N PHE A 206 -0.79 -36.37 -38.98
CA PHE A 206 -1.51 -37.58 -39.38
C PHE A 206 -1.29 -37.93 -40.85
N ILE A 207 -1.22 -36.94 -41.72
CA ILE A 207 -1.06 -37.25 -43.13
C ILE A 207 0.31 -37.81 -43.42
N VAL A 208 1.36 -37.24 -42.82
CA VAL A 208 2.68 -37.82 -43.05
C VAL A 208 2.74 -39.22 -42.46
N GLY A 209 1.97 -39.47 -41.42
CA GLY A 209 1.83 -40.84 -41.01
C GLY A 209 1.32 -41.68 -42.15
N PHE A 210 0.04 -41.54 -42.49
CA PHE A 210 -0.57 -42.45 -43.47
C PHE A 210 0.23 -42.54 -44.75
N ILE A 211 0.92 -41.48 -45.12
CA ILE A 211 1.66 -41.51 -46.36
C ILE A 211 2.90 -42.34 -46.19
N ARG A 212 3.46 -42.38 -44.98
CA ARG A 212 4.77 -42.99 -44.91
C ARG A 212 4.74 -44.46 -44.42
N GLY A 213 3.85 -44.83 -43.50
CA GLY A 213 3.57 -46.24 -43.30
C GLY A 213 2.24 -46.47 -42.66
N TRP A 214 1.34 -47.24 -43.26
CA TRP A 214 -0.06 -47.12 -42.85
C TRP A 214 -0.44 -48.12 -41.77
N LYS A 215 0.21 -49.28 -41.70
CA LYS A 215 -0.13 -50.26 -40.68
C LYS A 215 0.10 -49.70 -39.29
N LEU A 216 1.31 -49.18 -39.04
CA LEU A 216 1.65 -48.61 -37.75
C LEU A 216 0.77 -47.42 -37.40
N THR A 217 0.52 -46.52 -38.35
CA THR A 217 -0.35 -45.40 -38.07
C THR A 217 -1.72 -45.88 -37.67
N LEU A 218 -2.23 -46.92 -38.28
CA LEU A 218 -3.52 -47.37 -37.82
C LEU A 218 -3.42 -47.93 -36.41
N VAL A 219 -2.36 -48.68 -36.12
CA VAL A 219 -2.21 -49.20 -34.76
C VAL A 219 -2.31 -48.06 -33.76
N ILE A 220 -1.52 -47.01 -33.97
CA ILE A 220 -1.51 -45.87 -33.05
C ILE A 220 -2.87 -45.19 -33.01
N MET A 221 -3.27 -44.58 -34.13
CA MET A 221 -4.52 -43.84 -34.17
C MET A 221 -5.72 -44.66 -33.71
N ALA A 222 -5.58 -45.97 -33.60
CA ALA A 222 -6.72 -46.76 -33.16
C ALA A 222 -7.07 -46.50 -31.70
N ILE A 223 -6.06 -46.48 -30.83
CA ILE A 223 -6.32 -46.36 -29.40
C ILE A 223 -6.48 -44.93 -28.92
N SER A 224 -6.35 -43.95 -29.81
CA SER A 224 -6.68 -42.58 -29.48
C SER A 224 -7.97 -42.42 -28.70
N PRO A 225 -9.12 -42.91 -29.15
CA PRO A 225 -10.37 -42.65 -28.42
C PRO A 225 -10.34 -43.02 -26.95
N ILE A 226 -9.40 -43.87 -26.52
CA ILE A 226 -9.30 -44.10 -25.07
C ILE A 226 -8.63 -42.91 -24.39
N LEU A 227 -7.54 -42.39 -24.95
CA LEU A 227 -6.99 -41.15 -24.39
C LEU A 227 -7.99 -40.02 -24.49
N GLY A 228 -8.79 -40.01 -25.57
CA GLY A 228 -9.85 -39.03 -25.67
C GLY A 228 -10.81 -39.12 -24.51
N LEU A 229 -11.40 -40.30 -24.30
CA LEU A 229 -12.29 -40.49 -23.17
C LEU A 229 -11.60 -40.09 -21.87
N SER A 230 -10.33 -40.44 -21.72
CA SER A 230 -9.62 -40.20 -20.47
C SER A 230 -9.52 -38.71 -20.16
N ALA A 231 -8.87 -37.95 -21.04
CA ALA A 231 -8.70 -36.54 -20.74
C ALA A 231 -10.03 -35.79 -20.78
N ALA A 232 -11.01 -36.30 -21.52
CA ALA A 232 -12.30 -35.63 -21.49
C ALA A 232 -12.97 -35.77 -20.14
N VAL A 233 -12.96 -36.96 -19.55
CA VAL A 233 -13.54 -37.08 -18.21
C VAL A 233 -12.66 -36.40 -17.19
N TRP A 234 -11.35 -36.30 -17.45
CA TRP A 234 -10.50 -35.38 -16.70
C TRP A 234 -11.11 -33.98 -16.66
N ALA A 235 -11.52 -33.48 -17.82
CA ALA A 235 -12.10 -32.14 -17.88
C ALA A 235 -13.41 -32.07 -17.13
N LYS A 236 -14.27 -33.07 -17.29
CA LYS A 236 -15.58 -33.00 -16.62
C LYS A 236 -15.42 -33.05 -15.10
N ILE A 237 -14.58 -33.96 -14.60
CA ILE A 237 -14.27 -34.02 -13.18
C ILE A 237 -13.81 -32.65 -12.69
N LEU A 238 -12.67 -32.20 -13.18
CA LEU A 238 -12.07 -30.99 -12.63
C LEU A 238 -13.00 -29.78 -12.77
N SER A 239 -13.72 -29.67 -13.89
CA SER A 239 -14.60 -28.53 -14.04
C SER A 239 -15.71 -28.55 -13.01
N ALA A 240 -16.40 -29.68 -12.85
CA ALA A 240 -17.47 -29.73 -11.86
C ALA A 240 -16.93 -29.38 -10.47
N PHE A 241 -15.72 -29.84 -10.14
CA PHE A 241 -15.22 -29.58 -8.81
C PHE A 241 -14.87 -28.12 -8.62
N SER A 242 -14.29 -27.49 -9.64
CA SER A 242 -14.05 -26.05 -9.56
C SER A 242 -15.35 -25.31 -9.30
N ASP A 243 -16.40 -25.67 -10.01
CA ASP A 243 -17.68 -25.00 -9.83
C ASP A 243 -18.16 -25.14 -8.39
N LYS A 244 -18.14 -26.36 -7.86
CA LYS A 244 -18.65 -26.56 -6.50
C LYS A 244 -17.85 -25.74 -5.52
N GLU A 245 -16.53 -25.76 -5.64
CA GLU A 245 -15.67 -25.06 -4.70
C GLU A 245 -15.96 -23.58 -4.72
N LEU A 246 -16.05 -22.99 -5.92
CA LEU A 246 -16.22 -21.55 -6.02
C LEU A 246 -17.59 -21.13 -5.50
N ALA A 247 -18.63 -21.87 -5.86
CA ALA A 247 -19.96 -21.53 -5.38
C ALA A 247 -20.01 -21.56 -3.87
N ALA A 248 -19.39 -22.57 -3.25
CA ALA A 248 -19.39 -22.63 -1.79
C ALA A 248 -18.65 -21.43 -1.18
N TYR A 249 -17.49 -21.09 -1.72
CA TYR A 249 -16.83 -19.90 -1.19
C TYR A 249 -17.72 -18.67 -1.32
N ALA A 250 -18.20 -18.37 -2.52
CA ALA A 250 -18.94 -17.14 -2.72
C ALA A 250 -20.24 -17.15 -1.93
N LYS A 251 -20.66 -18.32 -1.49
CA LYS A 251 -21.71 -18.41 -0.47
C LYS A 251 -21.17 -18.02 0.89
N ALA A 252 -19.86 -18.15 1.09
CA ALA A 252 -19.23 -17.74 2.35
C ALA A 252 -18.40 -16.48 2.24
N GLY A 253 -18.64 -15.67 1.24
CA GLY A 253 -17.92 -14.44 1.07
C GLY A 253 -18.85 -13.26 0.89
N ALA A 254 -20.15 -13.54 0.94
CA ALA A 254 -21.13 -12.48 1.08
C ALA A 254 -21.13 -11.95 2.50
N VAL A 255 -20.50 -12.68 3.41
CA VAL A 255 -20.38 -12.20 4.77
C VAL A 255 -19.39 -11.05 4.85
N ALA A 256 -18.24 -11.20 4.22
CA ALA A 256 -17.34 -10.07 4.19
C ALA A 256 -17.95 -8.89 3.45
N GLU A 257 -18.83 -9.14 2.50
CA GLU A 257 -19.36 -8.00 1.75
C GLU A 257 -20.53 -7.35 2.46
N GLU A 258 -21.18 -8.04 3.39
CA GLU A 258 -22.18 -7.34 4.18
C GLU A 258 -21.61 -6.81 5.48
N ALA A 259 -20.43 -7.23 5.88
CA ALA A 259 -19.78 -6.58 7.02
C ALA A 259 -18.58 -5.78 6.59
N LEU A 260 -18.46 -5.47 5.31
CA LEU A 260 -17.60 -4.42 4.86
C LEU A 260 -18.33 -3.32 4.13
N GLY A 261 -19.54 -3.59 3.66
CA GLY A 261 -20.34 -2.48 3.22
C GLY A 261 -20.81 -1.60 4.33
N ALA A 262 -20.58 -2.00 5.58
CA ALA A 262 -21.07 -1.29 6.74
C ALA A 262 -19.99 -1.22 7.80
N ILE A 263 -18.79 -0.82 7.41
CA ILE A 263 -17.67 -0.82 8.33
C ILE A 263 -17.94 0.04 9.53
N ARG A 264 -18.78 1.05 9.39
CA ARG A 264 -18.88 2.05 10.43
C ARG A 264 -19.69 1.53 11.61
N THR A 265 -20.88 0.98 11.35
CA THR A 265 -21.69 0.50 12.46
C THR A 265 -20.93 -0.56 13.22
N VAL A 266 -20.23 -1.42 12.49
CA VAL A 266 -19.40 -2.41 13.14
C VAL A 266 -18.41 -1.71 14.05
N ILE A 267 -17.51 -0.93 13.46
CA ILE A 267 -16.40 -0.40 14.24
C ILE A 267 -16.87 0.47 15.40
N ALA A 268 -18.14 0.86 15.41
CA ALA A 268 -18.65 1.47 16.62
C ALA A 268 -19.04 0.41 17.63
N PHE A 269 -20.03 -0.39 17.28
CA PHE A 269 -20.57 -1.32 18.27
C PHE A 269 -19.57 -2.35 18.77
N GLY A 270 -18.33 -2.33 18.29
CA GLY A 270 -17.34 -3.26 18.78
C GLY A 270 -17.51 -4.66 18.23
N GLY A 271 -17.66 -4.74 16.92
CA GLY A 271 -18.00 -5.99 16.29
C GLY A 271 -16.93 -6.48 15.35
N GLN A 272 -15.67 -6.41 15.74
CA GLN A 272 -14.64 -7.09 14.99
C GLN A 272 -14.78 -8.60 15.12
N ASN A 273 -14.62 -9.10 16.34
CA ASN A 273 -14.41 -10.52 16.49
C ASN A 273 -15.65 -11.32 16.20
N LYS A 274 -16.83 -10.78 16.50
CA LYS A 274 -18.02 -11.44 16.03
C LYS A 274 -17.92 -11.68 14.54
N GLU A 275 -17.33 -10.74 13.81
CA GLU A 275 -17.22 -10.91 12.36
C GLU A 275 -16.19 -11.94 11.97
N LEU A 276 -14.95 -11.75 12.42
CA LEU A 276 -13.91 -12.72 12.10
C LEU A 276 -14.40 -14.13 12.33
N GLU A 277 -15.21 -14.34 13.35
CA GLU A 277 -15.69 -15.69 13.57
C GLU A 277 -16.84 -16.06 12.65
N ARG A 278 -17.69 -15.11 12.30
CA ARG A 278 -18.62 -15.43 11.23
C ARG A 278 -17.89 -15.81 9.95
N TYR A 279 -16.61 -15.48 9.83
CA TYR A 279 -15.88 -15.85 8.63
C TYR A 279 -15.20 -17.21 8.76
N GLN A 280 -14.42 -17.41 9.81
CA GLN A 280 -13.77 -18.71 9.98
C GLN A 280 -14.80 -19.82 9.94
N LYS A 281 -15.95 -19.63 10.57
CA LYS A 281 -16.89 -20.74 10.58
C LYS A 281 -17.27 -21.17 9.18
N HIS A 282 -17.04 -20.34 8.18
CA HIS A 282 -17.37 -20.71 6.81
C HIS A 282 -16.18 -21.26 6.02
N LEU A 283 -15.00 -20.73 6.26
CA LEU A 283 -13.85 -21.35 5.63
C LEU A 283 -13.67 -22.81 6.07
N GLU A 284 -14.04 -23.13 7.30
CA GLU A 284 -13.97 -24.53 7.72
C GLU A 284 -15.12 -25.36 7.21
N ASN A 285 -16.08 -24.78 6.51
CA ASN A 285 -16.91 -25.63 5.69
C ASN A 285 -16.23 -25.91 4.38
N ALA A 286 -15.69 -24.88 3.75
CA ALA A 286 -15.19 -25.07 2.38
C ALA A 286 -13.99 -25.99 2.29
N LYS A 287 -13.23 -26.17 3.37
CA LYS A 287 -12.06 -27.05 3.24
C LYS A 287 -12.44 -28.48 2.89
N GLU A 288 -13.63 -28.93 3.30
CA GLU A 288 -14.05 -30.30 3.05
C GLU A 288 -14.19 -30.59 1.56
N ILE A 289 -14.29 -29.56 0.73
CA ILE A 289 -14.51 -29.75 -0.70
C ILE A 289 -13.24 -29.39 -1.43
N GLY A 290 -12.50 -28.44 -0.88
CA GLY A 290 -11.14 -28.26 -1.35
C GLY A 290 -10.40 -29.58 -1.41
N ILE A 291 -10.49 -30.37 -0.34
CA ILE A 291 -9.66 -31.58 -0.29
C ILE A 291 -10.09 -32.60 -1.33
N LYS A 292 -11.41 -32.82 -1.45
CA LYS A 292 -11.93 -33.70 -2.49
C LYS A 292 -11.40 -33.30 -3.85
N LYS A 293 -11.48 -32.01 -4.19
CA LYS A 293 -11.02 -31.61 -5.52
C LYS A 293 -9.56 -31.91 -5.69
N ALA A 294 -8.78 -31.74 -4.63
CA ALA A 294 -7.37 -32.06 -4.73
C ALA A 294 -7.15 -33.50 -5.16
N ILE A 295 -7.75 -34.45 -4.42
CA ILE A 295 -7.47 -35.85 -4.75
C ILE A 295 -8.04 -36.22 -6.11
N SER A 296 -9.21 -35.69 -6.46
CA SER A 296 -9.80 -36.11 -7.71
C SER A 296 -9.02 -35.59 -8.91
N ALA A 297 -8.74 -34.29 -8.94
CA ALA A 297 -8.01 -33.79 -10.09
C ALA A 297 -6.67 -34.46 -10.22
N ASN A 298 -6.03 -34.80 -9.12
CA ASN A 298 -4.69 -35.32 -9.35
C ASN A 298 -4.65 -36.84 -9.63
N ILE A 299 -5.60 -37.62 -9.13
CA ILE A 299 -5.77 -38.95 -9.69
C ILE A 299 -5.97 -38.86 -11.18
N SER A 300 -6.88 -38.02 -11.64
CA SER A 300 -7.13 -38.00 -13.08
C SER A 300 -5.88 -37.65 -13.85
N MET A 301 -5.07 -36.75 -13.32
CA MET A 301 -3.86 -36.39 -14.06
C MET A 301 -2.90 -37.56 -14.16
N GLY A 302 -2.73 -38.29 -13.06
CA GLY A 302 -1.90 -39.48 -13.13
C GLY A 302 -2.41 -40.49 -14.14
N ILE A 303 -3.72 -40.71 -14.17
CA ILE A 303 -4.32 -41.59 -15.18
C ILE A 303 -3.91 -41.16 -16.57
N ALA A 304 -4.04 -39.86 -16.86
CA ALA A 304 -3.68 -39.42 -18.19
C ALA A 304 -2.26 -39.85 -18.53
N PHE A 305 -1.35 -39.79 -17.56
CA PHE A 305 0.00 -40.21 -17.96
C PHE A 305 0.18 -41.72 -18.04
N LEU A 306 -0.52 -42.49 -17.21
CA LEU A 306 -0.46 -43.93 -17.36
C LEU A 306 -0.89 -44.31 -18.77
N LEU A 307 -1.96 -43.70 -19.25
CA LEU A 307 -2.45 -44.08 -20.57
C LEU A 307 -1.49 -43.65 -21.65
N ILE A 308 -0.92 -42.45 -21.50
CA ILE A 308 0.01 -41.90 -22.48
C ILE A 308 1.24 -42.77 -22.63
N TYR A 309 1.73 -43.31 -21.52
CA TYR A 309 2.91 -44.16 -21.55
C TYR A 309 2.54 -45.57 -21.99
N ALA A 310 1.27 -45.93 -21.82
CA ALA A 310 0.78 -47.23 -22.24
C ALA A 310 0.73 -47.23 -23.76
N SER A 311 0.34 -46.10 -24.33
CA SER A 311 0.27 -45.96 -25.77
C SER A 311 1.66 -46.17 -26.36
N TYR A 312 2.66 -45.57 -25.73
CA TYR A 312 4.05 -45.74 -26.18
C TYR A 312 4.40 -47.21 -26.28
N ALA A 313 4.11 -47.97 -25.23
CA ALA A 313 4.54 -49.37 -25.21
C ALA A 313 3.89 -50.15 -26.33
N LEU A 314 2.59 -49.99 -26.49
CA LEU A 314 1.89 -50.70 -27.55
C LEU A 314 2.55 -50.44 -28.88
N ALA A 315 2.69 -49.17 -29.23
CA ALA A 315 3.24 -48.86 -30.54
C ALA A 315 4.65 -49.38 -30.66
N PHE A 316 5.45 -49.30 -29.63
CA PHE A 316 6.81 -49.72 -29.86
C PHE A 316 6.88 -51.22 -30.07
N TRP A 317 6.09 -52.00 -29.36
CA TRP A 317 6.20 -53.44 -29.55
C TRP A 317 5.67 -53.85 -30.92
N TYR A 318 4.50 -53.33 -31.31
CA TYR A 318 4.02 -53.61 -32.65
C TYR A 318 5.06 -53.24 -33.68
N GLY A 319 5.37 -51.97 -33.78
CA GLY A 319 6.33 -51.54 -34.75
C GLY A 319 7.72 -52.00 -34.39
N SER A 320 7.84 -53.00 -33.53
CA SER A 320 9.05 -53.79 -33.53
C SER A 320 8.88 -55.12 -34.24
N THR A 321 7.73 -55.77 -34.10
CA THR A 321 7.49 -56.95 -34.93
C THR A 321 7.51 -56.57 -36.40
N LEU A 322 6.90 -55.44 -36.75
CA LEU A 322 6.88 -54.95 -38.12
C LEU A 322 8.15 -54.28 -38.56
N VAL A 323 9.25 -54.46 -37.86
CA VAL A 323 10.52 -54.04 -38.40
C VAL A 323 11.40 -55.26 -38.43
N ILE A 324 11.12 -56.22 -37.55
CA ILE A 324 11.84 -57.47 -37.63
C ILE A 324 11.55 -58.15 -38.97
N SER A 325 10.33 -58.08 -39.41
CA SER A 325 9.90 -58.62 -40.69
C SER A 325 10.46 -57.90 -41.85
N LYS A 326 11.40 -56.97 -41.71
CA LYS A 326 11.92 -56.21 -42.83
C LYS A 326 10.79 -55.65 -43.69
N GLU A 327 10.05 -54.69 -43.12
CA GLU A 327 8.90 -54.07 -43.82
C GLU A 327 9.02 -52.55 -43.76
N TYR A 328 9.04 -52.00 -42.54
CA TYR A 328 9.21 -50.54 -42.30
C TYR A 328 10.58 -50.35 -41.65
N THR A 329 11.55 -49.82 -42.40
CA THR A 329 12.92 -49.59 -41.88
C THR A 329 12.90 -48.47 -40.83
N ILE A 330 13.84 -48.52 -39.88
CA ILE A 330 13.97 -47.54 -38.75
C ILE A 330 13.73 -46.11 -39.24
N GLY A 331 14.44 -45.67 -40.28
CA GLY A 331 14.25 -44.32 -40.84
C GLY A 331 12.78 -44.02 -41.09
N ASN A 332 12.07 -44.93 -41.76
CA ASN A 332 10.63 -44.75 -42.08
C ASN A 332 9.78 -45.22 -40.90
N ALA A 333 10.40 -45.89 -39.92
CA ALA A 333 9.69 -46.40 -38.73
C ALA A 333 9.65 -45.31 -37.65
N MET A 334 10.72 -44.50 -37.58
CA MET A 334 10.81 -43.40 -36.59
C MET A 334 9.98 -42.22 -37.09
N THR A 335 9.81 -42.10 -38.41
CA THR A 335 9.04 -41.03 -38.99
C THR A 335 7.61 -41.08 -38.52
N VAL A 336 6.96 -42.22 -38.65
CA VAL A 336 5.57 -42.25 -38.22
C VAL A 336 5.47 -41.99 -36.74
N PHE A 337 6.39 -42.54 -35.95
CA PHE A 337 6.36 -42.32 -34.51
C PHE A 337 6.36 -40.84 -34.20
N PHE A 338 7.44 -40.18 -34.55
CA PHE A 338 7.62 -38.81 -34.12
C PHE A 338 6.59 -37.88 -34.75
N SER A 339 6.25 -38.07 -36.01
CA SER A 339 5.25 -37.19 -36.59
C SER A 339 3.94 -37.29 -35.85
N ILE A 340 3.55 -38.48 -35.42
CA ILE A 340 2.28 -38.48 -34.70
C ILE A 340 2.46 -37.88 -33.33
N LEU A 341 3.63 -38.03 -32.73
CA LEU A 341 3.89 -37.37 -31.45
C LEU A 341 3.72 -35.86 -31.57
N ILE A 342 4.31 -35.26 -32.59
CA ILE A 342 4.28 -33.82 -32.76
C ILE A 342 2.86 -33.36 -33.05
N GLY A 343 2.18 -34.08 -33.91
CA GLY A 343 0.78 -33.79 -34.08
C GLY A 343 0.08 -33.69 -32.74
N ALA A 344 0.31 -34.67 -31.89
CA ALA A 344 -0.42 -34.68 -30.63
C ALA A 344 -0.03 -33.49 -29.76
N PHE A 345 1.25 -33.24 -29.61
CA PHE A 345 1.65 -32.19 -28.67
C PHE A 345 1.16 -30.84 -29.12
N SER A 346 1.37 -30.48 -30.38
CA SER A 346 0.83 -29.19 -30.81
C SER A 346 -0.67 -29.13 -30.59
N VAL A 347 -1.43 -30.00 -31.26
CA VAL A 347 -2.87 -29.81 -31.16
C VAL A 347 -3.34 -29.91 -29.72
N GLY A 348 -2.52 -30.40 -28.83
CA GLY A 348 -2.96 -30.42 -27.45
C GLY A 348 -2.75 -29.08 -26.78
N GLN A 349 -1.62 -28.45 -27.07
CA GLN A 349 -1.21 -27.29 -26.30
C GLN A 349 -1.75 -26.00 -26.89
N ALA A 350 -2.90 -26.04 -27.54
CA ALA A 350 -3.51 -24.84 -28.06
C ALA A 350 -5.02 -24.86 -27.86
N ALA A 351 -5.46 -25.23 -26.66
CA ALA A 351 -6.87 -25.08 -26.30
C ALA A 351 -7.20 -23.69 -25.80
N PRO A 352 -6.42 -23.11 -24.88
CA PRO A 352 -6.72 -21.74 -24.43
C PRO A 352 -6.78 -20.71 -25.55
N CYS A 353 -6.16 -20.93 -26.67
CA CYS A 353 -6.39 -20.06 -27.79
C CYS A 353 -7.66 -20.28 -28.35
N ILE A 354 -8.58 -20.95 -27.69
CA ILE A 354 -9.99 -20.91 -28.04
C ILE A 354 -10.82 -20.24 -26.95
N ASP A 355 -10.51 -20.53 -25.69
CA ASP A 355 -11.11 -19.79 -24.60
C ASP A 355 -10.87 -18.29 -24.74
N ALA A 356 -9.69 -17.91 -25.24
CA ALA A 356 -9.39 -16.48 -25.43
C ALA A 356 -10.24 -15.90 -26.55
N PHE A 357 -10.45 -16.62 -27.64
CA PHE A 357 -11.35 -16.09 -28.63
C PHE A 357 -12.75 -15.98 -28.07
N ALA A 358 -13.13 -16.91 -27.21
CA ALA A 358 -14.45 -16.81 -26.62
C ALA A 358 -14.57 -15.57 -25.75
N ASN A 359 -13.52 -15.26 -24.98
CA ASN A 359 -13.50 -14.01 -24.25
C ASN A 359 -13.61 -12.81 -25.17
N ALA A 360 -12.90 -12.84 -26.29
CA ALA A 360 -13.01 -11.75 -27.25
C ALA A 360 -14.45 -11.51 -27.63
N ARG A 361 -15.15 -12.55 -28.07
CA ARG A 361 -16.53 -12.33 -28.44
C ARG A 361 -17.32 -11.86 -27.22
N GLY A 362 -17.07 -12.48 -26.08
CA GLY A 362 -17.88 -12.20 -24.90
C GLY A 362 -17.81 -10.73 -24.52
N ALA A 363 -16.61 -10.17 -24.57
CA ALA A 363 -16.48 -8.73 -24.42
C ALA A 363 -17.20 -8.02 -25.55
N ALA A 364 -16.70 -8.18 -26.76
CA ALA A 364 -17.14 -7.36 -27.88
C ALA A 364 -18.65 -7.27 -28.00
N TYR A 365 -19.38 -8.18 -27.38
CA TYR A 365 -20.82 -8.07 -27.53
C TYR A 365 -21.31 -6.70 -27.08
N VAL A 366 -21.07 -6.33 -25.81
CA VAL A 366 -21.66 -5.09 -25.31
C VAL A 366 -21.08 -3.86 -25.99
N ILE A 367 -19.80 -3.88 -26.31
CA ILE A 367 -19.18 -2.73 -26.97
C ILE A 367 -19.86 -2.48 -28.30
N PHE A 368 -19.98 -3.52 -29.13
CA PHE A 368 -20.71 -3.34 -30.37
C PHE A 368 -22.16 -2.98 -30.09
N ASP A 369 -22.74 -3.53 -29.03
CA ASP A 369 -24.10 -3.21 -28.64
C ASP A 369 -24.27 -1.73 -28.38
N ILE A 370 -23.20 -1.06 -28.00
CA ILE A 370 -23.31 0.37 -27.74
C ILE A 370 -23.01 1.16 -28.99
N ILE A 371 -21.97 0.81 -29.75
CA ILE A 371 -21.65 1.62 -30.92
C ILE A 371 -22.82 1.62 -31.90
N ASP A 372 -23.49 0.50 -32.07
CA ASP A 372 -24.66 0.53 -32.94
C ASP A 372 -25.87 1.13 -32.26
N ASN A 373 -25.86 1.25 -30.95
CA ASN A 373 -27.01 1.83 -30.25
C ASN A 373 -27.24 3.25 -30.71
N ASN A 374 -28.50 3.67 -30.71
CA ASN A 374 -28.86 4.98 -31.22
C ASN A 374 -29.98 5.56 -30.38
N PRO A 375 -29.77 6.68 -29.75
CA PRO A 375 -30.65 7.13 -28.67
C PRO A 375 -31.86 7.92 -29.11
N LYS A 376 -32.56 8.47 -28.11
CA LYS A 376 -33.46 9.60 -28.27
C LYS A 376 -32.61 10.82 -28.56
N ILE A 377 -33.23 12.00 -28.46
CA ILE A 377 -32.73 13.21 -29.12
C ILE A 377 -31.21 13.26 -29.11
N ASP A 378 -30.63 13.40 -30.29
CA ASP A 378 -29.22 13.10 -30.47
C ASP A 378 -28.38 14.34 -30.24
N SER A 379 -27.39 14.21 -29.38
CA SER A 379 -26.49 15.31 -29.15
C SER A 379 -25.56 15.57 -30.33
N PHE A 380 -25.68 14.80 -31.42
CA PHE A 380 -24.77 14.92 -32.55
C PHE A 380 -25.45 15.05 -33.89
N SER A 381 -26.75 14.80 -33.98
CA SER A 381 -27.44 14.90 -35.25
C SER A 381 -27.72 16.36 -35.55
N GLU A 382 -27.30 16.80 -36.72
CA GLU A 382 -27.65 18.14 -37.16
C GLU A 382 -29.07 18.21 -37.69
N ARG A 383 -29.82 17.13 -37.58
CA ARG A 383 -31.23 17.10 -37.98
C ARG A 383 -32.03 17.82 -36.91
N GLY A 384 -32.15 19.14 -37.06
CA GLY A 384 -32.91 19.92 -36.11
C GLY A 384 -33.38 21.26 -36.65
N HIS A 385 -34.66 21.55 -36.47
CA HIS A 385 -35.24 22.78 -37.01
C HIS A 385 -34.89 23.91 -36.06
N LYS A 386 -33.67 24.42 -36.21
CA LYS A 386 -33.19 25.50 -35.38
C LYS A 386 -33.65 26.83 -35.95
N PRO A 387 -34.48 27.60 -35.26
CA PRO A 387 -34.65 29.01 -35.61
C PRO A 387 -33.35 29.78 -35.37
N ASP A 388 -33.31 31.00 -35.87
CA ASP A 388 -32.14 31.86 -35.76
C ASP A 388 -32.48 33.22 -35.17
N SER A 389 -33.70 33.70 -35.36
CA SER A 389 -34.20 34.90 -34.71
C SER A 389 -35.42 34.54 -33.88
N ILE A 390 -35.41 34.93 -32.62
CA ILE A 390 -36.45 34.53 -31.68
C ILE A 390 -36.39 35.42 -30.44
N LYS A 391 -37.52 35.63 -29.80
CA LYS A 391 -37.58 36.39 -28.56
C LYS A 391 -37.08 35.52 -27.41
N GLY A 392 -37.29 35.99 -26.18
CA GLY A 392 -37.01 35.22 -25.00
C GLY A 392 -38.27 34.71 -24.32
N ASN A 393 -39.23 34.24 -25.12
CA ASN A 393 -40.48 33.70 -24.61
C ASN A 393 -40.29 32.26 -24.15
N LEU A 394 -40.81 31.94 -22.97
CA LEU A 394 -40.68 30.61 -22.39
C LEU A 394 -42.00 30.23 -21.73
N GLU A 395 -42.86 29.49 -22.44
CA GLU A 395 -44.21 29.23 -21.94
C GLU A 395 -44.39 27.77 -21.61
N PHE A 396 -44.85 27.51 -20.39
CA PHE A 396 -45.01 26.17 -19.85
C PHE A 396 -46.47 25.81 -19.82
N ASN A 397 -46.76 24.52 -19.67
CA ASN A 397 -48.12 24.07 -19.38
C ASN A 397 -48.17 22.61 -18.95
N ASP A 398 -48.79 22.38 -17.79
CA ASP A 398 -49.20 21.07 -17.27
C ASP A 398 -48.16 20.00 -17.55
N VAL A 399 -46.90 20.37 -17.42
CA VAL A 399 -45.83 19.44 -17.69
C VAL A 399 -45.70 18.49 -16.51
N HIS A 400 -45.85 17.20 -16.77
CA HIS A 400 -45.57 16.17 -15.79
C HIS A 400 -44.28 15.48 -16.21
N PHE A 401 -43.41 15.24 -15.24
CA PHE A 401 -42.17 14.55 -15.55
C PHE A 401 -41.71 13.81 -14.31
N SER A 402 -41.41 12.54 -14.49
CA SER A 402 -40.90 11.70 -13.42
C SER A 402 -39.55 11.19 -13.84
N TYR A 403 -38.85 10.62 -12.89
CA TYR A 403 -37.57 10.07 -13.26
C TYR A 403 -37.71 8.58 -13.57
N PRO A 404 -37.04 8.11 -14.62
CA PRO A 404 -36.89 6.67 -14.77
C PRO A 404 -36.05 6.04 -13.67
N SER A 405 -34.97 6.70 -13.24
CA SER A 405 -34.17 6.15 -12.14
C SER A 405 -34.89 6.29 -10.81
N ARG A 406 -35.80 7.25 -10.67
CA ARG A 406 -36.62 7.40 -9.47
C ARG A 406 -38.03 7.77 -9.92
N ALA A 407 -38.88 6.75 -10.07
CA ALA A 407 -40.27 6.97 -10.44
C ALA A 407 -41.24 6.78 -9.29
N ASN A 408 -40.79 6.28 -8.14
CA ASN A 408 -41.68 6.11 -7.00
C ASN A 408 -41.82 7.38 -6.16
N VAL A 409 -41.40 8.53 -6.70
CA VAL A 409 -41.66 9.84 -6.11
C VAL A 409 -41.95 10.79 -7.26
N LYS A 410 -43.19 11.30 -7.33
CA LYS A 410 -43.53 12.31 -8.31
C LYS A 410 -42.72 13.58 -8.04
N ILE A 411 -41.98 14.04 -9.05
CA ILE A 411 -41.15 15.23 -8.91
C ILE A 411 -41.69 16.42 -9.69
N LEU A 412 -42.40 16.18 -10.78
CA LEU A 412 -43.08 17.24 -11.52
C LEU A 412 -44.58 16.99 -11.45
N LYS A 413 -45.34 18.07 -11.31
CA LYS A 413 -46.77 17.95 -11.05
C LYS A 413 -47.57 18.95 -11.86
N GLY A 414 -46.97 19.50 -12.91
CA GLY A 414 -47.71 20.36 -13.80
C GLY A 414 -47.46 21.82 -13.54
N LEU A 415 -46.60 22.43 -14.36
CA LEU A 415 -46.21 23.82 -14.20
C LEU A 415 -46.83 24.64 -15.32
N ASN A 416 -47.35 25.81 -14.95
CA ASN A 416 -48.07 26.70 -15.85
C ASN A 416 -47.53 28.12 -15.66
N LEU A 417 -46.42 28.42 -16.33
CA LEU A 417 -45.80 29.73 -16.24
C LEU A 417 -45.64 30.34 -17.62
N LYS A 418 -45.65 31.66 -17.66
CA LYS A 418 -45.37 32.42 -18.87
C LYS A 418 -44.14 33.27 -18.61
N VAL A 419 -43.27 33.38 -19.61
CA VAL A 419 -42.14 34.30 -19.55
C VAL A 419 -42.20 35.20 -20.78
N GLN A 420 -42.50 36.46 -20.57
CA GLN A 420 -42.43 37.43 -21.65
C GLN A 420 -40.97 37.60 -22.06
N SER A 421 -40.77 38.24 -23.21
CA SER A 421 -39.42 38.36 -23.75
C SER A 421 -38.65 39.43 -22.97
N GLY A 422 -37.65 39.01 -22.22
CA GLY A 422 -36.80 39.91 -21.46
C GLY A 422 -37.14 40.00 -20.00
N GLN A 423 -38.40 39.75 -19.63
CA GLN A 423 -38.86 39.98 -18.27
C GLN A 423 -38.37 38.88 -17.35
N THR A 424 -37.76 39.28 -16.24
CA THR A 424 -37.05 38.36 -15.36
C THR A 424 -37.98 37.83 -14.27
N VAL A 425 -38.11 36.51 -14.22
CA VAL A 425 -38.80 35.82 -13.14
C VAL A 425 -37.74 35.20 -12.24
N ALA A 426 -37.95 35.28 -10.93
CA ALA A 426 -37.01 34.75 -9.95
C ALA A 426 -37.69 33.65 -9.15
N LEU A 427 -37.07 32.48 -9.10
CA LEU A 427 -37.69 31.30 -8.51
C LEU A 427 -37.23 31.09 -7.08
N VAL A 428 -38.19 30.77 -6.21
CA VAL A 428 -37.94 30.43 -4.82
C VAL A 428 -38.58 29.07 -4.52
N GLY A 429 -38.40 28.61 -3.30
CA GLY A 429 -38.93 27.34 -2.88
C GLY A 429 -38.11 26.77 -1.74
N SER A 430 -38.67 25.79 -1.03
CA SER A 430 -38.03 25.24 0.16
C SER A 430 -37.07 24.12 -0.28
N SER A 431 -36.60 23.35 0.69
CA SER A 431 -35.63 22.29 0.45
C SER A 431 -36.36 20.97 0.20
N GLY A 432 -36.29 20.48 -1.04
CA GLY A 432 -36.89 19.20 -1.38
C GLY A 432 -37.94 19.22 -2.47
N CYS A 433 -37.81 20.13 -3.43
CA CYS A 433 -38.78 20.23 -4.52
C CYS A 433 -38.21 19.98 -5.91
N GLY A 434 -36.92 20.23 -6.14
CA GLY A 434 -36.35 19.94 -7.44
C GLY A 434 -36.07 21.13 -8.33
N LYS A 435 -35.48 22.19 -7.78
CA LYS A 435 -35.11 23.35 -8.57
C LYS A 435 -34.09 23.00 -9.65
N SER A 436 -32.89 22.56 -9.22
CA SER A 436 -31.87 22.12 -10.16
C SER A 436 -32.43 21.11 -11.14
N THR A 437 -33.30 20.24 -10.65
CA THR A 437 -34.09 19.37 -11.52
C THR A 437 -34.80 20.17 -12.61
N THR A 438 -35.55 21.20 -12.22
CA THR A 438 -36.29 21.95 -13.22
C THR A 438 -35.37 22.61 -14.23
N VAL A 439 -34.25 23.16 -13.76
CA VAL A 439 -33.28 23.72 -14.69
C VAL A 439 -32.87 22.66 -15.70
N GLN A 440 -32.40 21.51 -15.20
CA GLN A 440 -32.02 20.42 -16.08
C GLN A 440 -33.10 20.14 -17.11
N LEU A 441 -34.36 20.17 -16.69
CA LEU A 441 -35.43 19.97 -17.63
C LEU A 441 -35.42 21.03 -18.71
N ILE A 442 -35.39 22.31 -18.31
CA ILE A 442 -35.63 23.42 -19.22
C ILE A 442 -34.79 23.26 -20.49
N GLN A 443 -33.59 22.72 -20.33
CA GLN A 443 -32.68 22.47 -21.43
C GLN A 443 -32.83 21.08 -22.03
N ARG A 444 -33.79 20.30 -21.58
CA ARG A 444 -34.09 19.00 -22.17
C ARG A 444 -32.86 18.10 -22.16
N LEU A 445 -32.47 17.70 -20.96
CA LEU A 445 -31.72 16.48 -20.78
C LEU A 445 -32.63 15.28 -20.61
N TYR A 446 -33.94 15.50 -20.58
CA TYR A 446 -34.93 14.45 -20.41
C TYR A 446 -36.16 14.77 -21.25
N ASP A 447 -37.19 13.96 -21.11
CA ASP A 447 -38.46 14.23 -21.76
C ASP A 447 -39.61 14.02 -20.78
N PRO A 448 -40.35 15.07 -20.45
CA PRO A 448 -41.49 14.93 -19.51
C PRO A 448 -42.63 14.11 -20.10
N ASP A 449 -43.60 13.82 -19.22
CA ASP A 449 -44.63 12.82 -19.51
C ASP A 449 -45.80 13.37 -20.32
N GLU A 450 -46.56 14.29 -19.74
CA GLU A 450 -47.85 14.70 -20.31
C GLU A 450 -48.01 16.22 -20.22
N GLY A 451 -47.00 16.96 -20.68
CA GLY A 451 -47.12 18.41 -20.70
C GLY A 451 -46.42 19.02 -21.87
N THR A 452 -46.26 20.35 -21.85
CA THR A 452 -45.54 20.99 -22.95
C THR A 452 -44.83 22.26 -22.49
N ILE A 453 -43.60 22.42 -22.95
CA ILE A 453 -42.86 23.67 -22.87
C ILE A 453 -42.73 24.19 -24.30
N ASN A 454 -42.53 25.50 -24.44
CA ASN A 454 -42.28 26.08 -25.75
C ASN A 454 -41.53 27.39 -25.63
N ILE A 455 -40.85 27.75 -26.72
CA ILE A 455 -40.39 29.12 -26.96
C ILE A 455 -41.23 29.69 -28.09
N ASP A 456 -41.99 30.74 -27.79
CA ASP A 456 -42.95 31.29 -28.75
C ASP A 456 -43.84 30.17 -29.30
N GLY A 457 -44.27 29.28 -28.40
CA GLY A 457 -45.15 28.22 -28.82
C GLY A 457 -44.47 27.16 -29.68
N GLN A 458 -43.31 27.50 -30.22
CA GLN A 458 -42.57 26.53 -31.02
C GLN A 458 -42.13 25.36 -30.15
N ASP A 459 -42.20 24.16 -30.71
CA ASP A 459 -42.06 22.94 -29.92
C ASP A 459 -40.64 22.75 -29.43
N ILE A 460 -40.52 22.07 -28.29
CA ILE A 460 -39.21 21.69 -27.77
C ILE A 460 -38.58 20.57 -28.57
N ARG A 461 -39.35 19.90 -29.40
CA ARG A 461 -38.85 18.90 -30.33
C ARG A 461 -38.46 19.52 -31.66
N ASN A 462 -38.14 20.81 -31.67
CA ASN A 462 -37.86 21.53 -32.90
C ASN A 462 -36.39 21.93 -32.89
N PHE A 463 -35.93 22.36 -31.72
CA PHE A 463 -34.62 22.99 -31.59
C PHE A 463 -33.50 21.96 -31.72
N ASN A 464 -32.68 22.15 -32.74
CA ASN A 464 -31.49 21.31 -32.90
C ASN A 464 -30.64 21.43 -31.65
N VAL A 465 -30.36 20.29 -31.01
CA VAL A 465 -29.93 20.32 -29.61
C VAL A 465 -28.68 21.16 -29.45
N ASN A 466 -27.80 21.15 -30.45
CA ASN A 466 -26.66 22.05 -30.40
C ASN A 466 -27.14 23.50 -30.28
N TYR A 467 -28.17 23.86 -31.04
CA TYR A 467 -28.72 25.20 -30.90
C TYR A 467 -29.26 25.41 -29.50
N LEU A 468 -29.96 24.43 -28.96
CA LEU A 468 -30.70 24.65 -27.73
C LEU A 468 -29.77 24.81 -26.53
N ARG A 469 -28.64 24.12 -26.53
CA ARG A 469 -27.72 24.25 -25.42
C ARG A 469 -26.48 25.07 -25.76
N GLU A 470 -26.44 25.69 -26.94
CA GLU A 470 -25.50 26.75 -27.20
C GLU A 470 -26.16 28.12 -27.23
N ILE A 471 -27.49 28.17 -27.09
CA ILE A 471 -28.20 29.44 -27.05
C ILE A 471 -28.44 29.91 -25.63
N ILE A 472 -28.52 29.00 -24.67
CA ILE A 472 -28.78 29.36 -23.29
C ILE A 472 -27.50 29.24 -22.48
N GLY A 473 -27.58 29.63 -21.22
CA GLY A 473 -26.43 29.48 -20.37
C GLY A 473 -26.90 29.17 -18.96
N VAL A 474 -26.09 28.47 -18.20
CA VAL A 474 -26.43 28.16 -16.84
C VAL A 474 -25.16 28.14 -15.99
N VAL A 475 -25.25 28.74 -14.81
CA VAL A 475 -24.28 28.55 -13.75
C VAL A 475 -25.00 27.84 -12.62
N SER A 476 -24.44 26.74 -12.17
CA SER A 476 -25.14 25.83 -11.29
C SER A 476 -24.52 25.88 -9.91
N GLN A 477 -24.97 24.97 -9.04
CA GLN A 477 -24.49 24.92 -7.67
C GLN A 477 -22.97 24.89 -7.64
N GLU A 478 -22.38 23.89 -8.26
CA GLU A 478 -20.94 23.75 -8.37
C GLU A 478 -20.61 23.50 -9.83
N PRO A 479 -20.58 24.54 -10.65
CA PRO A 479 -20.05 24.38 -12.00
C PRO A 479 -18.58 24.02 -11.92
N VAL A 480 -18.24 22.86 -12.46
CA VAL A 480 -16.93 22.26 -12.26
C VAL A 480 -15.98 22.76 -13.34
N LEU A 481 -14.72 22.87 -12.99
CA LEU A 481 -13.68 23.27 -13.90
C LEU A 481 -12.87 22.06 -14.35
N PHE A 482 -12.65 21.98 -15.65
CA PHE A 482 -11.88 20.88 -16.19
C PHE A 482 -10.40 21.19 -16.04
N SER A 483 -9.58 20.28 -16.56
CA SER A 483 -8.16 20.27 -16.25
C SER A 483 -7.34 21.10 -17.21
N THR A 484 -7.75 22.34 -17.44
CA THR A 484 -7.03 23.22 -18.35
C THR A 484 -6.89 24.62 -17.79
N THR A 485 -6.53 25.55 -18.67
CA THR A 485 -6.11 26.89 -18.29
C THR A 485 -7.33 27.68 -17.86
N ILE A 486 -7.14 28.98 -17.72
CA ILE A 486 -8.28 29.87 -17.57
C ILE A 486 -8.78 30.31 -18.94
N ALA A 487 -7.86 30.81 -19.76
CA ALA A 487 -8.21 31.19 -21.12
C ALA A 487 -8.84 30.04 -21.87
N GLU A 488 -8.47 28.81 -21.54
CA GLU A 488 -9.01 27.71 -22.33
C GLU A 488 -10.38 27.25 -21.83
N ASN A 489 -10.61 27.27 -20.51
CA ASN A 489 -11.98 27.10 -20.05
C ASN A 489 -12.87 28.14 -20.70
N ILE A 490 -12.42 29.38 -20.75
CA ILE A 490 -13.26 30.44 -21.30
C ILE A 490 -13.47 30.24 -22.80
N CYS A 491 -12.41 29.82 -23.51
CA CYS A 491 -12.56 29.50 -24.93
C CYS A 491 -13.57 28.39 -25.11
N TYR A 492 -13.52 27.37 -24.25
CA TYR A 492 -14.54 26.34 -24.25
C TYR A 492 -15.90 26.90 -23.86
N GLY A 493 -15.91 28.10 -23.29
CA GLY A 493 -17.14 28.82 -23.13
C GLY A 493 -17.92 28.81 -24.42
N ARG A 494 -17.29 29.24 -25.52
CA ARG A 494 -17.96 29.29 -26.83
C ARG A 494 -17.24 28.50 -27.90
N GLY A 495 -15.92 28.55 -27.94
CA GLY A 495 -15.16 27.86 -28.95
C GLY A 495 -14.28 28.77 -29.78
N ASN A 496 -14.80 29.95 -30.15
CA ASN A 496 -14.08 30.91 -30.97
C ASN A 496 -14.54 32.32 -30.60
N VAL A 497 -13.68 33.04 -29.89
CA VAL A 497 -14.02 34.32 -29.29
C VAL A 497 -12.86 35.28 -29.53
N THR A 498 -12.96 36.46 -28.92
CA THR A 498 -11.93 37.47 -29.07
C THR A 498 -11.33 37.82 -27.71
N MET A 499 -10.07 38.26 -27.73
CA MET A 499 -9.38 38.64 -26.51
C MET A 499 -10.02 39.87 -25.87
N ASP A 500 -10.64 40.72 -26.68
CA ASP A 500 -11.35 41.86 -26.13
C ASP A 500 -12.56 41.40 -25.34
N GLU A 501 -13.38 40.53 -25.93
CA GLU A 501 -14.40 39.82 -25.16
C GLU A 501 -13.80 39.19 -23.93
N ILE A 502 -12.61 38.60 -24.07
CA ILE A 502 -11.97 37.91 -22.98
C ILE A 502 -11.80 38.83 -21.78
N LYS A 503 -10.98 39.86 -21.93
CA LYS A 503 -10.70 40.70 -20.77
C LYS A 503 -11.94 41.45 -20.33
N LYS A 504 -12.83 41.81 -21.27
CA LYS A 504 -14.01 42.58 -20.89
C LYS A 504 -14.95 41.74 -20.05
N ALA A 505 -15.20 40.50 -20.44
CA ALA A 505 -15.93 39.60 -19.56
C ALA A 505 -15.20 39.43 -18.25
N VAL A 506 -13.92 39.06 -18.31
CA VAL A 506 -13.13 38.75 -17.13
C VAL A 506 -13.23 39.84 -16.07
N LYS A 507 -12.86 41.06 -16.45
CA LYS A 507 -13.12 42.24 -15.62
C LYS A 507 -14.58 42.30 -15.21
N GLU A 508 -15.48 42.50 -16.19
CA GLU A 508 -16.90 42.60 -15.92
C GLU A 508 -17.40 41.43 -15.11
N ALA A 509 -16.79 40.26 -15.29
CA ALA A 509 -17.09 39.12 -14.45
C ALA A 509 -16.51 39.24 -13.05
N ASN A 510 -16.03 40.43 -12.67
CA ASN A 510 -15.67 40.72 -11.30
C ASN A 510 -14.40 39.97 -10.87
N ALA A 511 -13.65 39.43 -11.84
CA ALA A 511 -12.71 38.36 -11.53
C ALA A 511 -11.38 38.53 -12.26
N TYR A 512 -10.79 39.72 -12.22
CA TYR A 512 -9.51 39.93 -12.90
C TYR A 512 -8.33 40.12 -11.97
N GLU A 513 -8.57 40.51 -10.72
CA GLU A 513 -7.47 40.82 -9.83
C GLU A 513 -6.58 39.61 -9.60
N PHE A 514 -7.18 38.46 -9.29
CA PHE A 514 -6.34 37.29 -9.03
C PHE A 514 -5.57 36.86 -10.26
N ILE A 515 -6.10 37.11 -11.46
CA ILE A 515 -5.34 36.83 -12.68
C ILE A 515 -4.04 37.61 -12.69
N MET A 516 -4.14 38.93 -12.48
CA MET A 516 -2.94 39.72 -12.25
C MET A 516 -2.33 39.45 -10.89
N LYS A 517 -2.80 38.43 -10.17
CA LYS A 517 -2.11 37.91 -9.00
C LYS A 517 -1.57 36.50 -9.20
N LEU A 518 -2.23 35.71 -10.05
CA LEU A 518 -1.96 34.29 -10.14
C LEU A 518 -0.60 33.99 -10.76
N PRO A 519 0.03 32.90 -10.33
CA PRO A 519 1.30 32.50 -10.95
C PRO A 519 1.07 32.01 -12.36
N GLN A 520 1.94 32.48 -13.26
CA GLN A 520 1.68 32.40 -14.68
C GLN A 520 0.30 32.99 -14.98
N LYS A 521 0.21 34.31 -14.76
CA LYS A 521 -1.03 35.07 -14.66
C LYS A 521 -2.12 34.61 -15.61
N PHE A 522 -1.79 34.54 -16.90
CA PHE A 522 -2.79 34.24 -17.90
C PHE A 522 -3.20 32.78 -17.93
N ASP A 523 -2.30 31.85 -17.65
CA ASP A 523 -2.52 30.48 -18.05
C ASP A 523 -2.43 29.48 -16.91
N THR A 524 -2.73 29.89 -15.68
CA THR A 524 -2.58 28.99 -14.55
C THR A 524 -3.44 27.74 -14.72
N LEU A 525 -3.08 26.69 -13.98
CA LEU A 525 -3.70 25.38 -14.13
C LEU A 525 -4.62 25.09 -12.93
N VAL A 526 -5.92 25.25 -13.16
CA VAL A 526 -6.93 24.86 -12.18
C VAL A 526 -7.14 23.36 -12.31
N GLY A 527 -6.44 22.59 -11.49
CA GLY A 527 -6.37 21.15 -11.68
C GLY A 527 -7.60 20.40 -11.21
N GLU A 528 -7.38 19.26 -10.56
CA GLU A 528 -8.47 18.38 -10.18
C GLU A 528 -9.40 19.03 -9.18
N ARG A 529 -10.59 19.42 -9.67
CA ARG A 529 -11.69 19.93 -8.84
C ARG A 529 -11.27 21.15 -8.02
N GLY A 530 -10.65 22.12 -8.69
CA GLY A 530 -10.46 23.48 -8.19
C GLY A 530 -9.86 23.64 -6.81
N ALA A 531 -8.67 23.11 -6.59
CA ALA A 531 -8.07 23.13 -5.26
C ALA A 531 -7.25 24.39 -5.01
N GLN A 532 -6.67 24.95 -6.07
CA GLN A 532 -5.83 26.14 -5.99
C GLN A 532 -6.64 27.41 -6.22
N LEU A 533 -7.69 27.61 -5.42
CA LEU A 533 -8.57 28.75 -5.63
C LEU A 533 -9.14 29.21 -4.30
N SER A 534 -9.87 30.31 -4.33
CA SER A 534 -10.83 30.55 -3.27
C SER A 534 -12.14 29.83 -3.62
N GLY A 535 -13.19 30.13 -2.87
CA GLY A 535 -14.49 29.61 -3.24
C GLY A 535 -15.12 30.50 -4.30
N GLY A 536 -15.38 31.74 -3.91
CA GLY A 536 -16.11 32.68 -4.76
C GLY A 536 -15.45 32.97 -6.09
N GLN A 537 -14.18 32.64 -6.25
CA GLN A 537 -13.58 32.78 -7.56
C GLN A 537 -14.16 31.81 -8.56
N LYS A 538 -14.60 30.63 -8.10
CA LYS A 538 -15.01 29.60 -9.05
C LYS A 538 -16.33 29.95 -9.70
N GLN A 539 -17.24 30.55 -8.95
CA GLN A 539 -18.48 30.97 -9.56
C GLN A 539 -18.26 32.18 -10.47
N ARG A 540 -17.35 33.08 -10.09
CA ARG A 540 -17.05 34.21 -10.94
C ARG A 540 -16.43 33.76 -12.25
N ILE A 541 -15.55 32.76 -12.21
CA ILE A 541 -14.93 32.25 -13.43
C ILE A 541 -15.92 31.45 -14.26
N ALA A 542 -16.83 30.73 -13.60
CA ALA A 542 -17.93 30.13 -14.34
C ALA A 542 -18.76 31.20 -15.02
N ILE A 543 -18.92 32.34 -14.38
CA ILE A 543 -19.72 33.41 -14.97
C ILE A 543 -18.97 34.07 -16.11
N ALA A 544 -17.64 34.13 -16.03
CA ALA A 544 -16.84 34.60 -17.15
C ALA A 544 -17.00 33.67 -18.35
N ARG A 545 -16.90 32.36 -18.12
CA ARG A 545 -17.21 31.39 -19.16
C ARG A 545 -18.60 31.60 -19.72
N ALA A 546 -19.60 31.66 -18.85
CA ALA A 546 -20.96 31.71 -19.32
C ALA A 546 -21.28 33.04 -19.98
N LEU A 547 -20.49 34.08 -19.70
CA LEU A 547 -20.74 35.37 -20.34
C LEU A 547 -20.02 35.48 -21.66
N VAL A 548 -18.97 34.71 -21.87
CA VAL A 548 -18.32 34.73 -23.19
C VAL A 548 -19.21 33.93 -24.14
N ARG A 549 -20.37 33.51 -23.66
CA ARG A 549 -21.31 32.71 -24.43
C ARG A 549 -22.42 33.55 -25.07
N ASN A 550 -22.76 34.68 -24.47
CA ASN A 550 -23.82 35.57 -24.94
C ASN A 550 -25.15 34.85 -25.10
N PRO A 551 -25.70 34.30 -24.04
CA PRO A 551 -26.92 33.50 -24.18
C PRO A 551 -28.17 34.35 -24.34
N LYS A 552 -29.25 33.69 -24.76
CA LYS A 552 -30.57 34.29 -24.88
C LYS A 552 -31.47 33.94 -23.70
N ILE A 553 -31.06 33.00 -22.86
CA ILE A 553 -31.77 32.64 -21.63
C ILE A 553 -30.71 32.27 -20.61
N LEU A 554 -30.76 32.88 -19.44
CA LEU A 554 -29.75 32.61 -18.43
C LEU A 554 -30.35 31.93 -17.21
N LEU A 555 -29.56 31.07 -16.57
CA LEU A 555 -29.97 30.36 -15.36
C LEU A 555 -28.88 30.46 -14.31
N LEU A 556 -29.29 30.76 -13.06
CA LEU A 556 -28.39 31.08 -11.96
C LEU A 556 -28.79 30.28 -10.73
N ASP A 557 -27.92 29.36 -10.28
CA ASP A 557 -28.25 28.42 -9.21
C ASP A 557 -27.13 28.38 -8.18
N GLN A 558 -27.45 28.79 -6.95
CA GLN A 558 -26.60 28.66 -5.76
C GLN A 558 -25.16 29.04 -6.01
N ALA A 559 -24.91 29.91 -6.97
CA ALA A 559 -23.58 30.36 -7.32
C ALA A 559 -23.10 31.47 -6.41
N THR A 560 -23.83 31.79 -5.37
CA THR A 560 -23.50 32.87 -4.45
C THR A 560 -23.65 32.41 -3.01
N SER A 561 -23.08 31.24 -2.70
CA SER A 561 -23.24 30.61 -1.40
C SER A 561 -22.07 30.85 -0.46
N ALA A 562 -20.85 30.96 -0.98
CA ALA A 562 -19.68 31.24 -0.16
C ALA A 562 -18.96 32.51 -0.60
N LEU A 563 -19.66 33.41 -1.29
CA LEU A 563 -19.13 34.73 -1.62
C LEU A 563 -19.38 35.70 -0.48
N ASP A 564 -18.68 36.83 -0.53
CA ASP A 564 -19.13 37.99 0.20
C ASP A 564 -20.15 38.76 -0.64
N THR A 565 -20.95 39.58 0.03
CA THR A 565 -22.11 40.19 -0.62
C THR A 565 -21.71 41.01 -1.86
N GLU A 566 -20.62 41.77 -1.76
CA GLU A 566 -20.30 42.75 -2.80
C GLU A 566 -20.07 42.09 -4.15
N SER A 567 -19.31 40.99 -4.19
CA SER A 567 -19.07 40.33 -5.46
C SER A 567 -20.36 39.77 -6.05
N GLU A 568 -21.23 39.23 -5.19
CA GLU A 568 -22.56 38.82 -5.62
C GLU A 568 -23.29 39.97 -6.29
N ALA A 569 -23.32 41.13 -5.62
CA ALA A 569 -24.04 42.28 -6.17
C ALA A 569 -23.43 42.72 -7.50
N GLU A 570 -22.11 42.63 -7.61
CA GLU A 570 -21.47 42.98 -8.87
C GLU A 570 -22.00 42.12 -9.99
N VAL A 571 -21.89 40.80 -9.82
CA VAL A 571 -22.30 39.92 -10.91
C VAL A 571 -23.79 40.06 -11.17
N GLN A 572 -24.57 40.33 -10.12
CA GLN A 572 -25.99 40.57 -10.27
C GLN A 572 -26.23 41.72 -11.23
N ALA A 573 -25.69 42.89 -10.90
CA ALA A 573 -25.90 44.05 -11.76
C ALA A 573 -25.31 43.84 -13.13
N ALA A 574 -24.28 42.98 -13.24
CA ALA A 574 -23.67 42.73 -14.53
C ALA A 574 -24.62 41.95 -15.45
N LEU A 575 -25.23 40.90 -14.91
CA LEU A 575 -26.22 40.19 -15.70
C LEU A 575 -27.49 41.02 -15.86
N ASP A 576 -27.73 41.98 -14.97
CA ASP A 576 -28.85 42.90 -15.12
C ASP A 576 -28.63 43.83 -16.31
N LYS A 577 -27.46 44.47 -16.37
CA LYS A 577 -27.03 45.30 -17.49
C LYS A 577 -26.70 44.49 -18.73
N ALA A 578 -26.76 43.17 -18.64
CA ALA A 578 -26.68 42.33 -19.82
C ALA A 578 -28.04 41.95 -20.36
N ARG A 579 -29.03 41.74 -19.49
CA ARG A 579 -30.37 41.38 -19.94
C ARG A 579 -31.08 42.62 -20.46
N GLU A 580 -31.44 42.59 -21.74
CA GLU A 580 -32.04 43.73 -22.41
C GLU A 580 -33.23 43.31 -23.26
N GLY A 581 -33.28 42.03 -23.64
CA GLY A 581 -34.46 41.47 -24.28
C GLY A 581 -34.71 40.02 -23.91
N ARG A 582 -33.91 39.50 -22.98
CA ARG A 582 -33.86 38.08 -22.63
C ARG A 582 -34.20 37.87 -21.17
N THR A 583 -34.47 36.62 -20.83
CA THR A 583 -34.87 36.26 -19.48
C THR A 583 -33.75 35.62 -18.69
N THR A 584 -33.90 35.68 -17.38
CA THR A 584 -32.96 35.04 -16.48
C THR A 584 -33.72 34.48 -15.29
N ILE A 585 -33.52 33.21 -15.03
CA ILE A 585 -34.17 32.50 -13.94
C ILE A 585 -33.12 32.16 -12.89
N VAL A 586 -33.41 32.46 -11.63
CA VAL A 586 -32.45 32.29 -10.56
C VAL A 586 -33.12 31.54 -9.41
N ILE A 587 -32.41 30.56 -8.87
CA ILE A 587 -32.82 29.78 -7.72
C ILE A 587 -32.32 30.45 -6.44
N ALA A 588 -33.19 30.51 -5.43
CA ALA A 588 -33.06 31.45 -4.33
C ALA A 588 -32.23 30.87 -3.18
N HIS A 589 -31.10 31.50 -2.90
CA HIS A 589 -30.31 31.20 -1.70
C HIS A 589 -30.70 32.11 -0.54
N ARG A 590 -30.53 33.41 -0.71
CA ARG A 590 -30.96 34.41 0.26
C ARG A 590 -31.99 35.33 -0.39
N LEU A 591 -33.15 35.48 0.26
CA LEU A 591 -34.25 36.25 -0.30
C LEU A 591 -34.06 37.74 -0.12
N SER A 592 -32.83 38.17 0.12
CA SER A 592 -32.54 39.59 0.26
C SER A 592 -32.18 40.25 -1.07
N THR A 593 -31.71 39.47 -2.04
CA THR A 593 -31.31 40.03 -3.34
C THR A 593 -32.34 39.78 -4.44
N VAL A 594 -33.26 38.84 -4.22
CA VAL A 594 -34.27 38.50 -5.22
C VAL A 594 -35.09 39.69 -5.65
N ARG A 595 -35.01 40.81 -4.91
CA ARG A 595 -36.00 41.87 -5.01
C ARG A 595 -36.06 42.52 -6.39
N ASN A 596 -34.99 42.43 -7.18
CA ASN A 596 -34.93 43.09 -8.49
C ASN A 596 -35.48 42.20 -9.60
N ALA A 597 -36.71 41.72 -9.42
CA ALA A 597 -37.35 40.82 -10.37
C ALA A 597 -38.56 41.51 -10.98
N ASP A 598 -38.94 41.06 -12.18
CA ASP A 598 -40.27 41.40 -12.67
C ASP A 598 -41.33 40.66 -11.89
N VAL A 599 -41.18 39.34 -11.79
CA VAL A 599 -42.09 38.48 -11.05
C VAL A 599 -41.28 37.49 -10.20
N ILE A 600 -41.88 37.02 -9.12
CA ILE A 600 -41.24 36.14 -8.16
C ILE A 600 -42.16 34.95 -7.92
N ALA A 601 -41.58 33.73 -7.93
CA ALA A 601 -42.37 32.51 -7.86
C ALA A 601 -41.85 31.58 -6.78
N GLY A 602 -42.78 30.90 -6.10
CA GLY A 602 -42.45 29.83 -5.18
C GLY A 602 -43.09 28.54 -5.62
N PHE A 603 -42.73 27.45 -4.94
CA PHE A 603 -43.25 26.12 -5.22
C PHE A 603 -43.67 25.40 -3.96
N GLU A 604 -44.74 24.63 -4.09
CA GLU A 604 -45.13 23.61 -3.11
C GLU A 604 -45.58 22.42 -3.95
N ASP A 605 -44.66 21.48 -4.15
CA ASP A 605 -44.87 20.28 -4.97
C ASP A 605 -45.10 20.62 -6.44
N GLY A 606 -44.15 21.37 -7.01
CA GLY A 606 -43.89 21.39 -8.44
C GLY A 606 -44.87 22.14 -9.31
N VAL A 607 -45.95 22.67 -8.75
CA VAL A 607 -46.93 23.43 -9.51
C VAL A 607 -46.70 24.91 -9.26
N ILE A 608 -47.16 25.75 -10.18
CA ILE A 608 -47.12 27.18 -9.91
C ILE A 608 -48.04 27.46 -8.72
N VAL A 609 -47.45 27.73 -7.56
CA VAL A 609 -48.22 27.89 -6.34
C VAL A 609 -48.35 29.35 -5.94
N GLU A 610 -47.33 30.17 -6.19
CA GLU A 610 -47.37 31.58 -5.77
C GLU A 610 -46.60 32.40 -6.79
N GLN A 611 -47.29 33.29 -7.49
CA GLN A 611 -46.68 34.09 -8.53
C GLN A 611 -46.99 35.58 -8.31
N GLY A 612 -45.96 36.39 -8.43
CA GLY A 612 -46.13 37.82 -8.29
C GLY A 612 -44.80 38.51 -8.09
N SER A 613 -44.87 39.82 -7.96
CA SER A 613 -43.74 40.67 -7.65
C SER A 613 -43.64 40.84 -6.13
N HIS A 614 -42.88 41.83 -5.67
CA HIS A 614 -42.61 41.96 -4.25
C HIS A 614 -43.90 42.12 -3.45
N SER A 615 -44.60 43.24 -3.66
CA SER A 615 -45.80 43.52 -2.85
C SER A 615 -46.97 42.63 -3.26
N GLU A 616 -46.96 42.10 -4.49
CA GLU A 616 -48.05 41.25 -4.92
C GLU A 616 -48.05 39.93 -4.16
N LEU A 617 -46.90 39.47 -3.73
CA LEU A 617 -46.82 38.27 -2.91
C LEU A 617 -46.74 38.57 -1.42
N MET A 618 -46.21 39.75 -1.04
CA MET A 618 -46.05 40.07 0.38
C MET A 618 -47.37 39.97 1.14
N LYS A 619 -48.49 40.14 0.46
CA LYS A 619 -49.82 39.95 1.03
C LYS A 619 -50.56 38.77 0.40
N LYS A 620 -49.86 37.87 -0.30
CA LYS A 620 -50.50 36.79 -1.04
C LYS A 620 -50.47 35.46 -0.30
N GLU A 621 -49.66 35.34 0.75
CA GLU A 621 -49.76 34.26 1.74
C GLU A 621 -49.77 32.87 1.10
N GLY A 622 -48.61 32.51 0.55
CA GLY A 622 -48.37 31.15 0.14
C GLY A 622 -47.15 30.54 0.79
N VAL A 623 -46.17 30.17 -0.04
CA VAL A 623 -44.89 29.67 0.47
C VAL A 623 -43.86 30.78 0.61
N TYR A 624 -43.85 31.75 -0.31
CA TYR A 624 -42.83 32.80 -0.23
C TYR A 624 -42.89 33.52 1.10
N PHE A 625 -44.09 33.79 1.60
CA PHE A 625 -44.23 34.51 2.87
C PHE A 625 -43.52 33.77 4.00
N LYS A 626 -43.82 32.48 4.17
CA LYS A 626 -43.15 31.68 5.18
C LYS A 626 -41.64 31.57 4.94
N LEU A 627 -41.20 31.66 3.68
CA LEU A 627 -39.77 31.68 3.41
C LEU A 627 -39.13 33.04 3.70
N VAL A 628 -39.93 34.10 3.83
CA VAL A 628 -39.37 35.44 4.02
C VAL A 628 -38.64 35.52 5.36
N ASN A 629 -39.37 35.27 6.45
CA ASN A 629 -38.93 35.66 7.78
C ASN A 629 -38.13 34.57 8.50
N ALA A 690 1.14 4.63 -4.99
CA ALA A 690 1.20 3.23 -5.35
C ALA A 690 2.64 2.79 -5.63
N ASN A 691 3.34 2.43 -4.57
CA ASN A 691 4.62 1.75 -4.69
C ASN A 691 4.46 0.25 -4.73
N VAL A 692 3.52 -0.30 -3.96
CA VAL A 692 3.38 -1.72 -3.64
C VAL A 692 4.77 -2.32 -3.50
N PRO A 693 5.51 -1.92 -2.48
CA PRO A 693 6.89 -2.36 -2.31
C PRO A 693 7.07 -3.80 -2.72
N PRO A 694 7.97 -4.08 -3.64
CA PRO A 694 8.17 -5.46 -4.07
C PRO A 694 8.48 -6.35 -2.89
N VAL A 695 8.20 -7.63 -3.04
CA VAL A 695 8.47 -8.60 -1.99
C VAL A 695 9.56 -9.50 -2.50
N SER A 696 10.13 -10.29 -1.62
CA SER A 696 11.12 -11.24 -2.02
C SER A 696 10.44 -12.47 -2.60
N PHE A 697 11.21 -13.53 -2.74
CA PHE A 697 10.64 -14.87 -2.78
C PHE A 697 10.62 -15.44 -1.37
N LEU A 698 11.76 -15.36 -0.69
CA LEU A 698 11.89 -15.88 0.66
C LEU A 698 10.73 -15.49 1.55
N LYS A 699 10.15 -14.30 1.34
CA LYS A 699 9.08 -13.83 2.22
C LYS A 699 7.76 -14.50 1.87
N VAL A 700 7.47 -14.61 0.59
CA VAL A 700 6.23 -15.27 0.21
C VAL A 700 6.28 -16.71 0.67
N LEU A 701 7.47 -17.28 0.78
CA LEU A 701 7.62 -18.64 1.30
C LEU A 701 7.43 -18.69 2.81
N LYS A 702 8.23 -17.90 3.55
CA LYS A 702 8.07 -17.83 5.00
C LYS A 702 6.63 -17.66 5.39
N LEU A 703 5.80 -17.15 4.49
CA LEU A 703 4.39 -17.15 4.78
C LEU A 703 3.86 -18.55 5.04
N ASN A 704 4.61 -19.61 4.75
CA ASN A 704 4.21 -20.89 5.35
C ASN A 704 5.44 -21.78 5.51
N LYS A 705 6.06 -21.69 6.68
CA LYS A 705 7.01 -22.69 7.15
C LYS A 705 6.38 -23.49 8.26
N THR A 706 5.09 -23.75 8.12
CA THR A 706 4.35 -24.69 8.94
C THR A 706 3.64 -25.75 8.10
N GLU A 707 4.06 -25.95 6.86
CA GLU A 707 3.71 -27.14 6.12
C GLU A 707 4.92 -27.70 5.40
N TRP A 708 6.08 -27.50 5.96
CA TRP A 708 7.29 -28.04 5.35
C TRP A 708 7.28 -29.54 5.08
N PRO A 709 6.56 -30.40 5.83
CA PRO A 709 6.53 -31.80 5.42
C PRO A 709 5.95 -31.98 4.03
N TYR A 710 4.92 -31.22 3.69
CA TYR A 710 4.32 -31.36 2.38
C TYR A 710 5.30 -30.91 1.30
N PHE A 711 5.99 -29.80 1.54
CA PHE A 711 6.94 -29.36 0.53
C PHE A 711 8.01 -30.40 0.34
N VAL A 712 8.41 -31.09 1.39
CA VAL A 712 9.49 -32.07 1.23
C VAL A 712 9.04 -33.26 0.40
N VAL A 713 7.93 -33.88 0.78
CA VAL A 713 7.38 -34.95 -0.03
C VAL A 713 7.28 -34.50 -1.48
N GLY A 714 6.65 -33.35 -1.69
CA GLY A 714 6.33 -32.93 -3.05
C GLY A 714 7.54 -32.59 -3.89
N THR A 715 8.60 -32.07 -3.28
CA THR A 715 9.75 -31.74 -4.10
C THR A 715 10.63 -32.93 -4.35
N VAL A 716 10.75 -33.87 -3.42
CA VAL A 716 11.41 -35.12 -3.79
C VAL A 716 10.67 -35.75 -4.95
N CYS A 717 9.35 -35.89 -4.78
CA CYS A 717 8.51 -36.50 -5.79
C CYS A 717 8.60 -35.75 -7.11
N ALA A 718 8.69 -34.43 -7.04
CA ALA A 718 8.80 -33.61 -8.23
C ALA A 718 10.07 -33.92 -9.01
N ILE A 719 11.21 -33.91 -8.31
CA ILE A 719 12.49 -34.18 -8.95
C ILE A 719 12.47 -35.53 -9.65
N ALA A 720 11.88 -36.54 -9.01
CA ALA A 720 11.62 -37.76 -9.75
C ALA A 720 10.88 -37.45 -11.03
N ASN A 721 9.62 -37.04 -10.92
CA ASN A 721 8.76 -36.80 -12.07
C ASN A 721 9.46 -36.03 -13.19
N GLY A 722 10.42 -35.22 -12.85
CA GLY A 722 10.91 -34.30 -13.85
C GLY A 722 12.18 -34.78 -14.45
N GLY A 723 12.90 -35.65 -13.76
CA GLY A 723 14.06 -36.29 -14.34
C GLY A 723 13.70 -37.50 -15.14
N LEU A 724 12.54 -37.46 -15.75
CA LEU A 724 11.99 -38.57 -16.52
C LEU A 724 12.40 -38.52 -17.97
N GLN A 725 12.83 -37.38 -18.46
CA GLN A 725 13.22 -37.38 -19.85
C GLN A 725 14.58 -38.05 -20.00
N PRO A 726 15.63 -37.62 -19.30
CA PRO A 726 16.93 -38.30 -19.46
C PRO A 726 16.84 -39.81 -19.47
N ALA A 727 15.86 -40.36 -18.77
CA ALA A 727 15.45 -41.72 -19.06
C ALA A 727 15.15 -41.89 -20.55
N PHE A 728 14.12 -41.22 -21.06
CA PHE A 728 13.66 -41.52 -22.41
C PHE A 728 14.70 -41.18 -23.46
N SER A 729 15.60 -40.26 -23.15
CA SER A 729 16.78 -40.12 -23.98
C SER A 729 17.61 -41.39 -23.99
N VAL A 730 17.93 -41.94 -22.82
CA VAL A 730 18.83 -43.09 -22.85
C VAL A 730 18.11 -44.34 -23.34
N ILE A 731 16.82 -44.47 -23.06
CA ILE A 731 16.03 -45.53 -23.65
C ILE A 731 16.09 -45.46 -25.17
N PHE A 732 15.84 -44.28 -25.73
CA PHE A 732 15.86 -44.14 -27.18
C PHE A 732 17.24 -44.45 -27.73
N SER A 733 18.28 -43.98 -27.07
CA SER A 733 19.61 -44.39 -27.47
C SER A 733 19.71 -45.89 -27.59
N GLU A 734 19.22 -46.60 -26.59
CA GLU A 734 19.38 -48.05 -26.60
C GLU A 734 18.58 -48.69 -27.71
N ILE A 735 17.42 -48.13 -28.02
CA ILE A 735 16.62 -48.66 -29.11
C ILE A 735 17.41 -48.61 -30.40
N ILE A 736 18.02 -47.46 -30.68
CA ILE A 736 18.86 -47.39 -31.86
C ILE A 736 20.04 -48.35 -31.77
N ALA A 737 20.57 -48.55 -30.57
CA ALA A 737 21.76 -49.39 -30.46
C ALA A 737 21.47 -50.83 -30.81
N ILE A 738 20.29 -51.33 -30.45
CA ILE A 738 20.05 -52.75 -30.69
C ILE A 738 19.89 -53.10 -32.15
N PHE A 739 19.64 -52.12 -33.02
CA PHE A 739 19.21 -52.42 -34.38
C PHE A 739 20.35 -52.40 -35.41
N GLY A 740 21.61 -52.49 -34.98
CA GLY A 740 22.71 -52.47 -35.91
C GLY A 740 23.03 -53.77 -36.63
N PRO A 741 23.56 -54.76 -35.89
CA PRO A 741 24.10 -55.96 -36.56
C PRO A 741 23.08 -56.82 -37.26
N GLY A 742 22.05 -57.28 -36.55
CA GLY A 742 20.97 -57.99 -37.20
C GLY A 742 20.65 -59.43 -36.83
N ASP A 743 20.86 -59.84 -35.59
CA ASP A 743 20.54 -61.20 -35.17
C ASP A 743 19.13 -61.24 -34.60
N ASP A 744 18.18 -61.75 -35.37
CA ASP A 744 16.77 -61.57 -35.03
C ASP A 744 16.43 -62.15 -33.67
N ALA A 745 16.93 -63.35 -33.39
CA ALA A 745 16.43 -64.14 -32.27
C ALA A 745 16.49 -63.35 -30.98
N VAL A 746 17.63 -62.74 -30.70
CA VAL A 746 17.80 -62.02 -29.46
C VAL A 746 17.31 -60.59 -29.56
N LYS A 747 17.28 -60.00 -30.76
CA LYS A 747 16.67 -58.70 -30.90
C LYS A 747 15.26 -58.74 -30.35
N GLN A 748 14.40 -59.57 -30.92
CA GLN A 748 13.00 -59.46 -30.54
C GLN A 748 12.78 -59.62 -29.05
N GLN A 749 13.62 -60.40 -28.37
CA GLN A 749 13.51 -60.48 -26.92
C GLN A 749 13.91 -59.17 -26.26
N LYS A 750 15.00 -58.54 -26.72
CA LYS A 750 15.32 -57.23 -26.17
C LYS A 750 14.15 -56.27 -26.32
N CYS A 751 13.48 -56.32 -27.46
CA CYS A 751 12.39 -55.37 -27.68
C CYS A 751 11.20 -55.67 -26.80
N ASN A 752 10.95 -56.94 -26.49
CA ASN A 752 9.94 -57.21 -25.47
C ASN A 752 10.31 -56.56 -24.15
N ILE A 753 11.56 -56.69 -23.74
CA ILE A 753 12.03 -56.02 -22.53
C ILE A 753 11.67 -54.56 -22.55
N PHE A 754 11.93 -53.89 -23.68
CA PHE A 754 11.76 -52.44 -23.69
C PHE A 754 10.32 -52.02 -23.74
N SER A 755 9.46 -52.79 -24.37
CA SER A 755 8.06 -52.47 -24.18
C SER A 755 7.69 -52.54 -22.70
N LEU A 756 8.21 -53.52 -21.99
CA LEU A 756 7.88 -53.53 -20.57
C LEU A 756 8.42 -52.30 -19.86
N ILE A 757 9.70 -51.97 -20.04
CA ILE A 757 10.24 -50.79 -19.36
C ILE A 757 9.34 -49.59 -19.55
N PHE A 758 8.87 -49.35 -20.77
CA PHE A 758 7.93 -48.25 -20.92
C PHE A 758 6.75 -48.45 -19.99
N LEU A 759 6.31 -49.69 -19.85
CA LEU A 759 5.17 -50.01 -19.00
C LEU A 759 5.45 -49.74 -17.53
N PHE A 760 6.70 -49.94 -17.11
CA PHE A 760 7.08 -49.71 -15.72
C PHE A 760 7.16 -48.22 -15.43
N LEU A 761 7.47 -47.44 -16.45
CA LEU A 761 7.57 -45.99 -16.32
C LEU A 761 6.18 -45.36 -16.36
N GLY A 762 5.23 -46.09 -16.94
CA GLY A 762 3.86 -45.62 -17.04
C GLY A 762 3.16 -45.71 -15.70
N ILE A 763 3.60 -46.64 -14.86
CA ILE A 763 3.02 -46.82 -13.53
C ILE A 763 3.69 -45.86 -12.56
N ILE A 764 5.01 -45.85 -12.55
CA ILE A 764 5.77 -44.96 -11.66
C ILE A 764 5.43 -43.51 -11.94
N SER A 765 5.21 -43.17 -13.20
CA SER A 765 4.79 -41.81 -13.52
C SER A 765 3.47 -41.52 -12.89
N PHE A 766 2.54 -42.47 -12.90
CA PHE A 766 1.25 -42.21 -12.27
C PHE A 766 1.43 -41.85 -10.83
N PHE A 767 2.11 -42.71 -10.07
CA PHE A 767 2.22 -42.42 -8.65
C PHE A 767 2.85 -41.06 -8.43
N THR A 768 4.03 -40.81 -9.03
CA THR A 768 4.71 -39.58 -8.68
C THR A 768 3.96 -38.33 -9.15
N PHE A 769 3.31 -38.38 -10.31
CA PHE A 769 2.48 -37.26 -10.69
C PHE A 769 1.42 -37.01 -9.67
N PHE A 770 0.72 -38.06 -9.26
CA PHE A 770 -0.36 -37.85 -8.33
C PHE A 770 0.15 -37.32 -7.01
N LEU A 771 1.32 -37.76 -6.57
CA LEU A 771 1.82 -37.18 -5.34
C LEU A 771 2.09 -35.70 -5.52
N GLN A 772 3.07 -35.35 -6.36
CA GLN A 772 3.39 -33.94 -6.55
C GLN A 772 2.15 -33.08 -6.61
N GLY A 773 1.18 -33.49 -7.42
CA GLY A 773 -0.05 -32.72 -7.53
C GLY A 773 -0.80 -32.61 -6.22
N PHE A 774 -1.04 -33.73 -5.56
CA PHE A 774 -1.88 -33.72 -4.37
C PHE A 774 -1.21 -33.04 -3.20
N THR A 775 0.04 -33.36 -2.95
CA THR A 775 0.77 -32.67 -1.90
C THR A 775 0.72 -31.15 -2.07
N PHE A 776 1.11 -30.63 -3.23
CA PHE A 776 1.09 -29.17 -3.32
C PHE A 776 -0.32 -28.63 -3.30
N GLY A 777 -1.31 -29.42 -3.68
CA GLY A 777 -2.68 -28.99 -3.49
C GLY A 777 -3.03 -28.78 -2.03
N LYS A 778 -2.60 -29.69 -1.17
CA LYS A 778 -2.81 -29.48 0.25
C LYS A 778 -2.12 -28.21 0.74
N ALA A 779 -0.82 -28.09 0.50
CA ALA A 779 -0.14 -26.90 1.01
C ALA A 779 -0.83 -25.63 0.54
N GLY A 780 -1.18 -25.58 -0.73
CA GLY A 780 -1.85 -24.41 -1.24
C GLY A 780 -3.16 -24.13 -0.55
N GLU A 781 -4.02 -25.14 -0.44
CA GLU A 781 -5.30 -24.87 0.20
C GLU A 781 -5.10 -24.31 1.58
N ILE A 782 -4.19 -24.90 2.36
CA ILE A 782 -4.02 -24.41 3.71
C ILE A 782 -3.63 -22.95 3.69
N LEU A 783 -2.59 -22.61 2.95
CA LEU A 783 -2.13 -21.24 2.98
C LEU A 783 -3.20 -20.28 2.48
N THR A 784 -4.03 -20.71 1.56
CA THR A 784 -5.10 -19.82 1.14
C THR A 784 -6.07 -19.57 2.26
N ARG A 785 -6.41 -20.57 3.05
CA ARG A 785 -7.33 -20.30 4.15
C ARG A 785 -6.70 -19.37 5.18
N ARG A 786 -5.42 -19.54 5.44
CA ARG A 786 -4.78 -18.67 6.41
C ARG A 786 -4.64 -17.25 5.90
N LEU A 787 -4.28 -17.05 4.65
CA LEU A 787 -4.16 -15.68 4.16
C LEU A 787 -5.51 -15.01 4.08
N ARG A 788 -6.54 -15.73 3.68
CA ARG A 788 -7.86 -15.15 3.74
C ARG A 788 -8.16 -14.65 5.14
N SER A 789 -8.02 -15.50 6.14
CA SER A 789 -8.41 -15.09 7.48
C SER A 789 -7.55 -13.94 7.96
N MET A 790 -6.24 -14.07 7.86
CA MET A 790 -5.37 -13.03 8.37
C MET A 790 -5.67 -11.70 7.72
N ALA A 791 -5.80 -11.66 6.39
CA ALA A 791 -6.05 -10.37 5.75
C ALA A 791 -7.36 -9.77 6.20
N PHE A 792 -8.44 -10.54 6.27
CA PHE A 792 -9.67 -9.93 6.75
C PHE A 792 -9.47 -9.31 8.10
N LYS A 793 -9.03 -10.12 9.06
CA LYS A 793 -8.80 -9.61 10.40
C LYS A 793 -7.93 -8.38 10.38
N ALA A 794 -7.06 -8.24 9.41
CA ALA A 794 -6.29 -7.02 9.37
C ALA A 794 -7.07 -5.88 8.75
N MET A 795 -7.99 -6.17 7.85
CA MET A 795 -8.80 -5.09 7.31
C MET A 795 -9.57 -4.44 8.42
N LEU A 796 -10.23 -5.24 9.24
CA LEU A 796 -11.11 -4.68 10.26
C LEU A 796 -10.40 -3.77 11.23
N ARG A 797 -9.08 -3.86 11.32
CA ARG A 797 -8.31 -3.07 12.27
C ARG A 797 -7.66 -1.89 11.57
N GLN A 798 -8.47 -1.00 11.03
CA GLN A 798 -7.94 0.18 10.36
C GLN A 798 -8.87 1.33 10.66
N ASP A 799 -8.30 2.51 10.81
CA ASP A 799 -9.09 3.67 11.19
C ASP A 799 -9.97 4.12 10.03
N MET A 800 -11.02 4.86 10.35
CA MET A 800 -12.05 5.06 9.36
C MET A 800 -11.65 5.99 8.25
N SER A 801 -10.41 6.46 8.20
CA SER A 801 -9.96 7.12 6.99
C SER A 801 -9.73 6.11 5.88
N TRP A 802 -8.78 5.20 6.10
CA TRP A 802 -8.41 4.17 5.13
C TRP A 802 -9.60 3.60 4.40
N PHE A 803 -10.68 3.34 5.10
CA PHE A 803 -11.85 2.78 4.43
C PHE A 803 -12.63 3.82 3.68
N ASP A 804 -12.45 5.07 4.03
CA ASP A 804 -13.25 6.11 3.40
C ASP A 804 -12.59 6.67 2.17
N ASP A 805 -11.75 5.87 1.52
CA ASP A 805 -11.03 6.24 0.32
C ASP A 805 -11.81 5.78 -0.90
N HIS A 806 -11.47 6.35 -2.05
CA HIS A 806 -12.05 5.93 -3.31
C HIS A 806 -11.35 4.70 -3.87
N LYS A 807 -10.21 4.34 -3.30
CA LYS A 807 -9.42 3.21 -3.75
C LYS A 807 -9.78 1.93 -3.04
N ASN A 808 -10.01 2.00 -1.73
CA ASN A 808 -10.25 0.84 -0.89
C ASN A 808 -11.73 0.60 -0.71
N SER A 809 -12.47 0.55 -1.79
CA SER A 809 -13.92 0.50 -1.69
C SER A 809 -14.31 -0.88 -1.21
N THR A 810 -15.60 -1.19 -1.24
CA THR A 810 -16.02 -2.55 -0.93
C THR A 810 -15.84 -3.49 -2.11
N GLY A 811 -16.08 -3.01 -3.33
CA GLY A 811 -15.78 -3.85 -4.47
C GLY A 811 -14.34 -4.31 -4.46
N ALA A 812 -13.41 -3.38 -4.32
CA ALA A 812 -12.01 -3.74 -4.46
C ALA A 812 -11.55 -4.60 -3.31
N LEU A 813 -11.99 -4.33 -2.09
CA LEU A 813 -11.57 -5.18 -1.00
C LEU A 813 -12.12 -6.58 -1.14
N SER A 814 -13.39 -6.70 -1.51
CA SER A 814 -13.96 -8.02 -1.68
C SER A 814 -13.24 -8.79 -2.76
N THR A 815 -12.83 -8.12 -3.83
CA THR A 815 -11.97 -8.79 -4.80
C THR A 815 -10.65 -9.19 -4.17
N ARG A 816 -10.07 -8.31 -3.36
CA ARG A 816 -8.81 -8.66 -2.72
C ARG A 816 -8.92 -10.01 -2.04
N LEU A 817 -9.96 -10.19 -1.25
CA LEU A 817 -10.16 -11.46 -0.57
C LEU A 817 -10.41 -12.58 -1.55
N ALA A 818 -11.34 -12.40 -2.46
CA ALA A 818 -11.84 -13.54 -3.21
C ALA A 818 -10.96 -13.95 -4.38
N THR A 819 -9.94 -13.18 -4.73
CA THR A 819 -9.03 -13.72 -5.74
C THR A 819 -7.60 -13.63 -5.33
N ASP A 820 -7.18 -12.58 -4.66
CA ASP A 820 -5.76 -12.47 -4.50
C ASP A 820 -5.23 -13.46 -3.49
N ALA A 821 -6.02 -13.75 -2.46
CA ALA A 821 -5.67 -14.83 -1.58
C ALA A 821 -5.40 -16.09 -2.37
N ALA A 822 -6.33 -16.46 -3.25
CA ALA A 822 -6.16 -17.65 -4.07
C ALA A 822 -4.88 -17.57 -4.87
N GLN A 823 -4.60 -16.43 -5.46
CA GLN A 823 -3.48 -16.38 -6.39
C GLN A 823 -2.14 -16.52 -5.69
N VAL A 824 -2.02 -16.20 -4.40
CA VAL A 824 -0.68 -16.26 -3.81
C VAL A 824 -0.08 -17.66 -3.88
N GLN A 825 -0.92 -18.70 -3.91
CA GLN A 825 -0.37 -20.04 -3.86
C GLN A 825 0.47 -20.34 -5.06
N GLY A 826 0.18 -19.69 -6.18
CA GLY A 826 0.97 -19.82 -7.37
C GLY A 826 2.40 -19.65 -6.99
N ALA A 827 2.77 -18.43 -6.61
CA ALA A 827 4.16 -18.13 -6.31
C ALA A 827 4.70 -18.88 -5.12
N THR A 828 3.84 -19.41 -4.25
CA THR A 828 4.49 -20.11 -3.14
C THR A 828 4.90 -21.52 -3.52
N GLY A 829 3.96 -22.34 -3.94
CA GLY A 829 4.26 -23.74 -4.09
C GLY A 829 4.64 -24.11 -5.50
N THR A 830 3.84 -23.67 -6.45
CA THR A 830 4.05 -24.25 -7.75
C THR A 830 5.39 -23.83 -8.29
N ARG A 831 5.79 -22.60 -8.07
CA ARG A 831 7.08 -22.18 -8.58
C ARG A 831 8.23 -22.96 -7.95
N LEU A 832 8.06 -23.45 -6.73
CA LEU A 832 9.13 -24.28 -6.16
C LEU A 832 9.17 -25.64 -6.82
N ALA A 833 8.01 -26.25 -7.02
CA ALA A 833 7.97 -27.52 -7.74
C ALA A 833 8.56 -27.37 -9.13
N LEU A 834 8.31 -26.26 -9.77
CA LEU A 834 8.72 -26.08 -11.14
C LEU A 834 10.21 -25.83 -11.25
N ILE A 835 10.78 -25.01 -10.39
CA ILE A 835 12.23 -24.92 -10.40
C ILE A 835 12.84 -26.29 -10.17
N ALA A 836 12.29 -27.05 -9.23
CA ALA A 836 12.88 -28.35 -8.96
C ALA A 836 12.80 -29.25 -10.17
N GLN A 837 11.64 -29.30 -10.80
CA GLN A 837 11.49 -30.12 -11.99
C GLN A 837 12.54 -29.79 -13.00
N ASN A 838 12.55 -28.56 -13.49
CA ASN A 838 13.45 -28.23 -14.59
C ASN A 838 14.90 -28.43 -14.21
N ILE A 839 15.27 -28.30 -12.94
CA ILE A 839 16.65 -28.62 -12.60
C ILE A 839 16.95 -30.07 -12.89
N ALA A 840 16.02 -30.97 -12.60
CA ALA A 840 16.29 -32.37 -12.91
C ALA A 840 16.19 -32.63 -14.41
N ASN A 841 15.18 -32.07 -15.04
CA ASN A 841 14.92 -32.25 -16.46
C ASN A 841 16.08 -31.81 -17.31
N LEU A 842 16.87 -30.88 -16.83
CA LEU A 842 17.95 -30.38 -17.64
C LEU A 842 19.25 -30.26 -16.86
N GLY A 843 19.40 -30.96 -15.75
CA GLY A 843 20.70 -31.05 -15.14
C GLY A 843 21.37 -32.36 -15.47
N THR A 844 20.67 -33.46 -15.24
CA THR A 844 21.23 -34.71 -15.70
C THR A 844 21.32 -34.74 -17.20
N GLY A 845 20.49 -33.97 -17.89
CA GLY A 845 20.62 -33.85 -19.31
C GLY A 845 22.05 -33.54 -19.62
N ILE A 846 22.52 -32.40 -19.15
CA ILE A 846 23.86 -31.95 -19.48
C ILE A 846 24.91 -32.83 -18.83
N ILE A 847 24.58 -33.47 -17.70
CA ILE A 847 25.60 -34.30 -17.04
C ILE A 847 25.91 -35.56 -17.86
N ILE A 848 24.89 -36.31 -18.24
CA ILE A 848 25.11 -37.41 -19.19
C ILE A 848 25.81 -36.86 -20.43
N SER A 849 25.20 -35.86 -21.04
CA SER A 849 25.69 -35.40 -22.32
C SER A 849 27.08 -34.82 -22.24
N PHE A 850 27.62 -34.60 -21.04
CA PHE A 850 29.06 -34.37 -20.95
C PHE A 850 29.83 -35.65 -20.74
N ILE A 851 29.27 -36.66 -20.08
CA ILE A 851 30.05 -37.88 -19.98
C ILE A 851 30.22 -38.52 -21.35
N TYR A 852 29.29 -38.25 -22.27
CA TYR A 852 29.27 -38.90 -23.57
C TYR A 852 29.76 -38.02 -24.71
N GLY A 853 29.18 -36.84 -24.89
CA GLY A 853 29.70 -35.92 -25.87
C GLY A 853 30.58 -34.85 -25.26
N TRP A 854 31.89 -35.08 -25.31
CA TRP A 854 32.83 -34.07 -24.86
C TRP A 854 32.64 -32.76 -25.61
N GLN A 855 32.31 -32.85 -26.90
CA GLN A 855 32.36 -31.69 -27.78
C GLN A 855 31.13 -31.46 -28.63
N LEU A 856 30.26 -32.44 -28.82
CA LEU A 856 28.98 -32.09 -29.40
C LEU A 856 28.13 -31.32 -28.40
N THR A 857 28.29 -31.65 -27.13
CA THR A 857 27.45 -31.08 -26.09
C THR A 857 27.62 -29.57 -26.00
N LEU A 858 28.86 -29.11 -26.01
CA LEU A 858 29.08 -27.68 -25.99
C LEU A 858 28.38 -27.02 -27.17
N LEU A 859 28.55 -27.60 -28.35
CA LEU A 859 28.02 -26.96 -29.54
C LEU A 859 26.51 -26.83 -29.47
N LEU A 860 25.83 -27.80 -28.89
CA LEU A 860 24.38 -27.68 -28.83
C LEU A 860 23.90 -26.85 -27.66
N LEU A 861 24.69 -26.84 -26.60
CA LEU A 861 24.42 -25.95 -25.48
C LEU A 861 24.47 -24.51 -25.95
N ALA A 862 25.23 -24.27 -27.02
CA ALA A 862 25.31 -22.96 -27.61
C ALA A 862 24.12 -22.61 -28.48
N VAL A 863 23.03 -23.36 -28.39
CA VAL A 863 21.82 -22.98 -29.10
C VAL A 863 20.62 -23.08 -28.18
N VAL A 864 20.71 -23.96 -27.19
CA VAL A 864 19.62 -24.14 -26.22
C VAL A 864 19.02 -22.82 -25.74
N PRO A 865 19.82 -21.81 -25.39
CA PRO A 865 19.23 -20.57 -24.89
C PRO A 865 18.26 -19.91 -25.84
N ILE A 866 18.31 -20.13 -27.15
CA ILE A 866 17.37 -19.42 -28.03
C ILE A 866 15.96 -19.99 -27.90
N ILE A 867 15.83 -21.30 -28.11
CA ILE A 867 14.59 -22.02 -27.87
C ILE A 867 14.07 -21.70 -26.50
N ALA A 868 14.96 -21.42 -25.56
CA ALA A 868 14.53 -21.16 -24.19
C ALA A 868 14.15 -19.69 -23.96
N VAL A 869 14.93 -18.74 -24.48
CA VAL A 869 14.79 -17.34 -24.10
C VAL A 869 14.05 -16.53 -25.15
N SER A 870 13.36 -17.19 -26.08
CA SER A 870 12.22 -16.50 -26.70
C SER A 870 11.40 -15.79 -25.62
N GLY A 871 10.92 -16.55 -24.65
CA GLY A 871 10.08 -16.01 -23.60
C GLY A 871 10.75 -14.93 -22.77
N ILE A 872 12.06 -15.06 -22.51
CA ILE A 872 12.72 -14.10 -21.63
C ILE A 872 12.95 -12.78 -22.35
N VAL A 873 13.43 -12.81 -23.59
CA VAL A 873 13.64 -11.55 -24.27
C VAL A 873 12.30 -10.88 -24.55
N GLU A 874 11.27 -11.66 -24.83
CA GLU A 874 9.97 -11.04 -25.01
C GLU A 874 9.46 -10.46 -23.69
N MET A 875 9.67 -11.14 -22.57
CA MET A 875 9.20 -10.56 -21.31
C MET A 875 9.85 -9.21 -21.07
N LYS A 876 11.16 -9.13 -21.24
CA LYS A 876 11.87 -7.85 -21.06
C LYS A 876 11.28 -6.76 -21.94
N LEU A 877 11.29 -6.95 -23.26
CA LEU A 877 10.93 -5.82 -24.11
C LEU A 877 9.42 -5.57 -24.14
N LEU A 878 8.61 -6.63 -24.19
CA LEU A 878 7.17 -6.48 -24.06
C LEU A 878 6.81 -5.77 -22.77
N ALA A 879 7.54 -5.99 -21.67
CA ALA A 879 7.24 -5.28 -20.44
C ALA A 879 7.54 -3.81 -20.58
N GLY A 880 8.68 -3.46 -21.19
CA GLY A 880 8.96 -2.05 -21.42
C GLY A 880 7.85 -1.35 -22.20
N ASN A 881 7.48 -1.94 -23.33
CA ASN A 881 6.44 -1.31 -24.15
C ASN A 881 5.07 -1.37 -23.48
N ALA A 882 4.80 -2.39 -22.66
CA ALA A 882 3.50 -2.45 -21.98
C ALA A 882 3.41 -1.36 -20.93
N LYS A 883 4.52 -1.05 -20.26
CA LYS A 883 4.53 0.12 -19.39
C LYS A 883 4.21 1.38 -20.17
N ARG A 884 4.96 1.63 -21.26
CA ARG A 884 4.74 2.86 -22.02
C ARG A 884 3.30 2.93 -22.55
N ASP A 885 2.79 1.80 -23.04
CA ASP A 885 1.41 1.74 -23.48
C ASP A 885 0.50 2.17 -22.34
N LYS A 886 0.44 1.36 -21.28
CA LYS A 886 -0.48 1.63 -20.18
C LYS A 886 -0.38 3.07 -19.73
N LYS A 887 0.79 3.69 -19.82
CA LYS A 887 0.85 5.10 -19.51
C LYS A 887 0.05 5.93 -20.53
N GLU A 888 0.26 5.68 -21.83
CA GLU A 888 -0.48 6.46 -22.82
C GLU A 888 -1.97 6.20 -22.72
N LEU A 889 -2.34 4.94 -22.50
CA LEU A 889 -3.72 4.58 -22.23
C LEU A 889 -4.25 5.28 -21.00
N GLU A 890 -3.43 5.52 -19.99
CA GLU A 890 -3.95 6.18 -18.80
C GLU A 890 -4.10 7.66 -19.04
N ALA A 891 -3.29 8.23 -19.90
CA ALA A 891 -3.53 9.60 -20.33
C ALA A 891 -4.93 9.70 -20.94
N ALA A 892 -5.15 8.95 -22.02
CA ALA A 892 -6.47 9.04 -22.66
C ALA A 892 -7.58 8.62 -21.71
N GLY A 893 -7.29 7.71 -20.79
CA GLY A 893 -8.28 7.36 -19.79
C GLY A 893 -8.60 8.53 -18.90
N LYS A 894 -7.60 9.35 -18.56
CA LYS A 894 -7.90 10.58 -17.87
C LYS A 894 -8.90 11.40 -18.67
N ILE A 895 -8.56 11.62 -19.94
CA ILE A 895 -9.39 12.48 -20.79
C ILE A 895 -10.80 11.95 -20.89
N ALA A 896 -11.00 10.65 -20.63
CA ALA A 896 -12.35 10.09 -20.72
C ALA A 896 -13.06 10.04 -19.37
N THR A 897 -12.31 9.77 -18.30
CA THR A 897 -12.84 9.91 -16.96
C THR A 897 -13.44 11.28 -16.78
N GLU A 898 -12.91 12.27 -17.47
CA GLU A 898 -13.48 13.60 -17.35
C GLU A 898 -14.95 13.58 -17.71
N ALA A 899 -15.27 13.31 -18.97
CA ALA A 899 -16.66 13.43 -19.39
C ALA A 899 -17.50 12.21 -19.04
N ILE A 900 -16.94 11.24 -18.31
CA ILE A 900 -17.81 10.30 -17.62
C ILE A 900 -18.09 10.73 -16.18
N GLU A 901 -17.23 11.58 -15.60
CA GLU A 901 -17.57 12.25 -14.36
C GLU A 901 -18.39 13.51 -14.63
N ASN A 902 -17.78 14.46 -15.32
CA ASN A 902 -18.40 15.76 -15.50
C ASN A 902 -19.24 15.74 -16.77
N ILE A 903 -20.22 14.85 -16.78
CA ILE A 903 -21.00 14.63 -17.98
C ILE A 903 -21.99 15.75 -18.21
N ARG A 904 -22.77 16.09 -17.18
CA ARG A 904 -23.90 16.96 -17.37
C ARG A 904 -23.45 18.34 -17.80
N THR A 905 -22.38 18.82 -17.21
CA THR A 905 -21.82 20.07 -17.68
C THR A 905 -21.41 19.98 -19.13
N VAL A 906 -20.69 18.92 -19.51
CA VAL A 906 -20.10 18.92 -20.84
C VAL A 906 -21.18 18.86 -21.91
N VAL A 907 -22.22 18.06 -21.68
CA VAL A 907 -23.30 18.12 -22.63
C VAL A 907 -23.99 19.47 -22.56
N SER A 908 -23.94 20.15 -21.40
CA SER A 908 -24.54 21.48 -21.33
C SER A 908 -23.83 22.43 -22.27
N LEU A 909 -22.54 22.62 -22.06
CA LEU A 909 -21.77 23.40 -23.03
C LEU A 909 -21.76 22.74 -24.40
N THR A 910 -22.41 21.59 -24.56
CA THR A 910 -22.47 20.87 -25.82
C THR A 910 -21.10 20.45 -26.29
N GLN A 911 -20.10 20.58 -25.44
CA GLN A 911 -18.72 20.46 -25.87
C GLN A 911 -18.18 19.07 -25.61
N GLU A 912 -19.04 18.08 -25.86
CA GLU A 912 -18.57 16.77 -26.24
C GLU A 912 -17.62 16.84 -27.42
N ARG A 913 -18.07 17.42 -28.52
CA ARG A 913 -17.35 17.31 -29.78
C ARG A 913 -15.96 17.89 -29.69
N LYS A 914 -15.67 18.71 -28.69
CA LYS A 914 -14.28 19.07 -28.48
C LYS A 914 -13.55 17.94 -27.78
N PHE A 915 -14.23 17.23 -26.90
CA PHE A 915 -13.59 16.11 -26.24
C PHE A 915 -13.32 14.97 -27.20
N GLU A 916 -14.16 14.78 -28.21
CA GLU A 916 -13.89 13.69 -29.13
C GLU A 916 -12.51 13.85 -29.77
N SER A 917 -12.23 15.02 -30.32
CA SER A 917 -10.93 15.23 -30.94
C SER A 917 -9.82 15.24 -29.91
N MET A 918 -10.08 15.83 -28.75
CA MET A 918 -9.06 15.79 -27.71
C MET A 918 -8.69 14.36 -27.36
N TYR A 919 -9.68 13.48 -27.40
CA TYR A 919 -9.45 12.06 -27.12
C TYR A 919 -8.62 11.42 -28.23
N VAL A 920 -9.07 11.56 -29.47
CA VAL A 920 -8.31 11.03 -30.60
C VAL A 920 -6.84 11.37 -30.49
N GLU A 921 -6.56 12.63 -30.18
CA GLU A 921 -5.17 13.08 -30.17
C GLU A 921 -4.30 12.18 -29.30
N LYS A 922 -4.88 11.64 -28.24
CA LYS A 922 -4.10 10.73 -27.42
C LYS A 922 -4.22 9.29 -27.89
N LEU A 923 -5.41 8.90 -28.32
CA LEU A 923 -5.63 7.54 -28.80
C LEU A 923 -4.55 7.16 -29.78
N TYR A 924 -4.15 8.09 -30.63
CA TYR A 924 -3.08 7.82 -31.58
C TYR A 924 -1.75 7.49 -30.90
N GLY A 925 -1.64 7.63 -29.60
CA GLY A 925 -0.43 7.16 -28.96
C GLY A 925 -0.30 5.65 -29.00
N PRO A 926 -1.19 4.97 -28.26
CA PRO A 926 -1.09 3.50 -28.16
C PRO A 926 -1.15 2.76 -29.49
N TYR A 927 -1.74 3.33 -30.52
CA TYR A 927 -1.72 2.65 -31.80
C TYR A 927 -0.30 2.56 -32.34
N ARG A 928 0.44 3.65 -32.29
CA ARG A 928 1.84 3.54 -32.64
C ARG A 928 2.57 2.58 -31.73
N ASN A 929 2.16 2.54 -30.46
CA ASN A 929 2.74 1.53 -29.58
C ASN A 929 2.60 0.13 -30.16
N SER A 930 1.37 -0.23 -30.52
CA SER A 930 1.12 -1.55 -31.09
C SER A 930 1.97 -1.81 -32.32
N VAL A 931 2.07 -0.82 -33.21
CA VAL A 931 2.84 -1.06 -34.43
C VAL A 931 4.31 -1.26 -34.10
N GLN A 932 4.78 -0.78 -32.98
CA GLN A 932 6.13 -1.20 -32.63
C GLN A 932 6.15 -2.60 -32.06
N LYS A 933 5.12 -2.94 -31.29
CA LYS A 933 5.09 -4.24 -30.65
C LYS A 933 5.07 -5.36 -31.66
N ALA A 934 4.40 -5.15 -32.79
CA ALA A 934 4.38 -6.16 -33.84
C ALA A 934 5.79 -6.63 -34.12
N HIS A 935 6.63 -5.74 -34.60
CA HIS A 935 7.96 -6.14 -35.06
C HIS A 935 8.81 -6.63 -33.90
N ILE A 936 8.70 -6.01 -32.73
CA ILE A 936 9.49 -6.48 -31.60
C ILE A 936 9.15 -7.92 -31.26
N TYR A 937 7.86 -8.23 -31.21
CA TYR A 937 7.40 -9.57 -30.86
C TYR A 937 7.78 -10.58 -31.92
N GLY A 938 7.58 -10.22 -33.18
CA GLY A 938 7.69 -11.19 -34.25
C GLY A 938 9.10 -11.64 -34.54
N ILE A 939 10.06 -10.72 -34.48
CA ILE A 939 11.39 -11.17 -34.89
C ILE A 939 11.94 -12.19 -33.91
N THR A 940 11.66 -12.03 -32.62
CA THR A 940 12.15 -13.05 -31.70
C THR A 940 11.30 -14.32 -31.73
N PHE A 941 9.98 -14.21 -31.94
CA PHE A 941 9.18 -15.43 -32.13
C PHE A 941 9.72 -16.24 -33.29
N SER A 942 10.10 -15.59 -34.38
CA SER A 942 10.53 -16.35 -35.54
C SER A 942 11.92 -16.93 -35.33
N ILE A 943 12.83 -16.17 -34.74
CA ILE A 943 14.10 -16.81 -34.42
C ILE A 943 13.84 -18.01 -33.52
N SER A 944 12.86 -17.92 -32.64
CA SER A 944 12.52 -19.08 -31.83
C SER A 944 12.20 -20.26 -32.72
N GLN A 945 11.00 -20.24 -33.32
CA GLN A 945 10.54 -21.32 -34.18
C GLN A 945 11.51 -21.57 -35.31
N ALA A 946 12.21 -20.52 -35.74
CA ALA A 946 13.16 -20.63 -36.83
C ALA A 946 14.36 -21.47 -36.42
N PHE A 947 14.92 -21.18 -35.26
CA PHE A 947 16.12 -21.85 -34.74
C PHE A 947 15.99 -23.31 -34.25
N MET A 948 14.79 -23.88 -34.31
CA MET A 948 14.60 -25.26 -33.89
C MET A 948 15.11 -26.21 -34.96
N TYR A 949 15.12 -25.74 -36.21
CA TYR A 949 15.58 -26.55 -37.33
C TYR A 949 17.09 -26.46 -37.52
N PHE A 950 17.64 -25.25 -37.47
CA PHE A 950 19.08 -25.06 -37.65
C PHE A 950 19.85 -25.90 -36.66
N SER A 951 19.24 -26.23 -35.52
CA SER A 951 19.89 -27.12 -34.55
C SER A 951 20.02 -28.53 -35.09
N TYR A 952 18.93 -29.08 -35.63
CA TYR A 952 19.07 -30.35 -36.32
C TYR A 952 20.28 -30.31 -37.23
N ALA A 953 20.29 -29.34 -38.14
CA ALA A 953 21.30 -29.31 -39.18
C ALA A 953 22.68 -29.36 -38.58
N GLY A 954 22.97 -28.38 -37.73
CA GLY A 954 24.30 -28.33 -37.14
C GLY A 954 24.67 -29.61 -36.42
N CYS A 955 23.80 -30.07 -35.52
CA CYS A 955 24.15 -31.21 -34.68
C CYS A 955 24.43 -32.44 -35.51
N PHE A 956 23.54 -32.77 -36.43
CA PHE A 956 23.71 -34.01 -37.16
C PHE A 956 24.90 -33.93 -38.10
N ARG A 957 25.08 -32.80 -38.77
CA ARG A 957 26.24 -32.71 -39.64
C ARG A 957 27.52 -32.87 -38.83
N PHE A 958 27.58 -32.27 -37.66
CA PHE A 958 28.78 -32.39 -36.85
C PHE A 958 28.98 -33.82 -36.37
N GLY A 959 27.88 -34.49 -36.04
CA GLY A 959 28.00 -35.87 -35.58
C GLY A 959 28.46 -36.78 -36.69
N ALA A 960 28.04 -36.50 -37.91
CA ALA A 960 28.60 -37.22 -39.04
C ALA A 960 30.09 -36.97 -39.12
N TYR A 961 30.52 -35.73 -38.92
CA TYR A 961 31.95 -35.48 -38.91
C TYR A 961 32.66 -36.40 -37.94
N LEU A 962 32.22 -36.41 -36.69
CA LEU A 962 32.93 -37.19 -35.68
C LEU A 962 32.89 -38.67 -36.00
N ILE A 963 31.68 -39.21 -36.16
CA ILE A 963 31.51 -40.64 -36.45
C ILE A 963 32.46 -41.07 -37.55
N VAL A 964 32.56 -40.27 -38.61
CA VAL A 964 33.50 -40.59 -39.66
C VAL A 964 34.91 -40.62 -39.12
N ASN A 965 35.29 -39.57 -38.38
CA ASN A 965 36.64 -39.57 -37.84
C ASN A 965 36.78 -40.55 -36.69
N GLY A 966 35.68 -40.85 -36.00
CA GLY A 966 35.69 -41.95 -35.07
C GLY A 966 35.73 -41.58 -33.60
N HIS A 967 34.97 -40.57 -33.21
CA HIS A 967 34.95 -40.15 -31.82
C HIS A 967 33.76 -40.65 -31.02
N MET A 968 32.64 -41.03 -31.64
CA MET A 968 31.53 -41.50 -30.83
C MET A 968 30.48 -42.21 -31.66
N ARG A 969 30.03 -43.37 -31.17
CA ARG A 969 29.07 -44.19 -31.90
C ARG A 969 27.76 -43.46 -32.08
N PHE A 970 27.06 -43.81 -33.15
CA PHE A 970 25.85 -43.09 -33.50
C PHE A 970 24.84 -43.13 -32.38
N ARG A 971 24.81 -44.20 -31.60
CA ARG A 971 23.92 -44.18 -30.46
C ARG A 971 24.24 -43.03 -29.54
N ASP A 972 25.48 -42.57 -29.51
CA ASP A 972 25.79 -41.48 -28.61
C ASP A 972 25.41 -40.12 -29.17
N VAL A 973 25.53 -39.90 -30.47
CA VAL A 973 25.04 -38.63 -30.99
C VAL A 973 23.53 -38.57 -30.86
N ILE A 974 22.83 -39.69 -30.99
CA ILE A 974 21.39 -39.60 -30.78
C ILE A 974 21.07 -39.39 -29.32
N LEU A 975 21.84 -39.97 -28.42
CA LEU A 975 21.61 -39.68 -27.00
C LEU A 975 21.74 -38.20 -26.76
N VAL A 976 22.95 -37.68 -26.89
CA VAL A 976 23.21 -36.29 -26.57
C VAL A 976 22.16 -35.39 -27.20
N PHE A 977 21.94 -35.54 -28.49
CA PHE A 977 21.02 -34.64 -29.14
C PHE A 977 19.65 -34.75 -28.52
N SER A 978 19.18 -35.94 -28.18
CA SER A 978 17.83 -35.99 -27.62
C SER A 978 17.79 -35.44 -26.23
N ALA A 979 18.78 -35.79 -25.40
CA ALA A 979 18.82 -35.36 -24.01
C ALA A 979 18.82 -33.85 -23.90
N ILE A 980 19.47 -33.16 -24.82
CA ILE A 980 19.49 -31.70 -24.75
C ILE A 980 18.34 -31.06 -25.49
N VAL A 981 18.10 -31.39 -26.75
CA VAL A 981 17.09 -30.65 -27.50
C VAL A 981 15.69 -31.01 -27.04
N PHE A 982 15.38 -32.28 -26.92
CA PHE A 982 14.07 -32.52 -26.38
C PHE A 982 14.01 -32.10 -24.92
N GLY A 983 15.16 -31.98 -24.27
CA GLY A 983 15.19 -31.33 -22.98
C GLY A 983 14.64 -29.92 -23.01
N ALA A 984 15.25 -29.05 -23.79
CA ALA A 984 14.80 -27.66 -23.82
C ALA A 984 13.36 -27.55 -24.27
N VAL A 985 12.98 -28.29 -25.30
CA VAL A 985 11.61 -28.18 -25.76
C VAL A 985 10.65 -28.66 -24.71
N ALA A 986 11.07 -29.54 -23.82
CA ALA A 986 10.17 -29.94 -22.74
C ALA A 986 10.10 -28.90 -21.65
N LEU A 987 11.24 -28.25 -21.39
CA LEU A 987 11.28 -27.15 -20.44
C LEU A 987 10.24 -26.10 -20.78
N GLY A 988 10.18 -25.73 -22.05
CA GLY A 988 9.23 -24.71 -22.47
C GLY A 988 7.80 -25.04 -22.08
N HIS A 989 7.37 -26.26 -22.36
CA HIS A 989 5.98 -26.62 -22.06
C HIS A 989 5.75 -26.71 -20.56
N ALA A 990 6.69 -27.32 -19.84
CA ALA A 990 6.57 -27.34 -18.39
C ALA A 990 6.27 -25.95 -17.86
N SER A 991 7.20 -25.03 -18.07
CA SER A 991 7.02 -23.66 -17.62
C SER A 991 5.67 -23.12 -18.02
N SER A 992 5.33 -23.22 -19.26
CA SER A 992 4.06 -22.60 -19.55
C SER A 992 2.87 -23.42 -19.04
N PHE A 993 3.07 -24.42 -18.20
CA PHE A 993 1.96 -25.00 -17.45
C PHE A 993 1.67 -24.28 -16.13
N ALA A 994 2.64 -23.54 -15.57
CA ALA A 994 2.49 -22.91 -14.26
C ALA A 994 1.40 -21.85 -14.27
N PRO A 995 1.09 -21.25 -13.12
CA PRO A 995 0.28 -20.05 -13.11
C PRO A 995 1.15 -18.81 -12.99
N ASP A 996 0.58 -17.69 -13.38
CA ASP A 996 1.40 -16.55 -13.78
C ASP A 996 2.14 -15.99 -12.58
N TYR A 997 3.44 -16.23 -12.53
CA TYR A 997 4.22 -15.81 -11.38
C TYR A 997 4.42 -14.33 -11.33
N ALA A 998 4.37 -13.64 -12.45
CA ALA A 998 4.47 -12.18 -12.38
C ALA A 998 3.26 -11.59 -11.70
N LYS A 999 2.14 -12.28 -11.80
CA LYS A 999 0.85 -11.84 -11.34
C LYS A 999 0.51 -12.35 -9.96
N ALA A 1000 1.36 -13.16 -9.36
CA ALA A 1000 1.18 -13.57 -7.96
C ALA A 1000 2.43 -13.37 -7.14
N LYS A 1001 3.36 -12.56 -7.61
CA LYS A 1001 4.35 -11.96 -6.75
C LYS A 1001 4.01 -10.53 -6.46
N LEU A 1002 3.08 -9.96 -7.19
CA LEU A 1002 2.47 -8.69 -6.87
C LEU A 1002 1.32 -8.85 -5.91
N SER A 1003 0.42 -9.77 -6.20
CA SER A 1003 -0.64 -10.11 -5.27
C SER A 1003 -0.13 -10.30 -3.86
N ALA A 1004 0.95 -11.05 -3.69
CA ALA A 1004 1.55 -11.15 -2.37
C ALA A 1004 2.00 -9.81 -1.88
N ALA A 1005 2.42 -8.90 -2.76
CA ALA A 1005 2.79 -7.58 -2.29
C ALA A 1005 1.56 -6.82 -1.82
N HIS A 1006 0.45 -7.00 -2.49
CA HIS A 1006 -0.73 -6.25 -2.10
C HIS A 1006 -1.33 -6.76 -0.82
N LEU A 1007 -1.04 -7.99 -0.41
CA LEU A 1007 -1.45 -8.36 0.93
C LEU A 1007 -0.40 -8.02 1.96
N PHE A 1008 0.85 -7.97 1.58
CA PHE A 1008 1.85 -7.61 2.56
C PHE A 1008 1.85 -6.13 2.87
N MET A 1009 1.18 -5.31 2.07
CA MET A 1009 1.04 -3.93 2.51
C MET A 1009 -0.19 -3.73 3.37
N LEU A 1010 -1.23 -4.54 3.19
CA LEU A 1010 -2.37 -4.51 4.08
C LEU A 1010 -2.07 -5.13 5.42
N PHE A 1011 -1.04 -5.95 5.54
CA PHE A 1011 -0.76 -6.55 6.83
C PHE A 1011 -0.10 -5.57 7.78
N GLU A 1012 0.98 -4.96 7.37
CA GLU A 1012 1.79 -4.24 8.34
C GLU A 1012 1.27 -2.85 8.62
N ARG A 1013 0.44 -2.30 7.77
CA ARG A 1013 0.07 -0.89 7.88
C ARG A 1013 -0.53 -0.59 9.24
N GLN A 1014 0.20 0.18 10.05
CA GLN A 1014 -0.13 0.45 11.45
C GLN A 1014 -1.12 1.59 11.52
N PRO A 1015 -2.36 1.36 11.90
CA PRO A 1015 -3.30 2.46 12.02
C PRO A 1015 -2.96 3.32 13.22
N LEU A 1016 -3.12 4.63 13.08
CA LEU A 1016 -2.89 5.55 14.18
C LEU A 1016 -3.89 5.31 15.31
N ILE A 1017 -5.13 5.00 14.95
CA ILE A 1017 -6.12 4.65 15.95
C ILE A 1017 -6.31 3.15 15.96
N ASP A 1018 -5.51 2.43 16.74
CA ASP A 1018 -5.56 0.98 16.76
C ASP A 1018 -6.84 0.52 17.44
N SER A 1019 -7.69 -0.16 16.68
CA SER A 1019 -8.98 -0.66 17.21
C SER A 1019 -8.81 -2.06 17.80
N TYR A 1020 -7.63 -2.34 18.37
CA TYR A 1020 -7.34 -3.66 18.99
C TYR A 1020 -6.51 -3.45 20.26
N SER A 1021 -5.96 -2.24 20.43
CA SER A 1021 -4.87 -1.99 21.41
C SER A 1021 -5.37 -2.25 22.84
N GLU A 1022 -4.50 -2.77 23.70
CA GLU A 1022 -4.85 -3.06 25.11
C GLU A 1022 -4.13 -2.08 26.02
N GLU A 1023 -4.24 -0.77 25.72
CA GLU A 1023 -3.59 0.29 26.54
C GLU A 1023 -4.47 1.56 26.50
N GLY A 1024 -4.26 2.46 27.44
CA GLY A 1024 -5.03 3.69 27.52
C GLY A 1024 -5.71 3.77 28.86
N LEU A 1025 -5.84 4.99 29.35
CA LEU A 1025 -6.43 5.20 30.66
C LEU A 1025 -7.87 4.71 30.65
N LYS A 1026 -8.16 3.69 31.45
CA LYS A 1026 -9.53 3.22 31.61
C LYS A 1026 -10.17 3.97 32.76
N PRO A 1027 -11.27 4.70 32.54
CA PRO A 1027 -11.97 5.36 33.64
C PRO A 1027 -12.99 4.41 34.24
N ASP A 1028 -13.05 4.35 35.57
CA ASP A 1028 -13.88 3.32 36.19
C ASP A 1028 -15.36 3.60 35.98
N LYS A 1029 -15.86 4.69 36.56
CA LYS A 1029 -17.24 5.13 36.37
C LYS A 1029 -17.23 6.47 35.67
N PHE A 1030 -18.20 6.68 34.80
CA PHE A 1030 -18.11 7.70 33.76
C PHE A 1030 -19.28 8.67 33.87
N GLU A 1031 -18.97 9.96 34.05
CA GLU A 1031 -19.95 11.04 34.06
C GLU A 1031 -19.96 11.68 32.69
N GLY A 1032 -21.09 11.61 32.01
CA GLY A 1032 -21.10 11.99 30.62
C GLY A 1032 -20.94 13.46 30.33
N ASN A 1033 -19.88 14.08 30.81
CA ASN A 1033 -19.64 15.50 30.59
C ASN A 1033 -18.78 15.69 29.36
N ILE A 1034 -19.43 15.89 28.21
CA ILE A 1034 -18.78 16.06 26.92
C ILE A 1034 -18.52 17.54 26.68
N THR A 1035 -17.35 17.84 26.11
CA THR A 1035 -16.89 19.21 25.97
C THR A 1035 -16.12 19.34 24.68
N PHE A 1036 -16.29 20.44 23.97
CA PHE A 1036 -15.48 20.72 22.79
C PHE A 1036 -14.79 22.07 22.94
N ASN A 1037 -13.56 22.15 22.46
CA ASN A 1037 -12.68 23.31 22.61
C ASN A 1037 -12.23 23.79 21.24
N GLU A 1038 -13.04 24.62 20.58
CA GLU A 1038 -12.66 25.25 19.32
C GLU A 1038 -12.17 24.22 18.31
N VAL A 1039 -12.89 23.11 18.21
CA VAL A 1039 -12.44 21.99 17.40
C VAL A 1039 -12.48 22.37 15.93
N VAL A 1040 -11.32 22.39 15.28
CA VAL A 1040 -11.23 22.69 13.87
C VAL A 1040 -11.13 21.39 13.12
N PHE A 1041 -12.00 21.20 12.12
CA PHE A 1041 -12.11 19.89 11.52
C PHE A 1041 -12.21 19.98 10.00
N ASN A 1042 -11.73 18.94 9.33
CA ASN A 1042 -11.90 18.73 7.91
C ASN A 1042 -11.65 17.27 7.60
N TYR A 1043 -12.41 16.72 6.65
CA TYR A 1043 -12.17 15.36 6.19
C TYR A 1043 -10.90 15.36 5.34
N PRO A 1044 -9.84 14.65 5.72
CA PRO A 1044 -8.64 14.60 4.88
C PRO A 1044 -8.88 13.98 3.52
N THR A 1045 -10.14 13.68 3.21
CA THR A 1045 -10.51 13.18 1.89
C THR A 1045 -10.70 14.32 0.89
N ARG A 1046 -11.69 15.18 1.14
CA ARG A 1046 -11.83 16.48 0.47
C ARG A 1046 -11.36 17.52 1.48
N ALA A 1047 -10.06 17.69 1.59
CA ALA A 1047 -9.47 18.41 2.71
C ALA A 1047 -9.54 19.91 2.56
N ASN A 1048 -10.39 20.44 1.69
CA ASN A 1048 -10.32 21.85 1.34
C ASN A 1048 -11.30 22.72 2.10
N VAL A 1049 -12.41 22.19 2.57
CA VAL A 1049 -13.39 22.98 3.31
C VAL A 1049 -13.34 22.59 4.79
N PRO A 1050 -12.86 23.45 5.68
CA PRO A 1050 -12.78 23.08 7.10
C PRO A 1050 -14.14 22.99 7.74
N VAL A 1051 -14.57 21.76 8.02
CA VAL A 1051 -15.95 21.51 8.39
C VAL A 1051 -16.29 22.18 9.71
N LEU A 1052 -15.42 22.04 10.69
CA LEU A 1052 -15.54 22.76 11.95
C LEU A 1052 -14.42 23.78 12.01
N GLN A 1053 -14.79 25.05 12.20
CA GLN A 1053 -13.85 26.17 12.14
C GLN A 1053 -13.60 26.74 13.53
N GLY A 1054 -13.47 25.86 14.51
CA GLY A 1054 -13.32 26.26 15.89
C GLY A 1054 -14.70 26.18 16.53
N LEU A 1055 -14.94 25.13 17.29
CA LEU A 1055 -16.28 24.89 17.79
C LEU A 1055 -16.22 24.52 19.25
N SER A 1056 -17.19 25.03 20.00
CA SER A 1056 -17.28 24.76 21.41
C SER A 1056 -18.69 24.27 21.72
N LEU A 1057 -18.78 23.21 22.50
CA LEU A 1057 -20.02 22.64 22.97
C LEU A 1057 -19.73 22.04 24.33
N GLU A 1058 -20.73 22.03 25.20
CA GLU A 1058 -20.51 21.57 26.57
C GLU A 1058 -21.86 21.16 27.13
N VAL A 1059 -21.98 19.92 27.57
CA VAL A 1059 -23.22 19.41 28.12
C VAL A 1059 -22.96 18.79 29.47
N LYS A 1060 -23.97 18.84 30.34
CA LYS A 1060 -23.89 18.32 31.69
C LYS A 1060 -24.63 16.99 31.80
N LYS A 1061 -24.29 16.25 32.85
CA LYS A 1061 -24.88 14.95 33.07
C LYS A 1061 -26.40 15.04 33.04
N GLY A 1062 -27.03 14.08 32.35
CA GLY A 1062 -28.47 14.05 32.18
C GLY A 1062 -29.02 15.08 31.22
N GLN A 1063 -28.23 16.07 30.86
CA GLN A 1063 -28.71 17.18 30.05
C GLN A 1063 -28.74 16.75 28.59
N THR A 1064 -28.77 17.73 27.69
CA THR A 1064 -28.98 17.46 26.26
C THR A 1064 -28.31 18.59 25.50
N LEU A 1065 -27.87 18.31 24.29
CA LEU A 1065 -27.59 19.36 23.33
C LEU A 1065 -28.45 19.12 22.11
N ALA A 1066 -28.49 20.09 21.20
CA ALA A 1066 -29.31 19.97 20.01
C ALA A 1066 -28.89 21.04 19.01
N LEU A 1067 -28.51 20.62 17.81
CA LEU A 1067 -27.86 21.50 16.84
C LEU A 1067 -28.80 21.71 15.66
N VAL A 1068 -29.38 22.88 15.58
CA VAL A 1068 -30.42 23.19 14.63
C VAL A 1068 -29.77 23.71 13.35
N GLY A 1069 -30.46 23.56 12.23
CA GLY A 1069 -29.94 24.23 11.04
C GLY A 1069 -30.34 23.53 9.76
N SER A 1070 -29.36 23.44 8.86
CA SER A 1070 -29.53 22.94 7.50
C SER A 1070 -28.78 21.62 7.31
N SER A 1071 -29.10 20.93 6.20
CA SER A 1071 -28.81 19.52 6.03
C SER A 1071 -27.31 19.28 5.84
N GLY A 1072 -26.71 18.52 6.75
CA GLY A 1072 -25.30 18.18 6.67
C GLY A 1072 -24.36 19.34 6.84
N CYS A 1073 -24.80 20.39 7.52
CA CYS A 1073 -24.06 21.65 7.63
C CYS A 1073 -22.72 21.51 8.36
N GLY A 1074 -22.43 20.34 8.92
CA GLY A 1074 -21.37 20.21 9.88
C GLY A 1074 -21.96 19.64 11.14
N LYS A 1075 -23.02 18.86 10.95
CA LYS A 1075 -23.81 18.31 12.04
C LYS A 1075 -23.63 16.80 12.24
N SER A 1076 -23.02 16.09 11.30
CA SER A 1076 -22.70 14.70 11.54
C SER A 1076 -21.30 14.53 12.10
N THR A 1077 -20.38 15.41 11.69
CA THR A 1077 -18.99 15.28 12.12
C THR A 1077 -18.86 15.34 13.64
N VAL A 1078 -19.69 16.13 14.31
CA VAL A 1078 -19.70 16.08 15.76
C VAL A 1078 -20.07 14.70 16.25
N VAL A 1079 -20.98 14.01 15.54
CA VAL A 1079 -21.39 12.67 15.98
C VAL A 1079 -20.20 11.73 15.97
N GLN A 1080 -19.22 12.00 15.12
CA GLN A 1080 -18.08 11.11 14.99
C GLN A 1080 -16.97 11.44 15.96
N LEU A 1081 -16.54 12.69 16.03
CA LEU A 1081 -15.36 13.00 16.82
C LEU A 1081 -15.47 12.56 18.27
N LEU A 1082 -16.61 12.02 18.69
CA LEU A 1082 -16.72 11.37 19.99
C LEU A 1082 -16.51 9.86 19.87
N GLU A 1083 -17.09 9.23 18.85
CA GLU A 1083 -16.79 7.84 18.58
C GLU A 1083 -15.37 7.69 18.10
N ARG A 1084 -14.67 8.78 17.91
CA ARG A 1084 -13.25 8.73 17.69
C ARG A 1084 -12.92 7.96 16.42
N PHE A 1085 -13.85 7.94 15.46
CA PHE A 1085 -13.47 7.56 14.11
C PHE A 1085 -12.31 8.43 13.66
N TYR A 1086 -12.58 9.72 13.49
CA TYR A 1086 -11.63 10.71 13.03
C TYR A 1086 -11.04 11.49 14.19
N ASP A 1087 -9.98 12.19 13.92
CA ASP A 1087 -9.45 13.09 14.91
C ASP A 1087 -9.49 14.53 14.41
N PRO A 1088 -9.70 15.51 15.30
CA PRO A 1088 -9.84 16.88 14.86
C PRO A 1088 -8.53 17.40 14.28
N LEU A 1089 -8.63 18.33 13.35
CA LEU A 1089 -7.44 18.94 12.76
C LEU A 1089 -6.84 19.82 13.87
N ALA A 1090 -7.73 20.46 14.61
CA ALA A 1090 -7.40 21.32 15.74
C ALA A 1090 -8.54 21.17 16.74
N GLY A 1091 -8.31 21.45 18.01
CA GLY A 1091 -9.40 21.28 18.95
C GLY A 1091 -9.15 20.02 19.75
N THR A 1092 -9.86 19.92 20.86
CA THR A 1092 -9.71 18.86 21.85
C THR A 1092 -11.10 18.53 22.38
N VAL A 1093 -11.41 17.26 22.58
CA VAL A 1093 -12.68 16.89 23.20
C VAL A 1093 -12.36 16.10 24.45
N LEU A 1094 -12.20 16.80 25.57
CA LEU A 1094 -11.85 16.14 26.81
C LEU A 1094 -13.11 15.67 27.48
N LEU A 1095 -13.08 14.44 27.98
CA LEU A 1095 -14.28 13.76 28.42
C LEU A 1095 -14.16 13.40 29.89
N ASP A 1096 -15.27 13.55 30.62
CA ASP A 1096 -15.33 13.31 32.05
C ASP A 1096 -14.22 14.10 32.73
N GLY A 1097 -13.87 15.22 32.14
CA GLY A 1097 -12.74 16.02 32.59
C GLY A 1097 -11.43 15.70 31.92
N GLN A 1098 -11.32 14.56 31.25
CA GLN A 1098 -10.02 14.21 30.72
C GLN A 1098 -10.05 13.98 29.20
N GLU A 1099 -8.86 14.10 28.63
CA GLU A 1099 -8.67 14.25 27.20
C GLU A 1099 -8.90 12.91 26.50
N ALA A 1100 -9.78 12.91 25.50
CA ALA A 1100 -10.15 11.67 24.84
C ALA A 1100 -9.07 11.17 23.88
N LYS A 1101 -8.06 11.98 23.63
CA LYS A 1101 -6.89 11.51 22.91
C LYS A 1101 -5.96 10.71 23.81
N LYS A 1102 -6.44 10.29 24.98
CA LYS A 1102 -5.69 9.47 25.90
C LYS A 1102 -6.43 8.26 26.41
N LEU A 1103 -7.70 8.09 26.10
CA LEU A 1103 -8.41 6.94 26.62
C LEU A 1103 -8.12 5.69 25.80
N ASN A 1104 -8.45 4.54 26.38
CA ASN A 1104 -8.37 3.28 25.66
C ASN A 1104 -9.55 3.20 24.71
N VAL A 1105 -9.28 3.39 23.42
CA VAL A 1105 -10.36 3.56 22.46
C VAL A 1105 -11.32 2.39 22.49
N GLN A 1106 -10.80 1.18 22.71
CA GLN A 1106 -11.70 0.04 22.83
C GLN A 1106 -12.70 0.25 23.96
N TRP A 1107 -12.30 0.98 25.00
CA TRP A 1107 -13.21 1.24 26.10
C TRP A 1107 -14.19 2.35 25.74
N LEU A 1108 -13.70 3.42 25.15
CA LEU A 1108 -14.51 4.63 25.03
C LEU A 1108 -15.79 4.35 24.29
N ARG A 1109 -15.70 3.65 23.16
CA ARG A 1109 -16.93 3.43 22.40
C ARG A 1109 -17.86 2.47 23.08
N ALA A 1110 -17.49 1.91 24.21
CA ALA A 1110 -18.36 1.00 24.91
C ALA A 1110 -19.41 1.71 25.75
N GLN A 1111 -19.47 3.04 25.70
CA GLN A 1111 -20.46 3.78 26.47
C GLN A 1111 -21.38 4.63 25.61
N LEU A 1112 -21.16 4.70 24.31
CA LEU A 1112 -21.79 5.68 23.45
C LEU A 1112 -22.77 5.01 22.51
N GLY A 1113 -23.99 4.80 22.97
CA GLY A 1113 -24.98 4.16 22.13
C GLY A 1113 -25.46 5.11 21.06
N ILE A 1114 -25.67 4.64 19.84
CA ILE A 1114 -26.00 5.52 18.73
C ILE A 1114 -27.09 4.91 17.89
N VAL A 1115 -28.07 5.74 17.50
CA VAL A 1115 -29.06 5.38 16.50
C VAL A 1115 -28.84 6.24 15.27
N SER A 1116 -27.99 5.78 14.36
CA SER A 1116 -27.62 6.62 13.24
C SER A 1116 -28.78 6.83 12.28
N GLN A 1117 -28.49 7.58 11.21
CA GLN A 1117 -29.52 8.02 10.29
C GLN A 1117 -30.13 6.89 9.48
N GLU A 1118 -29.56 5.69 9.55
CA GLU A 1118 -29.91 4.61 8.64
C GLU A 1118 -29.51 3.27 9.24
N PRO A 1119 -30.26 2.80 10.21
CA PRO A 1119 -29.86 1.57 10.91
C PRO A 1119 -30.04 0.35 10.01
N ILE A 1120 -29.16 -0.62 10.23
CA ILE A 1120 -29.04 -1.80 9.40
C ILE A 1120 -29.32 -3.01 10.25
N LEU A 1121 -29.80 -4.06 9.59
CA LEU A 1121 -30.05 -5.34 10.23
C LEU A 1121 -29.33 -6.42 9.44
N PHE A 1122 -28.40 -7.08 10.12
CA PHE A 1122 -27.44 -7.97 9.50
C PHE A 1122 -28.15 -9.22 8.99
N ASP A 1123 -27.38 -10.18 8.51
CA ASP A 1123 -27.93 -11.46 8.07
C ASP A 1123 -27.87 -12.46 9.23
N CYS A 1124 -28.69 -12.19 10.23
CA CYS A 1124 -28.86 -13.12 11.33
C CYS A 1124 -30.34 -13.13 11.72
N SER A 1125 -30.65 -13.91 12.73
CA SER A 1125 -31.94 -13.82 13.36
C SER A 1125 -31.97 -12.66 14.32
N ILE A 1126 -33.20 -12.25 14.66
CA ILE A 1126 -33.36 -11.00 15.40
C ILE A 1126 -32.71 -11.10 16.78
N ALA A 1127 -32.89 -12.22 17.46
CA ALA A 1127 -32.19 -12.39 18.73
C ALA A 1127 -30.71 -12.14 18.56
N GLU A 1128 -30.10 -12.83 17.60
CA GLU A 1128 -28.66 -12.67 17.36
C GLU A 1128 -28.32 -11.24 17.04
N ASN A 1129 -29.29 -10.50 16.51
CA ASN A 1129 -29.04 -9.19 15.95
C ASN A 1129 -29.03 -8.09 16.98
N ILE A 1130 -29.98 -8.09 17.89
CA ILE A 1130 -30.03 -7.04 18.89
C ILE A 1130 -28.92 -7.25 19.91
N ALA A 1131 -28.86 -8.44 20.49
CA ALA A 1131 -27.78 -8.80 21.40
C ALA A 1131 -26.41 -8.60 20.80
N TYR A 1132 -26.34 -8.25 19.52
CA TYR A 1132 -25.14 -7.61 19.01
C TYR A 1132 -24.89 -6.31 19.72
N GLY A 1133 -25.92 -5.76 20.36
CA GLY A 1133 -25.78 -4.55 21.12
C GLY A 1133 -24.68 -4.58 22.16
N ASP A 1134 -24.31 -5.77 22.61
CA ASP A 1134 -23.14 -5.90 23.47
C ASP A 1134 -22.35 -7.14 23.06
N ASN A 1135 -21.04 -7.03 23.13
CA ASN A 1135 -20.14 -8.15 22.91
C ASN A 1135 -19.18 -8.20 24.08
N SER A 1136 -18.38 -9.26 24.13
CA SER A 1136 -17.50 -9.63 25.22
C SER A 1136 -18.25 -10.23 26.40
N ARG A 1137 -19.56 -10.35 26.32
CA ARG A 1137 -20.30 -11.13 27.30
C ARG A 1137 -21.63 -11.50 26.71
N VAL A 1138 -21.92 -12.80 26.69
CA VAL A 1138 -23.10 -13.30 26.03
C VAL A 1138 -24.33 -12.71 26.72
N VAL A 1139 -25.40 -12.59 25.96
CA VAL A 1139 -26.59 -11.86 26.39
C VAL A 1139 -27.64 -12.87 26.83
N SER A 1140 -28.08 -12.75 28.08
CA SER A 1140 -29.22 -13.51 28.56
C SER A 1140 -30.42 -13.28 27.66
N GLN A 1141 -31.18 -14.35 27.43
CA GLN A 1141 -32.33 -14.20 26.55
C GLN A 1141 -33.31 -13.19 27.06
N ASP A 1142 -33.38 -12.98 28.39
CA ASP A 1142 -34.33 -12.01 28.92
C ASP A 1142 -33.84 -10.57 28.75
N GLU A 1143 -32.51 -10.36 28.80
CA GLU A 1143 -31.97 -9.06 28.47
C GLU A 1143 -32.57 -8.56 27.16
N ILE A 1144 -32.47 -9.38 26.11
CA ILE A 1144 -33.18 -9.07 24.87
C ILE A 1144 -34.61 -8.70 25.18
N VAL A 1145 -35.33 -9.60 25.86
CA VAL A 1145 -36.75 -9.38 26.06
C VAL A 1145 -36.98 -8.09 26.84
N SER A 1146 -36.08 -7.76 27.76
CA SER A 1146 -36.29 -6.56 28.56
C SER A 1146 -36.29 -5.32 27.68
N ALA A 1147 -35.23 -5.13 26.88
CA ALA A 1147 -35.22 -4.04 25.92
C ALA A 1147 -36.33 -4.18 24.91
N ALA A 1148 -36.77 -5.41 24.62
CA ALA A 1148 -37.87 -5.60 23.70
C ALA A 1148 -39.15 -4.97 24.22
N LYS A 1149 -39.31 -4.88 25.54
CA LYS A 1149 -40.41 -4.10 26.08
C LYS A 1149 -40.02 -2.64 26.27
N ALA A 1150 -38.72 -2.38 26.46
CA ALA A 1150 -38.26 -1.01 26.67
C ALA A 1150 -38.56 -0.13 25.46
N ALA A 1151 -37.97 -0.44 24.32
CA ALA A 1151 -38.18 0.33 23.11
C ALA A 1151 -39.53 0.04 22.44
N ASN A 1152 -40.44 -0.63 23.15
CA ASN A 1152 -41.85 -0.77 22.74
C ASN A 1152 -41.99 -1.69 21.53
N ILE A 1153 -41.27 -2.80 21.54
CA ILE A 1153 -41.18 -3.66 20.37
C ILE A 1153 -41.55 -5.11 20.67
N HIS A 1154 -41.57 -5.52 21.93
CA HIS A 1154 -41.93 -6.89 22.25
C HIS A 1154 -43.27 -7.34 21.69
N PRO A 1155 -44.31 -6.53 21.64
CA PRO A 1155 -45.57 -7.02 21.11
C PRO A 1155 -45.48 -7.53 19.68
N PHE A 1156 -45.13 -6.64 18.75
CA PHE A 1156 -45.20 -6.98 17.33
C PHE A 1156 -44.35 -8.20 17.02
N ILE A 1157 -43.36 -8.49 17.87
CA ILE A 1157 -42.55 -9.69 17.70
C ILE A 1157 -43.41 -10.93 17.79
N GLU A 1158 -44.34 -10.95 18.75
CA GLU A 1158 -45.19 -12.10 18.97
C GLU A 1158 -46.07 -12.45 17.79
N THR A 1159 -46.13 -11.59 16.77
CA THR A 1159 -46.85 -11.90 15.54
C THR A 1159 -46.02 -12.77 14.61
N LEU A 1160 -44.70 -12.65 14.69
CA LEU A 1160 -43.80 -13.19 13.68
C LEU A 1160 -43.73 -14.72 13.77
N PRO A 1161 -43.23 -15.38 12.71
CA PRO A 1161 -43.11 -16.84 12.75
C PRO A 1161 -42.22 -17.31 13.88
N HIS A 1162 -40.98 -16.84 13.87
CA HIS A 1162 -39.99 -17.21 14.85
C HIS A 1162 -39.63 -15.97 15.65
N LYS A 1163 -40.22 -15.87 16.84
CA LYS A 1163 -40.24 -14.62 17.60
C LYS A 1163 -38.86 -13.98 17.65
N TYR A 1164 -37.92 -14.65 18.28
CA TYR A 1164 -36.56 -14.16 18.31
C TYR A 1164 -35.72 -14.85 17.26
N GLU A 1165 -36.33 -15.66 16.40
CA GLU A 1165 -35.57 -16.50 15.49
C GLU A 1165 -35.88 -16.27 14.01
N THR A 1166 -36.76 -15.33 13.67
CA THR A 1166 -36.94 -15.03 12.26
C THR A 1166 -35.67 -14.46 11.68
N ARG A 1167 -35.54 -14.53 10.35
CA ARG A 1167 -34.35 -14.04 9.67
C ARG A 1167 -34.68 -12.77 8.91
N VAL A 1168 -34.16 -11.66 9.40
CA VAL A 1168 -34.07 -10.43 8.63
C VAL A 1168 -32.83 -10.56 7.75
N GLY A 1169 -33.06 -10.71 6.45
CA GLY A 1169 -32.00 -11.12 5.56
C GLY A 1169 -30.95 -10.05 5.34
N ASP A 1170 -30.28 -10.17 4.19
CA ASP A 1170 -29.45 -9.09 3.71
C ASP A 1170 -30.33 -7.87 3.50
N LYS A 1171 -30.19 -6.91 4.42
CA LYS A 1171 -31.05 -5.72 4.53
C LYS A 1171 -32.45 -6.07 5.03
N GLY A 1172 -32.77 -7.36 5.06
CA GLY A 1172 -34.05 -7.83 5.55
C GLY A 1172 -35.22 -7.13 4.90
N THR A 1173 -35.48 -7.39 3.62
CA THR A 1173 -36.52 -6.71 2.87
C THR A 1173 -37.93 -7.05 3.37
N GLN A 1174 -38.02 -7.69 4.53
CA GLN A 1174 -39.26 -8.16 5.11
C GLN A 1174 -39.86 -7.14 6.06
N LEU A 1175 -39.37 -5.90 5.99
CA LEU A 1175 -39.51 -4.96 7.09
C LEU A 1175 -39.79 -3.57 6.55
N SER A 1176 -40.24 -2.72 7.45
CA SER A 1176 -40.58 -1.35 7.16
C SER A 1176 -39.39 -0.46 7.47
N GLY A 1177 -39.62 0.84 7.51
CA GLY A 1177 -38.61 1.74 7.97
C GLY A 1177 -38.79 2.05 9.44
N GLY A 1178 -40.04 2.02 9.91
CA GLY A 1178 -40.32 2.37 11.29
C GLY A 1178 -40.05 1.28 12.30
N GLN A 1179 -39.94 0.05 11.83
CA GLN A 1179 -39.65 -1.06 12.72
C GLN A 1179 -38.16 -1.35 12.79
N LYS A 1180 -37.49 -1.44 11.65
CA LYS A 1180 -36.05 -1.62 11.69
C LYS A 1180 -35.34 -0.43 12.31
N GLN A 1181 -35.89 0.76 12.16
CA GLN A 1181 -35.39 1.90 12.91
C GLN A 1181 -35.66 1.72 14.39
N ARG A 1182 -36.82 1.14 14.73
CA ARG A 1182 -37.14 0.97 16.13
C ARG A 1182 -36.20 -0.02 16.80
N ILE A 1183 -35.82 -1.07 16.09
CA ILE A 1183 -34.87 -2.06 16.61
C ILE A 1183 -33.58 -1.40 17.08
N ALA A 1184 -33.15 -0.35 16.38
CA ALA A 1184 -31.95 0.36 16.78
C ALA A 1184 -32.02 0.79 18.23
N ILE A 1185 -33.18 1.32 18.65
CA ILE A 1185 -33.33 1.65 20.06
C ILE A 1185 -33.21 0.40 20.90
N ALA A 1186 -33.85 -0.69 20.47
CA ALA A 1186 -33.61 -1.96 21.14
C ALA A 1186 -32.13 -2.24 21.20
N ARG A 1187 -31.40 -1.81 20.17
CA ARG A 1187 -30.01 -2.21 20.04
C ARG A 1187 -29.14 -1.35 20.91
N ALA A 1188 -29.34 -0.05 20.92
CA ALA A 1188 -28.43 0.78 21.68
C ALA A 1188 -28.60 0.56 23.17
N LEU A 1189 -29.75 0.03 23.59
CA LEU A 1189 -30.10 0.09 25.01
C LEU A 1189 -29.64 -1.11 25.80
N ILE A 1190 -29.26 -2.21 25.17
CA ILE A 1190 -28.78 -3.31 25.97
C ILE A 1190 -27.44 -3.00 26.59
N ARG A 1191 -26.65 -2.15 25.94
CA ARG A 1191 -25.38 -1.75 26.52
C ARG A 1191 -25.54 -0.89 27.76
N GLN A 1192 -26.76 -0.40 28.06
CA GLN A 1192 -27.02 0.63 29.06
C GLN A 1192 -26.10 1.79 28.80
N PRO A 1193 -26.20 2.43 27.65
CA PRO A 1193 -25.17 3.37 27.24
C PRO A 1193 -25.29 4.66 28.01
N GLN A 1194 -24.12 5.24 28.31
CA GLN A 1194 -24.14 6.45 29.09
C GLN A 1194 -24.70 7.61 28.29
N ILE A 1195 -24.01 8.02 27.23
CA ILE A 1195 -24.44 9.13 26.41
C ILE A 1195 -25.07 8.56 25.16
N LEU A 1196 -26.11 9.20 24.68
CA LEU A 1196 -26.67 8.79 23.40
C LEU A 1196 -26.15 9.74 22.33
N LEU A 1197 -26.39 9.39 21.08
CA LEU A 1197 -26.31 10.31 19.96
C LEU A 1197 -27.44 9.92 19.01
N LEU A 1198 -28.62 10.48 19.21
CA LEU A 1198 -29.80 10.03 18.45
C LEU A 1198 -29.94 10.83 17.14
N ASP A 1199 -28.94 10.65 16.27
CA ASP A 1199 -28.93 11.28 14.96
C ASP A 1199 -30.08 10.79 14.11
N GLN A 1200 -31.07 11.64 13.93
CA GLN A 1200 -32.20 11.43 13.02
C GLN A 1200 -32.75 10.02 13.09
N ALA A 1201 -33.25 9.67 14.28
CA ALA A 1201 -33.97 8.40 14.40
C ALA A 1201 -35.33 8.46 13.75
N THR A 1202 -35.88 9.64 13.52
CA THR A 1202 -37.23 9.73 12.99
C THR A 1202 -37.17 10.35 11.61
N SER A 1203 -36.75 9.55 10.64
CA SER A 1203 -36.96 9.80 9.24
C SER A 1203 -37.79 8.70 8.62
N ALA A 1204 -37.94 7.58 9.34
CA ALA A 1204 -38.93 6.56 9.06
C ALA A 1204 -39.81 6.26 10.27
N LEU A 1205 -39.50 6.82 11.44
CA LEU A 1205 -40.37 6.69 12.62
C LEU A 1205 -41.67 7.46 12.38
N ASP A 1206 -42.78 6.78 12.57
CA ASP A 1206 -44.10 7.40 12.43
C ASP A 1206 -44.32 8.34 13.59
N THR A 1207 -45.55 8.83 13.73
CA THR A 1207 -45.84 9.59 14.93
C THR A 1207 -45.65 8.67 16.11
N GLU A 1208 -46.52 7.67 16.23
CA GLU A 1208 -46.57 6.91 17.48
C GLU A 1208 -45.28 6.16 17.72
N SER A 1209 -44.77 5.49 16.68
CA SER A 1209 -43.51 4.76 16.81
C SER A 1209 -42.44 5.59 17.48
N GLU A 1210 -42.30 6.85 17.09
CA GLU A 1210 -41.43 7.74 17.84
C GLU A 1210 -42.11 8.27 19.09
N LYS A 1211 -43.36 8.75 18.92
CA LYS A 1211 -44.06 9.38 20.03
C LYS A 1211 -44.23 8.43 21.20
N VAL A 1212 -44.17 7.12 20.94
CA VAL A 1212 -44.07 6.21 22.07
C VAL A 1212 -42.63 6.12 22.58
N VAL A 1213 -41.64 6.04 21.67
CA VAL A 1213 -40.33 5.61 22.11
C VAL A 1213 -39.57 6.77 22.71
N GLN A 1214 -39.96 8.00 22.40
CA GLN A 1214 -39.31 9.11 23.06
C GLN A 1214 -39.45 8.98 24.56
N GLU A 1215 -40.60 8.50 25.01
CA GLU A 1215 -40.75 8.13 26.41
C GLU A 1215 -39.74 7.05 26.79
N ALA A 1216 -39.46 6.14 25.86
CA ALA A 1216 -38.46 5.11 26.10
C ALA A 1216 -37.06 5.59 25.82
N LEU A 1217 -36.89 6.48 24.84
CA LEU A 1217 -35.59 7.08 24.59
C LEU A 1217 -35.07 7.75 25.85
N ASP A 1218 -35.90 8.58 26.47
CA ASP A 1218 -35.41 9.49 27.49
C ASP A 1218 -35.40 8.85 28.88
N LYS A 1219 -36.36 7.96 29.14
CA LYS A 1219 -36.56 7.50 30.51
C LYS A 1219 -35.28 6.95 31.11
N ALA A 1220 -34.56 6.09 30.39
CA ALA A 1220 -33.24 5.67 30.85
C ALA A 1220 -32.17 6.67 30.45
N ARG A 1221 -32.43 7.48 29.41
CA ARG A 1221 -31.57 8.62 29.17
C ARG A 1221 -31.57 9.58 30.35
N GLU A 1222 -32.61 9.58 31.15
CA GLU A 1222 -32.56 10.30 32.41
C GLU A 1222 -31.34 9.87 33.18
N GLY A 1223 -30.68 10.84 33.80
CA GLY A 1223 -29.46 10.55 34.48
C GLY A 1223 -28.28 10.32 33.58
N ARG A 1224 -28.37 10.70 32.31
CA ARG A 1224 -27.25 10.51 31.41
C ARG A 1224 -27.48 11.31 30.13
N THR A 1225 -26.41 11.91 29.64
CA THR A 1225 -26.52 12.92 28.59
C THR A 1225 -27.12 12.43 27.29
N CYS A 1226 -27.26 13.33 26.33
CA CYS A 1226 -27.49 12.97 24.95
C CYS A 1226 -27.25 14.18 24.08
N ILE A 1227 -26.58 13.99 22.98
CA ILE A 1227 -26.57 14.94 21.90
C ILE A 1227 -27.62 14.47 20.92
N VAL A 1228 -28.43 15.38 20.40
CA VAL A 1228 -29.39 15.01 19.37
C VAL A 1228 -29.21 15.97 18.21
N ILE A 1229 -29.09 15.41 17.01
CA ILE A 1229 -28.94 16.18 15.79
C ILE A 1229 -29.93 15.58 14.79
N ALA A 1230 -31.13 16.13 14.76
CA ALA A 1230 -32.22 15.51 14.03
C ALA A 1230 -32.90 16.60 13.22
N HIS A 1231 -34.06 16.26 12.64
CA HIS A 1231 -34.96 17.30 12.14
C HIS A 1231 -36.39 17.00 12.60
N ARG A 1232 -36.71 17.42 13.82
CA ARG A 1232 -38.09 17.56 14.28
C ARG A 1232 -38.05 18.57 15.42
N LEU A 1233 -38.63 19.75 15.19
CA LEU A 1233 -38.64 20.79 16.20
C LEU A 1233 -39.23 20.33 17.50
N SER A 1234 -40.27 19.49 17.45
CA SER A 1234 -41.00 19.05 18.63
C SER A 1234 -40.20 18.09 19.51
N THR A 1235 -38.99 17.73 19.10
CA THR A 1235 -38.03 17.19 20.06
C THR A 1235 -37.00 18.24 20.48
N ILE A 1236 -36.72 19.21 19.62
CA ILE A 1236 -35.69 20.20 19.91
C ILE A 1236 -36.11 21.06 21.08
N GLN A 1237 -37.42 21.32 21.20
CA GLN A 1237 -37.92 22.33 22.10
C GLN A 1237 -37.73 21.95 23.56
N ASN A 1238 -38.09 20.72 23.93
CA ASN A 1238 -37.97 20.30 25.31
C ASN A 1238 -36.54 20.03 25.73
N ALA A 1239 -35.59 20.09 24.79
CA ALA A 1239 -34.21 19.77 25.07
C ALA A 1239 -33.65 20.73 26.11
N ASP A 1240 -32.54 20.32 26.72
CA ASP A 1240 -31.99 21.14 27.79
C ASP A 1240 -31.24 22.35 27.25
N LEU A 1241 -30.58 22.23 26.10
CA LEU A 1241 -29.71 23.29 25.63
C LEU A 1241 -30.00 23.56 24.15
N ILE A 1242 -29.23 24.47 23.56
CA ILE A 1242 -29.51 25.01 22.24
C ILE A 1242 -28.21 25.45 21.60
N VAL A 1243 -28.04 25.13 20.32
CA VAL A 1243 -26.90 25.54 19.50
C VAL A 1243 -27.33 25.57 18.04
N VAL A 1244 -26.76 26.49 17.26
CA VAL A 1244 -26.92 26.53 15.82
C VAL A 1244 -25.57 26.28 15.17
N PHE A 1245 -25.59 25.85 13.91
CA PHE A 1245 -24.39 25.63 13.13
C PHE A 1245 -24.54 26.29 11.76
N GLN A 1246 -23.77 27.35 11.52
CA GLN A 1246 -23.80 28.08 10.24
C GLN A 1246 -22.44 27.93 9.56
N ASN A 1247 -22.42 27.22 8.44
CA ASN A 1247 -21.18 26.95 7.71
C ASN A 1247 -20.10 26.43 8.65
N GLY A 1248 -20.50 25.52 9.53
CA GLY A 1248 -19.60 25.04 10.54
C GLY A 1248 -19.37 26.00 11.68
N ARG A 1249 -20.23 27.00 11.85
CA ARG A 1249 -20.04 27.94 12.95
C ARG A 1249 -21.34 28.18 13.71
N VAL A 1250 -21.17 28.43 15.00
CA VAL A 1250 -22.26 28.68 15.92
C VAL A 1250 -22.53 30.17 15.99
N LYS A 1251 -23.78 30.53 16.24
CA LYS A 1251 -24.18 31.92 16.41
C LYS A 1251 -25.51 32.00 17.14
N ILE B 3 31.94 -13.48 19.74
CA ILE B 3 31.31 -12.23 19.34
C ILE B 3 31.31 -11.25 20.49
N GLN B 4 32.47 -11.08 21.11
CA GLN B 4 32.69 -10.00 22.07
C GLN B 4 33.81 -9.12 21.54
N MET B 5 33.76 -7.84 21.89
CA MET B 5 34.69 -6.86 21.36
C MET B 5 35.32 -6.07 22.49
N THR B 6 36.61 -5.75 22.36
CA THR B 6 37.36 -5.10 23.43
C THR B 6 38.25 -4.01 22.86
N GLN B 7 37.83 -2.75 22.95
CA GLN B 7 38.69 -1.63 22.57
C GLN B 7 39.75 -1.48 23.62
N SER B 8 40.87 -2.17 23.44
CA SER B 8 41.74 -2.44 24.58
C SER B 8 42.39 -1.22 25.20
N PRO B 9 42.90 -0.26 24.46
CA PRO B 9 43.51 0.85 25.20
C PRO B 9 42.49 1.94 25.45
N SER B 10 41.56 1.67 26.37
CA SER B 10 40.47 2.59 26.63
C SER B 10 41.01 3.93 27.11
N SER B 11 40.39 5.00 26.62
CA SER B 11 40.65 6.33 27.14
C SER B 11 42.12 6.74 26.96
N LEU B 12 42.49 6.90 25.69
CA LEU B 12 43.84 7.30 25.33
C LEU B 12 44.09 8.76 25.70
N SER B 13 45.37 9.14 25.70
CA SER B 13 45.83 10.41 26.22
C SER B 13 46.90 11.06 25.35
N ALA B 14 46.69 11.12 24.04
CA ALA B 14 47.75 11.56 23.14
C ALA B 14 47.63 13.03 22.76
N SER B 15 48.78 13.63 22.45
CA SER B 15 48.96 15.05 22.13
C SER B 15 48.85 15.30 20.64
N VAL B 16 48.67 16.57 20.27
CA VAL B 16 48.44 16.94 18.88
C VAL B 16 49.73 16.84 18.09
N GLY B 17 49.69 16.17 16.94
CA GLY B 17 50.88 15.96 16.15
C GLY B 17 51.73 14.79 16.58
N ASP B 18 51.21 13.56 16.48
CA ASP B 18 51.97 12.38 16.83
C ASP B 18 51.29 11.15 16.24
N ARG B 19 52.05 10.07 16.12
CA ARG B 19 51.43 8.80 15.79
C ARG B 19 50.50 8.40 16.91
N VAL B 20 49.24 8.17 16.58
CA VAL B 20 48.25 7.81 17.59
C VAL B 20 47.63 6.47 17.22
N THR B 21 47.43 5.62 18.20
CA THR B 21 47.08 4.23 17.95
C THR B 21 45.81 3.85 18.68
N ILE B 22 45.08 2.90 18.09
CA ILE B 22 43.93 2.24 18.70
C ILE B 22 43.99 0.77 18.31
N THR B 23 43.94 -0.12 19.29
CA THR B 23 43.78 -1.54 19.01
C THR B 23 42.42 -2.00 19.52
N CYS B 24 41.68 -2.72 18.67
CA CYS B 24 40.34 -3.18 18.97
C CYS B 24 40.29 -4.66 18.66
N ARG B 25 40.75 -5.48 19.59
CA ARG B 25 40.89 -6.91 19.33
C ARG B 25 39.54 -7.59 19.49
N ALA B 26 39.19 -8.39 18.52
CA ALA B 26 37.83 -8.84 18.38
C ALA B 26 37.60 -10.12 19.14
N SER B 27 36.49 -10.75 18.81
CA SER B 27 36.27 -12.15 19.02
C SER B 27 37.02 -12.91 17.92
N GLN B 28 36.63 -14.17 17.67
CA GLN B 28 37.43 -15.04 16.82
C GLN B 28 37.69 -14.57 15.39
N SER B 29 36.67 -14.61 14.55
CA SER B 29 36.88 -14.64 13.11
C SER B 29 35.88 -13.74 12.41
N VAL B 30 35.78 -12.50 12.87
CA VAL B 30 34.98 -11.55 12.12
C VAL B 30 35.53 -11.36 10.72
N SER B 31 36.84 -11.47 10.53
CA SER B 31 37.41 -11.55 9.21
C SER B 31 37.08 -10.34 8.34
N SER B 32 37.61 -9.19 8.74
CA SER B 32 37.60 -7.97 7.94
C SER B 32 36.25 -7.29 7.89
N ALA B 33 35.30 -7.67 8.72
CA ALA B 33 33.98 -7.06 8.72
C ALA B 33 33.76 -6.14 9.91
N VAL B 34 34.81 -5.50 10.39
CA VAL B 34 34.69 -4.57 11.49
C VAL B 34 34.59 -3.18 10.91
N ALA B 35 34.23 -2.22 11.76
CA ALA B 35 34.11 -0.82 11.35
C ALA B 35 34.74 0.08 12.42
N TRP B 36 34.77 1.38 12.15
CA TRP B 36 35.35 2.35 13.09
C TRP B 36 34.54 3.63 13.12
N TYR B 37 33.91 3.91 14.25
CA TYR B 37 33.09 5.10 14.39
C TYR B 37 33.66 6.14 15.34
N GLN B 38 33.69 7.40 14.92
CA GLN B 38 34.11 8.48 15.78
C GLN B 38 32.90 9.30 16.15
N GLN B 39 32.74 9.54 17.45
CA GLN B 39 31.61 10.25 18.01
C GLN B 39 32.12 11.38 18.90
N LYS B 40 31.73 12.60 18.57
CA LYS B 40 31.85 13.79 19.39
C LYS B 40 30.66 13.87 20.35
N PRO B 41 30.88 14.38 21.56
CA PRO B 41 29.93 14.11 22.65
C PRO B 41 28.54 14.64 22.36
N GLY B 42 27.55 13.89 22.82
CA GLY B 42 26.18 14.32 22.70
C GLY B 42 25.60 14.13 21.32
N LYS B 43 26.43 14.21 20.29
CA LYS B 43 25.96 14.16 18.92
C LYS B 43 26.20 12.78 18.34
N ALA B 44 25.39 12.43 17.34
CA ALA B 44 25.37 11.09 16.79
C ALA B 44 26.77 10.66 16.36
N PRO B 45 27.04 9.37 16.32
CA PRO B 45 28.36 8.92 15.88
C PRO B 45 28.47 8.95 14.37
N LYS B 46 29.67 9.18 13.90
CA LYS B 46 29.92 9.18 12.47
C LYS B 46 30.42 7.82 12.06
N LEU B 47 30.41 7.57 10.76
CA LEU B 47 31.09 6.40 10.23
C LEU B 47 32.45 6.84 9.75
N LEU B 48 33.52 6.28 10.29
CA LEU B 48 34.78 6.69 9.72
C LEU B 48 35.25 5.74 8.61
N ILE B 49 35.59 4.50 8.93
CA ILE B 49 36.07 3.57 7.92
C ILE B 49 35.40 2.24 8.15
N TYR B 50 35.42 1.41 7.13
CA TYR B 50 34.71 0.15 7.21
C TYR B 50 35.60 -0.95 6.68
N SER B 51 35.27 -2.18 7.05
CA SER B 51 35.96 -3.37 6.60
C SER B 51 37.44 -3.37 6.96
N ALA B 52 37.89 -2.39 7.73
CA ALA B 52 39.21 -2.22 8.34
C ALA B 52 40.24 -1.66 7.40
N SER B 53 39.89 -1.35 6.17
CA SER B 53 40.83 -0.75 5.23
C SER B 53 40.35 0.56 4.64
N SER B 54 39.13 0.60 4.15
CA SER B 54 38.70 1.55 3.14
C SER B 54 37.74 2.59 3.69
N LEU B 55 38.06 3.85 3.46
CA LEU B 55 37.33 4.96 4.02
C LEU B 55 35.93 5.05 3.46
N TYR B 56 35.12 5.86 4.11
CA TYR B 56 33.80 6.26 3.64
C TYR B 56 33.99 7.45 2.70
N SER B 57 32.90 8.16 2.42
CA SER B 57 32.98 9.41 1.67
C SER B 57 33.09 10.60 2.61
N GLY B 58 33.57 11.72 2.07
CA GLY B 58 33.67 12.95 2.82
C GLY B 58 34.65 12.90 3.97
N VAL B 59 35.44 11.84 4.05
CA VAL B 59 36.29 11.62 5.22
C VAL B 59 37.75 11.92 4.87
N PRO B 60 38.46 12.66 5.70
CA PRO B 60 39.85 13.01 5.37
C PRO B 60 40.73 11.80 5.31
N SER B 61 41.77 11.90 4.49
CA SER B 61 42.74 10.82 4.26
C SER B 61 43.97 10.98 5.15
N ARG B 62 43.75 11.06 6.45
CA ARG B 62 44.81 10.98 7.43
C ARG B 62 44.61 9.85 8.40
N PHE B 63 43.49 9.13 8.27
CA PHE B 63 43.08 8.05 9.15
C PHE B 63 43.43 6.71 8.52
N SER B 64 44.16 5.89 9.26
CA SER B 64 44.67 4.64 8.76
C SER B 64 43.95 3.49 9.43
N GLY B 65 43.54 2.50 8.64
CA GLY B 65 43.00 1.29 9.18
C GLY B 65 43.89 0.13 8.85
N SER B 66 44.17 -0.73 9.82
CA SER B 66 45.11 -1.81 9.68
C SER B 66 44.51 -3.07 10.26
N ARG B 67 44.73 -4.20 9.62
CA ARG B 67 44.27 -5.49 10.11
C ARG B 67 45.46 -6.41 10.28
N SER B 68 45.35 -7.35 11.21
CA SER B 68 46.36 -8.42 11.28
C SER B 68 45.73 -9.59 12.03
N GLY B 69 45.31 -10.60 11.30
CA GLY B 69 44.72 -11.72 12.00
C GLY B 69 43.45 -11.24 12.67
N THR B 70 43.49 -11.04 13.99
CA THR B 70 42.40 -10.39 14.69
C THR B 70 42.85 -9.21 15.54
N ASP B 71 44.12 -8.84 15.49
CA ASP B 71 44.59 -7.59 16.05
C ASP B 71 44.33 -6.52 15.01
N PHE B 72 43.34 -5.69 15.25
CA PHE B 72 43.01 -4.58 14.37
C PHE B 72 43.73 -3.35 14.84
N THR B 73 43.59 -2.28 14.09
CA THR B 73 44.23 -1.05 14.49
C THR B 73 43.67 0.10 13.69
N LEU B 74 43.42 1.19 14.39
CA LEU B 74 43.03 2.46 13.78
C LEU B 74 44.05 3.48 14.24
N THR B 75 44.84 4.00 13.31
CA THR B 75 45.96 4.87 13.65
C THR B 75 45.89 6.19 12.92
N ILE B 76 46.61 7.16 13.47
CA ILE B 76 46.52 8.56 13.06
C ILE B 76 47.94 9.13 13.05
N SER B 77 48.13 10.17 12.24
CA SER B 77 49.29 11.04 12.45
C SER B 77 49.00 12.52 12.32
N SER B 78 47.85 12.92 11.77
CA SER B 78 47.63 14.33 11.51
C SER B 78 47.14 15.06 12.76
N LEU B 79 46.00 14.65 13.31
CA LEU B 79 45.45 15.23 14.53
C LEU B 79 45.14 16.71 14.38
N GLN B 80 44.27 17.02 13.43
CA GLN B 80 43.64 18.32 13.45
C GLN B 80 42.67 18.41 14.62
N PRO B 81 42.69 19.48 15.37
CA PRO B 81 41.98 19.50 16.64
C PRO B 81 40.48 19.30 16.54
N GLU B 82 39.96 19.06 15.33
CA GLU B 82 38.58 18.59 15.20
C GLU B 82 38.41 17.18 15.73
N ASP B 83 39.51 16.53 16.11
CA ASP B 83 39.56 15.23 16.77
C ASP B 83 39.22 15.39 18.24
N PHE B 84 39.72 14.49 19.08
CA PHE B 84 39.40 14.50 20.51
C PHE B 84 37.91 14.21 20.71
N ALA B 85 37.59 12.96 20.46
CA ALA B 85 36.28 12.40 20.78
C ALA B 85 36.50 10.92 21.09
N THR B 86 35.43 10.13 21.02
CA THR B 86 35.49 8.73 21.39
C THR B 86 35.16 7.84 20.20
N TYR B 87 35.99 6.84 19.92
CA TYR B 87 35.82 5.97 18.76
C TYR B 87 35.39 4.58 19.17
N TYR B 88 34.40 4.03 18.47
CA TYR B 88 33.82 2.73 18.76
C TYR B 88 33.95 1.81 17.56
N CYS B 89 34.54 0.62 17.72
CA CYS B 89 34.82 -0.24 16.57
C CYS B 89 33.84 -1.39 16.51
N GLN B 90 32.66 -1.13 15.98
CA GLN B 90 31.63 -2.16 15.88
C GLN B 90 32.05 -3.25 14.93
N GLN B 91 31.62 -4.47 15.20
CA GLN B 91 31.81 -5.59 14.29
C GLN B 91 30.48 -6.24 13.96
N GLY B 92 30.34 -6.72 12.73
CA GLY B 92 29.03 -7.20 12.32
C GLY B 92 29.01 -8.52 11.58
N TYR B 93 28.34 -9.52 12.15
CA TYR B 93 28.58 -10.88 11.69
C TYR B 93 27.42 -11.75 12.16
N SER B 94 26.78 -12.43 11.23
CA SER B 94 25.83 -13.49 11.55
C SER B 94 24.79 -12.99 12.56
N LYS B 95 24.00 -12.02 12.13
CA LYS B 95 22.83 -11.60 12.89
C LYS B 95 23.21 -11.10 14.26
N LEU B 96 24.50 -11.09 14.58
CA LEU B 96 24.96 -10.53 15.84
C LEU B 96 25.96 -9.43 15.56
N ILE B 97 25.65 -8.25 16.08
CA ILE B 97 26.41 -7.03 15.88
C ILE B 97 26.77 -6.53 17.25
N THR B 98 28.04 -6.22 17.47
CA THR B 98 28.45 -5.70 18.76
C THR B 98 29.33 -4.49 18.55
N PHE B 99 28.96 -3.39 19.17
CA PHE B 99 29.87 -2.28 19.31
C PHE B 99 30.61 -2.49 20.60
N GLY B 100 31.90 -2.44 20.55
CA GLY B 100 32.67 -2.62 21.76
C GLY B 100 32.84 -1.33 22.54
N GLN B 101 33.28 -1.45 23.78
CA GLN B 101 33.41 -0.31 24.68
C GLN B 101 34.63 0.52 24.30
N GLY B 102 34.40 1.70 23.72
CA GLY B 102 35.42 2.41 22.99
C GLY B 102 36.42 3.14 23.86
N THR B 103 37.22 3.96 23.20
CA THR B 103 38.28 4.72 23.84
C THR B 103 37.97 6.20 23.76
N LYS B 104 38.88 7.01 24.31
CA LYS B 104 38.82 8.45 24.14
C LYS B 104 40.24 8.97 23.93
N VAL B 105 40.35 10.27 23.69
CA VAL B 105 41.65 10.88 23.43
C VAL B 105 41.76 12.17 24.22
N GLU B 106 42.68 12.22 25.16
CA GLU B 106 42.86 13.38 26.01
C GLU B 106 44.03 14.21 25.52
N ILE B 107 43.89 15.53 25.54
CA ILE B 107 44.97 16.43 25.12
C ILE B 107 46.08 16.48 26.19
N LYS B 108 47.28 16.86 25.79
CA LYS B 108 48.41 16.91 26.72
C LYS B 108 48.68 18.30 27.31
N ARG B 109 49.19 18.31 28.55
CA ARG B 109 49.51 19.54 29.28
C ARG B 109 50.40 19.21 30.48
N THR B 110 50.97 20.24 31.10
CA THR B 110 51.82 20.07 32.28
C THR B 110 50.95 19.66 33.47
N VAL B 111 51.54 18.96 34.44
CA VAL B 111 50.74 18.51 35.57
C VAL B 111 50.28 19.71 36.40
N ALA B 112 48.97 19.86 36.50
CA ALA B 112 48.36 21.04 37.11
C ALA B 112 48.14 20.79 38.58
N ALA B 113 48.68 21.68 39.41
CA ALA B 113 48.61 21.54 40.85
C ALA B 113 47.15 21.51 41.28
N PRO B 114 46.72 20.48 42.01
CA PRO B 114 45.35 20.45 42.52
C PRO B 114 45.18 21.22 43.82
N SER B 115 44.14 22.04 43.87
CA SER B 115 43.79 22.82 45.05
CA SER B 115 43.80 22.81 45.05
C SER B 115 42.44 22.35 45.59
N VAL B 116 42.41 22.02 46.87
CA VAL B 116 41.24 21.43 47.51
C VAL B 116 40.47 22.52 48.23
N PHE B 117 39.17 22.30 48.37
CA PHE B 117 38.31 23.19 49.14
C PHE B 117 37.29 22.35 49.89
N ILE B 118 37.13 22.64 51.17
CA ILE B 118 36.17 21.94 52.02
C ILE B 118 35.24 22.98 52.62
N PHE B 119 33.97 22.61 52.77
CA PHE B 119 32.94 23.53 53.22
C PHE B 119 31.91 22.74 54.01
N PRO B 120 31.69 23.06 55.28
CA PRO B 120 30.67 22.36 56.07
C PRO B 120 29.28 22.73 55.59
N PRO B 121 28.34 21.78 55.60
CA PRO B 121 27.03 22.04 54.99
C PRO B 121 26.33 23.19 55.68
N SER B 122 25.50 23.88 54.91
CA SER B 122 24.79 25.05 55.43
C SER B 122 23.81 24.63 56.52
N ASP B 123 23.86 25.34 57.64
CA ASP B 123 22.80 25.19 58.64
C ASP B 123 21.44 25.50 58.03
N SER B 124 21.42 26.25 56.92
CA SER B 124 20.23 26.34 56.10
C SER B 124 19.75 24.96 55.68
N GLN B 125 20.67 24.00 55.55
CA GLN B 125 20.38 22.68 55.02
C GLN B 125 20.09 21.64 56.12
N LEU B 126 20.80 21.68 57.25
CA LEU B 126 20.76 20.56 58.19
C LEU B 126 19.36 20.25 58.69
N LYS B 127 18.41 21.18 58.55
CA LYS B 127 17.08 20.96 59.12
C LYS B 127 16.38 19.76 58.50
N SER B 128 16.44 19.65 57.17
CA SER B 128 15.67 18.62 56.45
C SER B 128 16.03 17.21 56.86
N GLY B 129 17.08 17.02 57.64
CA GLY B 129 17.44 15.72 58.14
C GLY B 129 18.66 15.11 57.50
N THR B 130 19.35 15.83 56.62
CA THR B 130 20.53 15.30 55.95
C THR B 130 21.59 16.39 55.91
N ALA B 131 22.78 16.01 55.44
CA ALA B 131 23.78 16.95 55.00
C ALA B 131 24.39 16.42 53.70
N SER B 132 25.10 17.31 52.99
CA SER B 132 25.85 16.89 51.81
C SER B 132 27.09 17.77 51.72
N VAL B 133 28.17 17.30 52.35
CA VAL B 133 29.39 18.09 52.44
C VAL B 133 30.28 17.78 51.24
N VAL B 134 30.96 18.81 50.73
CA VAL B 134 31.73 18.70 49.51
C VAL B 134 33.15 19.19 49.78
N CYS B 135 34.12 18.29 49.56
CA CYS B 135 35.55 18.58 49.71
C CYS B 135 36.20 18.32 48.34
N LEU B 136 35.74 19.04 47.32
CA LEU B 136 36.23 18.88 45.95
C LEU B 136 37.60 19.48 45.62
N LEU B 137 37.95 19.44 44.33
CA LEU B 137 39.21 19.97 43.82
C LEU B 137 38.97 20.85 42.58
N ASN B 138 40.03 21.50 42.09
CA ASN B 138 39.93 22.38 40.94
C ASN B 138 41.25 22.49 40.19
N ASN B 139 41.16 22.53 38.86
CA ASN B 139 42.26 22.80 37.94
C ASN B 139 43.47 21.89 38.21
N PHE B 140 43.25 20.60 37.94
CA PHE B 140 44.28 19.60 38.07
C PHE B 140 44.40 18.78 36.78
N TYR B 141 45.59 18.24 36.57
CA TYR B 141 46.02 17.54 35.36
C TYR B 141 47.07 16.50 35.75
N PRO B 142 46.87 15.20 35.50
CA PRO B 142 45.83 14.52 34.74
C PRO B 142 44.52 14.35 35.48
N ARG B 143 43.70 13.46 34.92
CA ARG B 143 42.40 13.17 35.50
C ARG B 143 42.49 12.31 36.75
N GLU B 144 43.53 11.49 36.87
CA GLU B 144 43.56 10.48 37.93
C GLU B 144 43.83 11.17 39.27
N ALA B 145 42.79 11.28 40.09
CA ALA B 145 42.90 11.84 41.43
C ALA B 145 42.24 10.90 42.41
N LYS B 146 43.00 10.47 43.42
CA LYS B 146 42.46 9.63 44.48
C LYS B 146 42.20 10.49 45.70
N VAL B 147 41.06 10.26 46.34
CA VAL B 147 40.60 11.09 47.43
C VAL B 147 40.17 10.20 48.59
N GLN B 148 40.21 10.77 49.79
CA GLN B 148 39.81 10.04 50.98
C GLN B 148 39.01 10.94 51.89
N TRP B 149 37.73 10.62 52.06
CA TRP B 149 36.97 11.12 53.18
C TRP B 149 37.40 10.39 54.44
N LYS B 150 37.60 11.13 55.52
CA LYS B 150 37.96 10.53 56.80
C LYS B 150 37.23 11.29 57.90
N VAL B 151 36.04 10.82 58.25
CA VAL B 151 35.23 11.43 59.28
C VAL B 151 35.66 10.86 60.62
N ASP B 152 35.95 11.75 61.57
CA ASP B 152 36.47 11.39 62.90
C ASP B 152 37.53 10.30 62.79
N ASN B 153 38.41 10.47 61.81
CA ASN B 153 39.57 9.60 61.61
C ASN B 153 39.13 8.17 61.33
N ALA B 154 38.43 8.01 60.21
CA ALA B 154 37.92 6.71 59.79
C ALA B 154 38.05 6.56 58.28
N LEU B 155 38.20 5.32 57.84
CA LEU B 155 38.20 5.01 56.41
C LEU B 155 36.75 5.06 55.93
N GLN B 156 36.38 6.21 55.38
CA GLN B 156 35.05 6.36 54.81
C GLN B 156 35.04 5.68 53.43
N SER B 157 34.15 4.71 53.28
CA SER B 157 33.99 3.97 52.04
C SER B 157 32.50 3.80 51.75
N GLY B 158 32.14 3.85 50.47
CA GLY B 158 30.76 3.67 50.05
C GLY B 158 29.91 4.91 50.14
N ASN B 159 30.44 6.01 50.70
CA ASN B 159 29.70 7.26 50.84
C ASN B 159 30.34 8.38 50.04
N SER B 160 30.63 8.12 48.77
CA SER B 160 31.28 9.09 47.90
C SER B 160 30.82 8.86 46.48
N GLN B 161 30.40 9.92 45.80
CA GLN B 161 29.92 9.84 44.43
C GLN B 161 30.49 11.03 43.67
N GLU B 162 31.61 10.82 42.99
CA GLU B 162 32.41 11.90 42.44
C GLU B 162 32.12 12.11 40.97
N SER B 163 31.99 13.39 40.57
CA SER B 163 31.72 13.79 39.21
C SER B 163 32.88 14.63 38.69
N VAL B 164 33.11 14.55 37.39
CA VAL B 164 34.21 15.29 36.77
C VAL B 164 33.82 15.76 35.38
N THR B 165 33.97 17.06 35.17
CA THR B 165 33.71 17.73 33.91
C THR B 165 34.64 17.20 32.82
N GLU B 166 34.39 17.59 31.57
CA GLU B 166 35.28 17.19 30.48
C GLU B 166 36.38 18.21 30.30
N GLN B 167 37.53 17.73 29.83
CA GLN B 167 38.77 18.49 29.89
C GLN B 167 38.59 19.89 29.32
N ASP B 168 39.24 20.85 29.97
CA ASP B 168 39.05 22.23 29.59
C ASP B 168 39.51 22.47 28.15
N SER B 169 38.79 23.34 27.45
CA SER B 169 39.10 23.63 26.05
C SER B 169 40.30 24.55 25.90
N LYS B 170 40.55 25.42 26.87
CA LYS B 170 41.54 26.48 26.73
C LYS B 170 42.92 26.03 27.20
N ASP B 171 43.03 25.66 28.48
CA ASP B 171 44.28 25.16 29.04
C ASP B 171 44.15 23.74 29.60
N SER B 172 42.99 23.11 29.43
CA SER B 172 42.83 21.66 29.56
C SER B 172 43.28 21.16 30.94
N THR B 173 42.51 21.55 31.95
CA THR B 173 42.59 20.90 33.25
C THR B 173 41.22 20.39 33.66
N TYR B 174 41.18 19.75 34.81
CA TYR B 174 39.99 19.12 35.35
C TYR B 174 39.61 19.72 36.69
N SER B 175 38.44 19.32 37.17
CA SER B 175 37.96 19.68 38.50
C SER B 175 37.26 18.46 39.08
N LEU B 176 36.77 18.58 40.31
CA LEU B 176 36.14 17.42 40.91
C LEU B 176 35.18 17.85 42.01
N SER B 177 34.08 17.10 42.14
CA SER B 177 33.08 17.31 43.17
C SER B 177 32.77 15.98 43.81
N SER B 178 33.03 15.86 45.11
CA SER B 178 32.69 14.67 45.88
C SER B 178 31.71 15.04 46.98
N THR B 179 30.58 14.33 47.01
CA THR B 179 29.44 14.68 47.86
C THR B 179 29.25 13.59 48.92
N LEU B 180 29.87 13.77 50.08
CA LEU B 180 29.60 12.95 51.24
C LEU B 180 28.31 13.43 51.90
N THR B 181 27.32 12.56 51.96
CA THR B 181 26.04 12.87 52.59
C THR B 181 25.93 12.17 53.93
N LEU B 182 25.16 12.77 54.83
CA LEU B 182 24.89 12.19 56.14
C LEU B 182 23.50 12.56 56.60
N SER B 183 22.77 11.59 57.13
CA SER B 183 21.44 11.84 57.62
C SER B 183 21.49 12.61 58.94
N LYS B 184 20.31 12.86 59.51
CA LYS B 184 20.24 13.69 60.71
C LYS B 184 20.83 12.97 61.92
N ALA B 185 20.58 11.67 62.05
CA ALA B 185 21.06 10.93 63.21
C ALA B 185 22.57 10.84 63.24
N ASP B 186 23.25 11.20 62.15
CA ASP B 186 24.68 10.98 62.03
C ASP B 186 25.48 12.26 62.22
N TYR B 187 25.22 13.28 61.40
CA TYR B 187 26.08 14.47 61.40
C TYR B 187 26.00 15.26 62.69
N GLU B 188 25.29 14.74 63.69
CA GLU B 188 25.15 15.44 64.95
C GLU B 188 26.09 14.92 66.03
N LYS B 189 26.72 13.77 65.82
CA LYS B 189 27.56 13.14 66.83
C LYS B 189 29.04 13.14 66.50
N HIS B 190 29.46 13.75 65.40
CA HIS B 190 30.86 13.82 65.03
C HIS B 190 31.26 15.27 64.78
N LYS B 191 32.49 15.61 65.15
CA LYS B 191 32.91 17.00 65.28
C LYS B 191 33.92 17.44 64.23
N VAL B 192 35.00 16.67 64.04
CA VAL B 192 36.04 17.01 63.08
C VAL B 192 35.91 16.09 61.87
N TYR B 193 35.60 16.68 60.72
CA TYR B 193 35.36 15.96 59.46
C TYR B 193 36.50 16.22 58.50
N ALA B 194 37.29 15.18 58.23
CA ALA B 194 38.55 15.31 57.52
C ALA B 194 38.47 14.69 56.14
N CYS B 195 38.87 15.44 55.12
CA CYS B 195 38.88 14.96 53.75
C CYS B 195 40.30 14.95 53.21
N GLU B 196 40.68 13.86 52.54
CA GLU B 196 42.03 13.68 52.04
C GLU B 196 41.99 13.48 50.53
N VAL B 197 43.07 13.91 49.87
CA VAL B 197 43.25 13.71 48.44
C VAL B 197 44.63 13.11 48.21
N THR B 198 44.80 12.49 47.05
CA THR B 198 46.06 11.85 46.67
C THR B 198 46.29 12.09 45.19
N HIS B 199 47.28 12.92 44.86
CA HIS B 199 47.59 13.20 43.47
C HIS B 199 49.08 13.37 43.27
N GLN B 200 49.55 12.98 42.08
CA GLN B 200 50.96 13.09 41.74
C GLN B 200 51.40 14.53 41.62
N GLY B 201 50.48 15.43 41.25
CA GLY B 201 50.78 16.85 41.30
C GLY B 201 51.09 17.35 42.69
N LEU B 202 50.56 16.68 43.72
CA LEU B 202 50.85 17.02 45.10
C LEU B 202 51.99 16.15 45.59
N SER B 203 53.10 16.80 45.95
CA SER B 203 54.23 16.07 46.53
C SER B 203 53.81 15.32 47.78
N SER B 204 52.75 15.79 48.45
CA SER B 204 52.23 15.15 49.65
CA SER B 204 52.22 15.16 49.65
C SER B 204 50.71 15.07 49.55
N PRO B 205 50.13 13.87 49.61
CA PRO B 205 48.67 13.79 49.66
C PRO B 205 48.14 14.55 50.88
N VAL B 206 47.50 15.69 50.62
CA VAL B 206 47.00 16.60 51.67
C VAL B 206 45.83 16.14 52.54
N THR B 207 45.35 17.04 53.39
CA THR B 207 44.25 16.72 54.29
C THR B 207 43.35 17.87 54.80
N LYS B 208 42.22 18.04 54.12
CA LYS B 208 41.17 18.98 54.46
C LYS B 208 40.45 18.45 55.71
N SER B 209 39.92 19.34 56.52
CA SER B 209 39.25 19.12 57.79
C SER B 209 38.43 20.35 58.16
N PHE B 210 37.64 20.22 59.22
CA PHE B 210 37.01 21.37 59.89
C PHE B 210 36.46 20.93 61.25
N ASN B 211 35.81 21.87 61.92
CA ASN B 211 35.13 21.64 63.19
C ASN B 211 33.64 21.86 63.04
N ARG B 212 32.84 21.19 63.87
CA ARG B 212 31.39 21.23 63.70
C ARG B 212 30.82 22.40 64.50
N GLY B 213 31.03 23.60 63.97
CA GLY B 213 30.50 24.81 64.57
C GLY B 213 30.40 25.97 63.60
N SER C 3 16.30 13.32 -2.16
CA SER C 3 16.84 14.41 -1.35
C SER C 3 18.19 14.07 -0.72
N GLU C 4 18.30 14.38 0.57
CA GLU C 4 19.42 13.96 1.38
C GLU C 4 18.87 13.11 2.51
N VAL C 5 19.66 12.13 2.93
CA VAL C 5 19.16 11.09 3.83
C VAL C 5 18.88 11.69 5.19
N GLN C 6 17.65 11.52 5.66
CA GLN C 6 17.15 12.20 6.85
C GLN C 6 16.29 11.22 7.64
N LEU C 7 16.83 10.71 8.74
CA LEU C 7 16.12 9.80 9.62
C LEU C 7 15.77 10.54 10.89
N VAL C 8 14.49 10.57 11.24
CA VAL C 8 14.07 11.21 12.48
C VAL C 8 13.47 10.15 13.37
N GLU C 9 13.28 10.50 14.64
CA GLU C 9 12.69 9.59 15.60
C GLU C 9 11.42 10.20 16.15
N SER C 10 10.87 9.60 17.18
CA SER C 10 9.65 10.09 17.78
C SER C 10 9.49 9.47 19.15
N GLY C 11 8.27 9.58 19.69
CA GLY C 11 7.86 8.90 20.90
C GLY C 11 8.78 9.14 22.07
N GLY C 12 8.60 8.37 23.14
CA GLY C 12 9.59 8.34 24.20
C GLY C 12 9.66 9.59 25.03
N GLY C 13 10.07 9.45 26.28
CA GLY C 13 10.04 10.58 27.18
C GLY C 13 9.71 10.29 28.62
N LEU C 14 8.98 9.21 28.91
CA LEU C 14 8.79 8.83 30.29
C LEU C 14 8.16 7.45 30.46
N VAL C 15 8.77 6.60 31.29
CA VAL C 15 8.07 5.43 31.81
C VAL C 15 8.84 4.89 33.00
N GLN C 16 8.15 4.17 33.86
CA GLN C 16 8.67 3.49 35.03
C GLN C 16 8.91 2.03 34.69
N PRO C 17 9.52 1.25 35.59
CA PRO C 17 9.62 -0.19 35.33
C PRO C 17 8.26 -0.83 35.18
N GLY C 18 8.14 -1.70 34.19
CA GLY C 18 6.86 -2.32 33.92
C GLY C 18 5.94 -1.56 32.99
N GLY C 19 6.49 -1.00 31.91
CA GLY C 19 5.70 -0.16 31.03
C GLY C 19 6.02 -0.43 29.58
N SER C 20 5.13 0.05 28.73
CA SER C 20 5.24 -0.11 27.30
C SER C 20 5.67 1.21 26.67
N LEU C 21 6.09 1.14 25.40
CA LEU C 21 6.41 2.38 24.68
C LEU C 21 6.55 2.02 23.20
N ARG C 22 6.53 3.05 22.35
CA ARG C 22 6.69 2.85 20.92
C ARG C 22 7.58 3.93 20.35
N LEU C 23 8.71 3.55 19.76
CA LEU C 23 9.67 4.49 19.22
C LEU C 23 9.65 4.40 17.70
N SER C 24 9.28 5.48 17.03
CA SER C 24 9.00 5.44 15.60
C SER C 24 10.06 6.21 14.84
N CYS C 25 10.85 5.49 14.05
CA CYS C 25 11.94 6.05 13.24
C CYS C 25 11.44 6.24 11.82
N ALA C 26 11.23 7.48 11.42
CA ALA C 26 10.68 7.78 10.10
C ALA C 26 11.81 8.25 9.22
N ALA C 27 12.04 7.51 8.14
CA ALA C 27 13.09 7.86 7.20
C ALA C 27 12.54 8.82 6.16
N SER C 28 13.46 9.47 5.46
CA SER C 28 13.08 10.43 4.44
C SER C 28 14.28 10.63 3.54
N GLY C 29 14.09 10.35 2.26
CA GLY C 29 15.16 10.45 1.30
C GLY C 29 15.44 9.17 0.57
N PHE C 30 14.82 8.07 0.98
CA PHE C 30 15.03 6.81 0.28
C PHE C 30 13.87 5.88 0.56
N ASN C 31 13.82 4.79 -0.18
CA ASN C 31 12.82 3.77 0.07
C ASN C 31 13.27 2.90 1.22
N LEU C 32 12.31 2.51 2.06
CA LEU C 32 12.66 1.79 3.27
C LEU C 32 13.09 0.37 2.95
N TYR C 33 12.33 -0.31 2.12
CA TYR C 33 12.59 -1.72 1.91
C TYR C 33 13.81 -1.98 1.11
N SER C 34 14.66 -1.01 0.88
CA SER C 34 15.85 -1.36 0.13
C SER C 34 17.00 -1.73 1.03
N SER C 35 17.02 -1.26 2.27
CA SER C 35 18.17 -1.53 3.11
C SER C 35 17.71 -1.97 4.48
N TYR C 36 18.68 -2.42 5.29
CA TYR C 36 18.41 -2.86 6.64
C TYR C 36 18.22 -1.67 7.57
N ILE C 37 17.65 -1.91 8.74
CA ILE C 37 17.43 -0.86 9.73
C ILE C 37 17.73 -1.37 11.13
N HIS C 38 18.59 -0.66 11.85
CA HIS C 38 18.97 -1.06 13.20
C HIS C 38 18.45 -0.10 14.26
N TRP C 39 18.80 -0.38 15.51
CA TRP C 39 18.38 0.45 16.64
C TRP C 39 19.44 0.45 17.73
N VAL C 40 20.41 1.34 17.64
CA VAL C 40 21.46 1.42 18.65
C VAL C 40 20.93 2.09 19.91
N ARG C 41 21.60 1.87 21.02
CA ARG C 41 21.20 2.45 22.29
C ARG C 41 22.44 2.93 22.99
N GLN C 42 22.54 4.24 23.17
CA GLN C 42 23.71 4.85 23.78
C GLN C 42 23.46 4.97 25.26
N ALA C 43 24.31 4.33 26.04
CA ALA C 43 24.18 4.42 27.48
C ALA C 43 24.25 5.87 27.92
N PRO C 44 23.61 6.25 29.00
CA PRO C 44 23.86 7.57 29.56
C PRO C 44 25.23 7.64 30.20
N GLY C 45 26.24 7.78 29.36
CA GLY C 45 27.60 8.06 29.80
C GLY C 45 28.58 6.91 29.75
N LYS C 46 28.15 5.73 29.31
CA LYS C 46 29.01 4.55 29.40
C LYS C 46 29.42 4.00 28.04
N GLY C 47 28.47 3.67 27.17
CA GLY C 47 28.84 3.03 25.94
C GLY C 47 27.65 2.94 25.00
N LEU C 48 27.83 2.15 23.94
CA LEU C 48 26.96 2.18 22.77
C LEU C 48 26.66 0.74 22.36
N GLU C 49 25.43 0.26 22.57
CA GLU C 49 25.11 -1.14 22.37
C GLU C 49 23.95 -1.34 21.42
N TRP C 50 24.13 -2.24 20.46
CA TRP C 50 23.12 -2.52 19.44
C TRP C 50 21.84 -3.00 20.10
N VAL C 51 20.74 -2.93 19.38
CA VAL C 51 19.55 -3.51 19.95
C VAL C 51 18.85 -4.49 19.05
N ALA C 52 18.71 -4.18 17.78
CA ALA C 52 17.84 -5.02 16.97
C ALA C 52 18.12 -4.77 15.50
N TYR C 53 17.32 -5.36 14.63
CA TYR C 53 17.14 -4.86 13.27
C TYR C 53 15.99 -5.56 12.61
N ILE C 54 15.60 -5.06 11.45
CA ILE C 54 14.56 -5.67 10.64
C ILE C 54 14.83 -5.31 9.19
N SER C 55 14.65 -6.28 8.31
CA SER C 55 14.71 -6.05 6.87
C SER C 55 13.36 -6.38 6.28
N SER C 56 12.71 -5.40 5.71
CA SER C 56 11.35 -5.58 5.26
C SER C 56 11.26 -6.11 3.87
N TYR C 57 12.36 -6.50 3.24
CA TYR C 57 12.28 -7.08 1.91
C TYR C 57 12.61 -8.54 1.88
N TYR C 58 13.21 -9.07 2.92
CA TYR C 58 13.23 -10.51 3.13
C TYR C 58 12.55 -10.87 4.43
N GLY C 59 11.84 -9.94 5.05
CA GLY C 59 11.11 -10.24 6.27
C GLY C 59 11.90 -10.76 7.43
N SER C 60 13.15 -10.32 7.59
CA SER C 60 14.05 -10.95 8.55
C SER C 60 14.36 -10.01 9.69
N THR C 61 13.94 -10.38 10.90
CA THR C 61 14.13 -9.59 12.09
C THR C 61 15.20 -10.23 12.95
N SER C 62 15.74 -9.47 13.88
CA SER C 62 16.70 -10.08 14.79
C SER C 62 17.04 -9.19 15.97
N TYR C 63 16.91 -9.70 17.18
CA TYR C 63 17.12 -8.96 18.41
C TYR C 63 18.38 -9.41 19.12
N ALA C 64 18.96 -8.51 19.89
CA ALA C 64 20.02 -8.97 20.76
C ALA C 64 19.41 -9.66 21.96
N ASP C 65 20.24 -10.42 22.68
CA ASP C 65 19.72 -11.26 23.75
C ASP C 65 18.96 -10.46 24.79
N SER C 66 19.60 -9.46 25.36
CA SER C 66 19.10 -8.76 26.54
C SER C 66 17.68 -8.25 26.36
N VAL C 67 17.11 -8.37 25.17
CA VAL C 67 15.81 -7.81 24.87
C VAL C 67 14.88 -8.82 24.25
N LYS C 68 15.34 -10.02 23.99
CA LYS C 68 14.60 -10.95 23.16
C LYS C 68 13.23 -11.25 23.76
N GLY C 69 12.26 -11.42 22.89
CA GLY C 69 10.93 -11.71 23.37
C GLY C 69 10.21 -10.49 23.87
N ARG C 70 10.95 -9.53 24.43
CA ARG C 70 10.30 -8.37 25.02
C ARG C 70 10.02 -7.25 24.02
N PHE C 71 11.03 -6.81 23.29
CA PHE C 71 10.87 -5.78 22.28
C PHE C 71 10.34 -6.42 21.01
N THR C 72 9.64 -5.64 20.19
CA THR C 72 9.23 -6.16 18.88
C THR C 72 9.46 -5.08 17.85
N ILE C 73 10.11 -5.40 16.78
CA ILE C 73 10.26 -4.40 15.73
C ILE C 73 9.14 -4.55 14.74
N SER C 74 8.91 -3.51 13.96
CA SER C 74 8.07 -3.67 12.79
C SER C 74 8.40 -2.56 11.83
N ALA C 75 8.01 -2.72 10.58
CA ALA C 75 8.43 -1.77 9.55
C ALA C 75 7.27 -1.53 8.62
N ASP C 76 6.56 -0.45 8.86
CA ASP C 76 5.42 -0.10 8.03
C ASP C 76 5.92 0.57 6.76
N THR C 77 5.86 -0.14 5.64
CA THR C 77 6.23 0.45 4.37
C THR C 77 5.06 1.06 3.64
N SER C 78 4.03 1.52 4.35
CA SER C 78 3.07 2.40 3.69
C SER C 78 3.45 3.85 3.88
N LYS C 79 4.27 4.15 4.87
CA LYS C 79 4.64 5.53 5.08
C LYS C 79 6.10 5.66 5.51
N ASN C 80 6.95 4.71 5.12
CA ASN C 80 8.36 4.76 5.44
C ASN C 80 8.58 4.92 6.94
N THR C 81 8.22 3.89 7.71
CA THR C 81 8.32 4.02 9.15
C THR C 81 8.85 2.74 9.75
N ALA C 82 9.65 2.86 10.81
CA ALA C 82 10.19 1.69 11.48
C ALA C 82 9.89 1.79 12.97
N TYR C 83 8.96 1.00 13.44
CA TYR C 83 8.59 1.01 14.84
C TYR C 83 9.50 0.11 15.64
N LEU C 84 9.69 0.48 16.91
CA LEU C 84 10.19 -0.44 17.92
C LEU C 84 9.29 -0.33 19.15
N GLN C 85 8.54 -1.39 19.43
CA GLN C 85 7.65 -1.41 20.58
C GLN C 85 8.33 -2.11 21.76
N MET C 86 8.30 -1.46 22.90
CA MET C 86 9.03 -1.92 24.07
C MET C 86 8.06 -2.32 25.16
N ASN C 87 8.40 -3.37 25.90
CA ASN C 87 7.53 -3.88 27.00
C ASN C 87 8.39 -4.25 28.21
N SER C 88 7.87 -4.02 29.41
CA SER C 88 8.57 -4.34 30.69
C SER C 88 9.96 -3.70 30.71
N LEU C 89 10.02 -2.37 30.83
CA LEU C 89 11.31 -1.63 30.87
C LEU C 89 11.88 -1.70 32.30
N ARG C 90 13.20 -1.92 32.42
CA ARG C 90 13.85 -2.02 33.75
C ARG C 90 14.52 -0.68 34.09
N ALA C 91 15.55 -0.71 34.93
CA ALA C 91 16.27 0.53 35.34
C ALA C 91 17.62 0.62 34.60
N GLU C 92 17.93 -0.40 33.80
CA GLU C 92 19.21 -0.42 33.02
C GLU C 92 18.90 -0.10 31.56
N ASP C 93 17.84 0.68 31.32
CA ASP C 93 17.43 1.05 29.98
C ASP C 93 17.05 2.52 29.89
N THR C 94 17.69 3.37 30.68
CA THR C 94 17.46 4.79 30.56
C THR C 94 18.27 5.41 29.46
N ALA C 95 18.75 4.64 28.51
CA ALA C 95 19.69 5.16 27.56
C ALA C 95 18.97 5.94 26.48
N VAL C 96 19.71 6.55 25.62
CA VAL C 96 19.10 7.24 24.49
C VAL C 96 19.14 6.31 23.30
N TYR C 97 18.21 6.44 22.36
CA TYR C 97 17.94 5.39 21.39
C TYR C 97 17.97 5.91 19.96
N TYR C 98 19.11 5.85 19.30
CA TYR C 98 19.13 6.33 17.94
C TYR C 98 18.61 5.26 17.02
N CYS C 99 17.92 5.67 15.96
CA CYS C 99 17.67 4.81 14.82
C CYS C 99 18.94 4.70 14.00
N ALA C 100 18.91 3.94 12.92
CA ALA C 100 20.05 3.94 12.02
C ALA C 100 19.72 3.14 10.78
N ARG C 101 20.46 3.37 9.71
CA ARG C 101 20.29 2.60 8.48
C ARG C 101 21.58 1.95 8.10
N SER C 102 21.56 0.64 7.95
CA SER C 102 22.79 -0.03 7.61
C SER C 102 23.17 0.24 6.17
N PHE C 103 24.42 0.00 5.89
CA PHE C 103 25.02 0.49 4.67
C PHE C 103 24.68 -0.43 3.51
N SER C 104 24.70 0.13 2.31
CA SER C 104 24.64 -0.65 1.09
C SER C 104 25.79 -0.20 0.22
N ILE C 105 26.36 -1.14 -0.55
CA ILE C 105 27.49 -0.76 -1.42
C ILE C 105 27.01 -0.41 -2.81
N ASN C 106 26.06 -1.18 -3.34
CA ASN C 106 25.60 -0.95 -4.70
C ASN C 106 25.01 0.43 -4.87
N GLY C 107 24.44 0.96 -3.80
CA GLY C 107 23.85 2.28 -3.81
C GLY C 107 22.35 2.33 -3.58
N SER C 108 21.58 1.39 -4.11
CA SER C 108 20.14 1.51 -4.01
C SER C 108 19.44 0.30 -3.44
N TYR C 109 20.16 -0.70 -2.97
CA TYR C 109 19.53 -1.79 -2.26
C TYR C 109 20.63 -2.57 -1.55
N SER C 110 20.23 -3.46 -0.66
CA SER C 110 21.19 -4.28 0.04
C SER C 110 20.77 -5.73 -0.06
N TRP C 111 21.74 -6.61 -0.21
CA TRP C 111 21.48 -8.01 -0.42
C TRP C 111 21.48 -8.71 0.92
N TRP C 112 21.06 -9.98 0.93
CA TRP C 112 21.04 -10.67 2.21
C TRP C 112 22.45 -11.01 2.68
N TRP C 113 23.30 -11.45 1.78
CA TRP C 113 24.64 -11.80 2.22
C TRP C 113 25.31 -10.59 2.84
N ASP C 114 25.95 -10.82 3.97
CA ASP C 114 26.53 -9.74 4.76
C ASP C 114 25.51 -8.63 4.99
N GLN C 115 24.53 -8.99 5.83
CA GLN C 115 23.64 -8.03 6.47
C GLN C 115 24.45 -7.08 7.34
N ALA C 116 24.60 -5.86 6.87
CA ALA C 116 25.12 -4.81 7.72
C ALA C 116 26.54 -5.12 8.18
N ALA C 117 27.36 -5.65 7.28
CA ALA C 117 28.77 -5.84 7.55
C ALA C 117 29.66 -4.81 6.87
N TYR C 118 29.06 -3.81 6.25
CA TYR C 118 29.79 -2.66 5.77
C TYR C 118 29.60 -1.45 6.66
N GLY C 119 28.81 -1.55 7.70
CA GLY C 119 28.61 -0.48 8.65
C GLY C 119 27.24 0.13 8.53
N LEU C 120 27.01 1.13 9.39
CA LEU C 120 25.77 1.90 9.41
C LEU C 120 26.11 3.33 9.07
N ASP C 121 25.43 3.93 8.11
CA ASP C 121 25.90 5.25 7.74
C ASP C 121 25.03 6.37 8.28
N TYR C 122 23.74 6.35 8.02
CA TYR C 122 22.92 7.48 8.43
C TYR C 122 22.24 7.18 9.75
N TRP C 123 22.14 8.18 10.61
CA TRP C 123 21.49 8.05 11.90
C TRP C 123 20.56 9.21 12.11
N GLY C 124 19.82 9.14 13.20
CA GLY C 124 19.00 10.23 13.67
C GLY C 124 19.57 10.73 14.98
N GLN C 125 18.92 11.73 15.53
CA GLN C 125 19.33 12.22 16.84
C GLN C 125 18.44 11.64 17.91
N GLY C 126 19.08 11.10 18.94
CA GLY C 126 18.40 10.14 19.78
C GLY C 126 17.33 10.77 20.64
N THR C 127 16.20 10.09 20.78
CA THR C 127 15.27 10.45 21.83
C THR C 127 15.71 9.80 23.12
N LEU C 128 15.75 10.60 24.19
CA LEU C 128 16.17 10.10 25.49
C LEU C 128 14.97 9.51 26.22
N VAL C 129 15.17 8.36 26.85
CA VAL C 129 14.12 7.65 27.55
C VAL C 129 14.61 7.34 28.96
N THR C 130 13.67 7.06 29.86
CA THR C 130 13.96 6.99 31.29
C THR C 130 13.13 5.90 31.94
N VAL C 131 13.62 5.41 33.09
CA VAL C 131 12.92 4.33 33.84
C VAL C 131 13.02 4.61 35.34
N SER C 132 12.36 5.69 35.81
CA SER C 132 12.38 6.06 37.24
C SER C 132 10.98 5.88 37.85
N SER C 133 10.92 5.56 39.14
CA SER C 133 9.62 5.39 39.85
C SER C 133 9.09 6.76 40.29
N ALA C 134 7.98 6.79 41.02
CA ALA C 134 7.37 8.05 41.51
C ALA C 134 7.24 9.06 40.36
N SER C 135 7.79 10.27 40.54
CA SER C 135 7.73 11.32 39.50
C SER C 135 8.89 12.29 39.67
N THR C 136 8.59 13.61 39.75
CA THR C 136 9.64 14.65 39.91
C THR C 136 9.26 15.57 41.07
N LYS C 137 10.25 16.21 41.69
CA LYS C 137 10.00 17.12 42.85
C LYS C 137 10.77 18.43 42.63
N GLY C 138 10.79 19.30 43.65
CA GLY C 138 11.50 20.59 43.58
C GLY C 138 12.90 20.50 44.15
N PRO C 139 13.92 21.13 43.52
CA PRO C 139 15.29 21.06 44.03
C PRO C 139 15.63 22.19 45.02
N SER C 140 15.37 21.96 46.31
CA SER C 140 15.66 22.97 47.37
C SER C 140 17.17 23.20 47.40
N VAL C 141 17.61 24.43 47.11
CA VAL C 141 19.03 24.74 47.10
C VAL C 141 19.49 25.00 48.52
N PHE C 142 20.74 24.67 48.80
CA PHE C 142 21.38 24.97 50.07
C PHE C 142 22.72 25.64 49.76
N PRO C 143 22.79 26.97 49.78
CA PRO C 143 23.96 27.66 49.24
C PRO C 143 25.26 27.19 49.86
N LEU C 144 26.21 26.83 49.00
CA LEU C 144 27.57 26.53 49.42
C LEU C 144 28.28 27.82 49.77
N ALA C 145 27.98 28.36 50.93
CA ALA C 145 28.55 29.62 51.33
C ALA C 145 30.05 29.48 51.54
N PRO C 146 30.86 30.38 50.99
CA PRO C 146 32.31 30.30 51.21
C PRO C 146 32.61 30.39 52.70
N SER C 147 33.45 29.47 53.18
CA SER C 147 33.76 29.40 54.59
C SER C 147 34.50 30.64 55.06
N SER C 148 34.31 30.98 56.33
CA SER C 148 35.03 32.10 56.90
C SER C 148 36.53 31.81 57.00
N LYS C 149 36.95 30.57 56.78
CA LYS C 149 38.36 30.25 56.62
C LYS C 149 38.81 30.42 55.17
N SER C 150 38.10 31.23 54.40
CA SER C 150 38.41 31.43 52.99
C SER C 150 39.86 31.87 52.83
N THR C 151 40.45 31.46 51.70
CA THR C 151 41.84 31.79 51.41
C THR C 151 41.99 33.30 51.31
N SER C 152 42.68 33.90 52.29
CA SER C 152 42.85 35.34 52.32
C SER C 152 43.58 35.82 51.08
N GLY C 153 42.86 36.52 50.20
CA GLY C 153 43.42 36.98 48.96
C GLY C 153 43.85 35.87 48.04
N GLY C 154 43.30 34.67 48.23
CA GLY C 154 43.64 33.55 47.37
C GLY C 154 42.59 33.31 46.31
N THR C 155 42.43 32.05 45.89
CA THR C 155 41.40 31.70 44.93
C THR C 155 40.29 30.95 45.67
N ALA C 156 39.21 31.66 45.95
CA ALA C 156 38.21 31.20 46.90
C ALA C 156 37.12 30.47 46.13
N ALA C 157 36.78 29.28 46.60
CA ALA C 157 35.69 28.50 46.03
C ALA C 157 34.38 28.87 46.70
N LEU C 158 33.30 28.83 45.92
CA LEU C 158 31.98 29.14 46.42
C LEU C 158 30.96 28.77 45.36
N GLY C 159 29.79 28.35 45.83
CA GLY C 159 28.75 27.94 44.92
C GLY C 159 27.48 27.67 45.68
N CYS C 160 26.66 26.78 45.15
CA CYS C 160 25.47 26.33 45.85
C CYS C 160 25.06 24.99 45.28
N LEU C 161 24.39 24.20 46.12
CA LEU C 161 24.00 22.84 45.77
C LEU C 161 22.52 22.86 45.47
N VAL C 162 22.17 22.79 44.19
CA VAL C 162 20.80 22.58 43.78
C VAL C 162 20.54 21.08 43.86
N LYS C 163 19.56 20.69 44.66
CA LYS C 163 19.43 19.32 45.12
C LYS C 163 18.00 18.82 44.96
N ASP C 164 17.87 17.52 44.80
CA ASP C 164 16.58 16.83 44.68
C ASP C 164 15.68 17.47 43.63
N TYR C 165 16.13 17.39 42.39
CA TYR C 165 15.44 18.03 41.27
C TYR C 165 15.24 17.04 40.14
N PHE C 166 14.16 17.24 39.40
CA PHE C 166 13.83 16.29 38.37
C PHE C 166 12.74 16.87 37.47
N PRO C 167 12.71 16.52 36.18
CA PRO C 167 13.83 15.81 35.57
C PRO C 167 14.82 16.80 34.98
N GLU C 168 15.92 16.30 34.43
CA GLU C 168 16.88 17.16 33.79
C GLU C 168 16.22 17.92 32.63
N PRO C 169 16.80 19.07 32.24
CA PRO C 169 17.93 19.65 32.96
C PRO C 169 17.46 20.78 33.83
N VAL C 170 18.41 21.46 34.44
CA VAL C 170 18.16 22.72 35.13
C VAL C 170 19.28 23.66 34.76
N THR C 171 18.97 24.95 34.69
CA THR C 171 19.96 25.96 34.36
C THR C 171 20.41 26.65 35.64
N VAL C 172 21.72 26.78 35.80
CA VAL C 172 22.34 27.43 36.94
C VAL C 172 23.27 28.51 36.41
N SER C 173 22.91 29.76 36.66
CA SER C 173 23.65 30.91 36.17
C SER C 173 24.11 31.76 37.34
N TRP C 174 25.08 32.63 37.06
CA TRP C 174 25.73 33.41 38.11
C TRP C 174 25.80 34.87 37.70
N ASN C 175 25.75 35.76 38.71
CA ASN C 175 25.46 37.18 38.50
C ASN C 175 24.23 37.37 37.62
N SER C 176 23.31 36.40 37.71
CA SER C 176 22.05 36.41 36.99
C SER C 176 22.25 36.60 35.48
N GLY C 177 23.14 35.78 34.92
CA GLY C 177 23.39 35.85 33.49
C GLY C 177 24.34 36.93 33.06
N ALA C 178 25.09 37.51 34.00
CA ALA C 178 26.09 38.52 33.70
C ALA C 178 27.52 38.06 33.98
N LEU C 179 27.69 36.85 34.51
CA LEU C 179 29.02 36.33 34.84
C LEU C 179 28.94 34.84 35.07
N THR C 180 29.70 34.07 34.29
CA THR C 180 29.88 32.64 34.56
C THR C 180 31.34 32.24 34.44
N SER C 181 32.26 33.18 34.56
CA SER C 181 33.68 32.85 34.57
C SER C 181 34.03 32.18 35.89
N GLY C 182 34.77 31.08 35.81
CA GLY C 182 35.06 30.28 36.98
C GLY C 182 33.93 29.38 37.43
N VAL C 183 32.80 29.41 36.75
CA VAL C 183 31.65 28.59 37.09
C VAL C 183 31.74 27.29 36.31
N HIS C 184 31.71 26.17 37.03
CA HIS C 184 31.68 24.84 36.44
C HIS C 184 30.37 24.19 36.86
N THR C 185 29.55 23.84 35.88
CA THR C 185 28.28 23.18 36.18
C THR C 185 28.50 21.67 36.18
N PHE C 186 28.82 21.14 37.35
CA PHE C 186 29.09 19.72 37.46
C PHE C 186 27.88 18.91 36.99
N PRO C 187 28.07 17.93 36.11
CA PRO C 187 26.93 17.29 35.46
C PRO C 187 25.99 16.63 36.46
N ALA C 188 24.77 16.38 36.02
CA ALA C 188 23.76 15.86 36.92
C ALA C 188 24.14 14.46 37.37
N VAL C 189 24.48 14.31 38.65
CA VAL C 189 24.73 13.00 39.24
C VAL C 189 23.45 12.54 39.93
N LEU C 190 23.26 11.24 40.01
CA LEU C 190 21.99 10.68 40.43
C LEU C 190 22.03 10.30 41.91
N GLN C 191 20.91 10.52 42.60
CA GLN C 191 20.75 10.22 44.02
C GLN C 191 20.08 8.87 44.20
N SER C 192 20.44 8.20 45.30
CA SER C 192 20.18 6.76 45.44
C SER C 192 18.72 6.42 45.20
N SER C 193 17.80 7.09 45.91
CA SER C 193 16.39 6.79 45.78
C SER C 193 15.83 7.09 44.38
N GLY C 194 16.59 7.82 43.54
CA GLY C 194 16.18 8.10 42.18
C GLY C 194 16.30 9.55 41.76
N LEU C 195 16.49 10.47 42.69
CA LEU C 195 16.58 11.88 42.33
C LEU C 195 18.00 12.24 41.96
N TYR C 196 18.30 13.54 41.88
CA TYR C 196 19.58 14.01 41.37
C TYR C 196 20.23 15.05 42.26
N SER C 197 21.36 15.59 41.82
CA SER C 197 22.08 16.66 42.52
C SER C 197 23.17 17.21 41.62
N LEU C 198 23.19 18.52 41.43
CA LEU C 198 24.34 19.11 40.76
C LEU C 198 24.79 20.31 41.56
N SER C 199 26.09 20.59 41.46
CA SER C 199 26.72 21.66 42.22
C SER C 199 27.50 22.57 41.27
N SER C 200 27.24 23.87 41.38
CA SER C 200 27.83 24.87 40.49
C SER C 200 28.68 25.81 41.33
N VAL C 201 29.99 25.75 41.14
CA VAL C 201 30.95 26.45 41.97
C VAL C 201 31.78 27.41 41.14
N VAL C 202 32.30 28.44 41.80
CA VAL C 202 33.05 29.49 41.11
C VAL C 202 34.25 29.87 41.96
N THR C 203 35.31 30.27 41.29
CA THR C 203 36.56 30.67 41.94
C THR C 203 36.65 32.19 42.00
N VAL C 204 37.03 32.72 43.16
CA VAL C 204 37.14 34.17 43.31
C VAL C 204 38.33 34.51 44.18
N PRO C 205 38.90 35.68 43.97
CA PRO C 205 39.82 36.23 44.97
C PRO C 205 39.05 36.70 46.18
N SER C 206 39.69 36.61 47.35
CA SER C 206 39.12 37.16 48.56
C SER C 206 39.31 38.66 48.68
N SER C 207 39.93 39.28 47.66
CA SER C 207 40.15 40.71 47.69
C SER C 207 38.85 41.49 47.60
N SER C 208 37.84 40.91 46.92
CA SER C 208 36.56 41.58 46.70
C SER C 208 35.46 41.02 47.58
N LEU C 209 35.79 40.11 48.50
CA LEU C 209 34.76 39.41 49.26
C LEU C 209 33.94 40.37 50.12
N GLY C 210 34.52 41.50 50.51
CA GLY C 210 33.74 42.49 51.22
C GLY C 210 32.77 43.24 50.33
N THR C 211 33.24 43.72 49.18
CA THR C 211 32.46 44.63 48.35
C THR C 211 31.39 43.91 47.55
N GLN C 212 31.75 42.87 46.82
CA GLN C 212 30.82 42.18 45.94
C GLN C 212 30.20 41.00 46.67
N THR C 213 28.92 40.76 46.41
CA THR C 213 28.21 39.63 46.99
C THR C 213 27.16 39.13 46.00
N TYR C 214 27.16 37.82 45.77
CA TYR C 214 26.57 37.23 44.58
C TYR C 214 25.40 36.31 44.91
N ILE C 215 24.78 35.83 43.83
CA ILE C 215 23.69 34.86 43.90
C ILE C 215 24.01 33.75 42.91
N CYS C 216 23.74 32.50 43.30
CA CYS C 216 23.64 31.42 42.32
C CYS C 216 22.19 31.36 41.85
N ASN C 217 22.00 31.31 40.53
CA ASN C 217 20.69 31.49 39.94
C ASN C 217 20.26 30.18 39.30
N VAL C 218 19.21 29.57 39.85
CA VAL C 218 18.68 28.28 39.42
C VAL C 218 17.39 28.53 38.66
N ASN C 219 17.13 27.73 37.64
CA ASN C 219 15.89 27.84 36.85
C ASN C 219 15.44 26.45 36.42
N HIS C 220 14.58 25.83 37.22
CA HIS C 220 14.15 24.44 37.02
C HIS C 220 12.83 24.45 36.24
N LYS C 221 12.92 24.25 34.94
CA LYS C 221 11.84 24.47 34.01
C LYS C 221 10.76 23.38 34.00
N PRO C 222 11.08 22.09 34.12
CA PRO C 222 10.01 21.08 34.02
C PRO C 222 9.22 20.90 35.29
N SER C 223 9.67 21.50 36.40
CA SER C 223 8.89 21.57 37.62
C SER C 223 8.12 22.87 37.74
N ASN C 224 8.18 23.73 36.71
CA ASN C 224 7.42 24.98 36.64
C ASN C 224 7.86 25.97 37.71
N THR C 225 9.17 26.04 37.96
CA THR C 225 9.68 26.83 39.07
C THR C 225 11.05 27.40 38.75
N LYS C 226 11.25 28.66 39.12
CA LYS C 226 12.53 29.35 38.93
C LYS C 226 12.91 29.98 40.26
N VAL C 227 14.14 29.76 40.71
CA VAL C 227 14.51 30.06 42.09
C VAL C 227 15.80 30.86 42.13
N ASP C 228 15.99 31.57 43.24
CA ASP C 228 17.25 32.21 43.59
C ASP C 228 17.59 31.90 45.03
N LYS C 229 18.85 32.13 45.37
CA LYS C 229 19.31 32.08 46.76
C LYS C 229 20.66 32.78 46.81
N LYS C 230 20.75 33.84 47.60
CA LYS C 230 21.96 34.66 47.60
C LYS C 230 23.15 33.88 48.14
N VAL C 231 24.34 34.25 47.70
CA VAL C 231 25.58 33.68 48.20
C VAL C 231 26.19 34.67 49.18
N GLU C 232 26.70 34.15 50.29
CA GLU C 232 27.27 34.96 51.36
C GLU C 232 28.44 34.22 51.99
N PRO C 233 29.54 34.91 52.31
CA PRO C 233 30.64 34.23 52.99
C PRO C 233 30.24 33.85 54.40
N LYS C 234 30.09 32.55 54.68
CA LYS C 234 29.36 32.13 55.85
C LYS C 234 30.05 32.58 57.13
N SER C 235 29.25 33.01 58.09
CA SER C 235 29.74 33.59 59.34
C SER C 235 29.12 32.83 60.51
N CYS C 236 29.95 32.52 61.50
CA CYS C 236 29.51 31.74 62.65
C CYS C 236 28.50 32.52 63.47
C1 CLR D . -0.01 -60.23 -33.33
C2 CLR D . 0.57 -61.59 -33.75
C3 CLR D . -0.32 -62.34 -34.76
C4 CLR D . -0.51 -61.41 -35.98
C5 CLR D . -1.12 -60.04 -35.64
C6 CLR D . -2.12 -59.58 -36.40
C7 CLR D . -3.04 -58.45 -35.91
C8 CLR D . -2.33 -57.52 -34.90
C9 CLR D . -1.47 -58.29 -33.88
C10 CLR D . -0.44 -59.29 -34.49
C11 CLR D . -0.90 -57.31 -32.87
C12 CLR D . -2.01 -56.67 -32.02
C13 CLR D . -2.96 -55.91 -32.95
C14 CLR D . -3.42 -56.87 -34.09
C15 CLR D . -4.51 -56.07 -34.86
C16 CLR D . -5.23 -55.29 -33.67
C17 CLR D . -4.39 -55.68 -32.37
C18 CLR D . -2.35 -54.64 -33.51
C19 CLR D . 0.81 -58.52 -35.02
C20 CLR D . -4.54 -54.66 -31.27
C21 CLR D . -5.31 -55.20 -30.06
C22 CLR D . -5.39 -53.48 -31.84
C23 CLR D . -5.78 -52.53 -30.72
C24 CLR D . -7.26 -52.12 -31.02
C25 CLR D . -7.74 -51.21 -29.88
C26 CLR D . -9.22 -50.84 -30.16
C27 CLR D . -7.48 -51.82 -28.48
O1 CLR D . 0.15 -63.63 -35.15
C1 CLR E . 34.72 -30.40 -39.59
C2 CLR E . 35.98 -30.77 -40.37
C3 CLR E . 35.71 -31.41 -41.74
C4 CLR E . 34.73 -30.50 -42.52
C5 CLR E . 33.49 -30.12 -41.74
C6 CLR E . 32.30 -30.09 -42.33
C7 CLR E . 31.07 -29.55 -41.60
C8 CLR E . 31.45 -28.55 -40.49
C9 CLR E . 32.56 -29.12 -39.60
C10 CLR E . 33.84 -29.44 -40.40
C11 CLR E . 32.84 -28.14 -38.46
C12 CLR E . 31.63 -27.47 -37.78
C13 CLR E . 30.48 -27.10 -38.76
C14 CLR E . 30.30 -28.40 -39.55
C15 CLR E . 28.88 -28.31 -40.19
C16 CLR E . 28.12 -27.27 -39.27
C17 CLR E . 29.09 -26.95 -38.08
C18 CLR E . 30.74 -25.96 -39.73
C19 CLR E . 34.64 -28.14 -40.69
C20 CLR E . 28.77 -25.57 -37.54
C21 CLR E . 29.02 -25.43 -36.03
C22 CLR E . 27.25 -25.37 -37.77
C23 CLR E . 26.68 -24.30 -36.84
C24 CLR E . 25.21 -24.76 -36.53
C25 CLR E . 24.60 -24.05 -35.30
C26 CLR E . 24.02 -22.72 -35.82
C27 CLR E . 23.57 -24.89 -34.52
O1 CLR E . 36.88 -31.74 -42.49
C1 CLR F . 26.78 -25.10 -44.86
C2 CLR F . 27.37 -26.33 -45.52
C3 CLR F . 28.12 -27.21 -44.54
C4 CLR F . 27.09 -27.59 -43.48
C5 CLR F . 26.34 -26.43 -42.85
C6 CLR F . 25.85 -26.58 -41.64
C7 CLR F . 25.39 -25.37 -40.83
C8 CLR F . 24.58 -24.42 -41.73
C9 CLR F . 25.24 -24.18 -43.09
C10 CLR F . 25.71 -25.46 -43.83
C11 CLR F . 24.29 -23.29 -43.87
C12 CLR F . 23.99 -21.95 -43.16
C13 CLR F . 23.48 -22.22 -41.72
C14 CLR F . 24.60 -23.07 -41.10
C15 CLR F . 24.42 -23.02 -39.56
C16 CLR F . 23.37 -21.85 -39.37
C17 CLR F . 23.44 -21.03 -40.73
C18 CLR F . 22.19 -22.98 -41.62
C19 CLR F . 24.49 -26.11 -44.52
C20 CLR F . 22.24 -20.08 -40.79
C21 CLR F . 22.31 -18.98 -41.87
C22 CLR F . 22.22 -19.36 -39.40
C23 CLR F . 21.61 -17.96 -39.48
C24 CLR F . 21.11 -17.67 -38.01
C25 CLR F . 19.98 -16.62 -37.99
C26 CLR F . 20.51 -15.42 -37.18
C27 CLR F . 19.37 -16.22 -39.36
O1 CLR F . 28.76 -28.32 -45.13
C1 CLR G . 4.90 -58.02 -25.76
C2 CLR G . 5.82 -59.24 -25.65
C3 CLR G . 6.24 -59.58 -24.22
C4 CLR G . 4.94 -59.68 -23.41
C5 CLR G . 4.15 -58.41 -23.45
C6 CLR G . 4.55 -57.44 -22.62
C7 CLR G . 3.94 -56.06 -22.71
C8 CLR G . 2.63 -56.15 -23.53
C9 CLR G . 2.92 -56.78 -24.90
C10 CLR G . 3.66 -58.13 -24.86
C11 CLR G . 1.60 -56.79 -25.65
C12 CLR G . 0.95 -55.40 -25.75
C13 CLR G . 0.73 -54.88 -24.33
C14 CLR G . 2.17 -54.78 -23.84
C15 CLR G . 2.20 -53.72 -22.70
C16 CLR G . 0.77 -53.05 -22.73
C17 CLR G . 0.27 -53.41 -24.19
C18 CLR G . -0.09 -55.79 -23.42
C19 CLR G . 2.75 -59.28 -25.36
C20 CLR G . -1.23 -53.23 -24.24
C21 CLR G . -1.76 -53.09 -25.67
C22 CLR G . -1.56 -51.91 -23.47
C23 CLR G . -3.06 -51.65 -23.38
C24 CLR G . -3.37 -50.44 -24.33
C25 CLR G . -3.55 -49.16 -23.51
C26 CLR G . -4.30 -48.14 -24.42
C27 CLR G . -4.20 -49.36 -22.13
O1 CLR G . 7.03 -60.75 -24.10
C1 CLR H . 6.35 -34.80 -48.73
C2 CLR H . 7.20 -35.87 -49.41
C3 CLR H . 6.65 -37.29 -49.32
C4 CLR H . 5.17 -37.23 -49.73
C5 CLR H . 4.38 -36.16 -48.99
C6 CLR H . 3.95 -36.51 -47.79
C7 CLR H . 3.27 -35.47 -46.92
C8 CLR H . 2.87 -34.24 -47.74
C9 CLR H . 4.10 -33.69 -48.48
C10 CLR H . 4.91 -34.75 -49.26
C11 CLR H . 3.61 -32.46 -49.27
C12 CLR H . 2.89 -31.43 -48.38
C13 CLR H . 1.74 -32.09 -47.57
C14 CLR H . 2.48 -33.18 -46.79
C15 CLR H . 1.52 -33.65 -45.69
C16 CLR H . 0.58 -32.41 -45.47
C17 CLR H . 1.09 -31.26 -46.42
C18 CLR H . 0.65 -32.72 -48.43
C19 CLR H . 4.91 -34.42 -50.77
C20 CLR H . -0.13 -30.41 -46.79
C21 CLR H . 0.21 -29.00 -47.31
C22 CLR H . -0.94 -30.20 -45.47
C23 CLR H . -1.93 -29.05 -45.60
C24 CLR H . -2.71 -29.09 -44.25
C25 CLR H . -4.23 -29.02 -44.53
C26 CLR H . -5.00 -29.28 -43.23
C27 CLR H . -4.70 -27.72 -45.22
O1 CLR H . 7.35 -38.24 -50.11
CAA X2N I . -1.32 -29.68 -11.28
CAB X2N I . 1.47 -28.19 -8.48
OAC X2N I . 2.33 -28.71 -13.54
OAD X2N I . 3.10 -27.94 -10.21
FAE X2N I . 9.18 -35.44 -30.84
FAF X2N I . 11.06 -32.96 -34.28
CAG X2N I . 10.12 -34.21 -32.57
CAH X2N I . 6.76 -32.53 -24.50
CAI X2N I . 8.09 -34.23 -23.47
CAJ X2N I . 6.19 -32.22 -23.29
CAK X2N I . 7.52 -33.93 -22.24
CAL X2N I . 4.82 -32.39 -16.09
CAM X2N I . 3.29 -30.81 -17.11
CAN X2N I . 4.25 -32.12 -14.86
CAO X2N I . 2.74 -30.56 -15.87
CAP X2N I . 10.56 -33.01 -33.02
CAQ X2N I . 5.94 -29.87 -28.85
CAR X2N I . 9.56 -33.13 -30.50
CAS X2N I . 7.51 -30.66 -29.96
CAT X2N I . 2.31 -31.94 -12.57
CAU X2N I . -0.22 -29.62 -10.26
CAV X2N I . 9.55 -34.42 -28.31
CAW X2N I . 6.22 -33.46 -19.78
CAX X2N I . 5.15 -31.47 -20.77
CAY X2N I . 6.20 -32.60 -18.54
CAZ X2N I . 4.17 -31.73 -19.66
CBB X2N I . 9.46 -34.57 -25.80
CBC X2N I . 7.54 -32.96 -28.91
NBD X2N I . 6.82 -29.55 -29.82
NBE X2N I . 6.06 -31.09 -28.38
NBF X2N I . 1.72 -31.39 -11.53
OBG X2N I . 8.24 -33.83 -25.80
OBH X2N I . 9.74 -32.11 -28.40
CBI X2N I . 9.63 -34.25 -31.28
CBJ X2N I . 10.06 -31.94 -30.99
CBK X2N I . 7.71 -33.53 -24.59
CBL X2N I . 6.56 -32.92 -22.15
CBM X2N I . 4.34 -31.73 -17.23
CBN X2N I . 3.24 -31.21 -14.76
CBO X2N I . 10.55 -31.88 -32.28
CBP X2N I . 2.21 -29.80 -12.99
CBQ X2N I . 2.09 -28.80 -9.69
CBS X2N I . 1.09 -29.10 -10.83
NBT X2N I . 6.01 -32.63 -20.97
NBU X2N I . 4.88 -31.98 -18.41
NBV X2N I . 7.09 -31.60 -29.11
NBW X2N I . 2.62 -31.00 -13.49
NBX X2N I . 1.67 -30.05 -11.79
C2 X2N I . 9.07 -33.18 -29.07
C32 X2N I . 9.71 -32.47 -27.02
C7 X2N I . 10.13 -33.93 -26.98
C1 CLR J . 18.25 -26.01 -51.55
C2 CLR J . 19.51 -26.58 -52.19
C3 CLR J . 19.59 -28.11 -52.01
C4 CLR J . 18.40 -28.67 -52.79
C5 CLR J . 17.05 -28.17 -52.31
C6 CLR J . 16.01 -29.01 -52.37
C7 CLR J . 14.79 -28.82 -51.47
C8 CLR J . 14.58 -27.33 -51.15
C9 CLR J . 15.91 -26.59 -50.80
C10 CLR J . 16.91 -26.68 -51.98
C11 CLR J . 15.65 -25.17 -50.26
C12 CLR J . 14.52 -25.09 -49.20
C13 CLR J . 13.22 -25.75 -49.73
C14 CLR J . 13.63 -27.23 -49.97
C15 CLR J . 12.32 -28.06 -50.06
C16 CLR J . 11.42 -27.36 -48.98
C17 CLR J . 12.05 -25.91 -48.71
C18 CLR J . 12.75 -25.10 -51.03
C19 CLR J . 16.35 -25.96 -53.23
C20 CLR J . 10.92 -24.90 -48.88
C21 CLR J . 11.20 -23.42 -48.51
C22 CLR J . 9.77 -25.40 -47.96
C23 CLR J . 8.45 -24.74 -48.35
C24 CLR J . 7.67 -24.64 -47.00
C25 CLR J . 6.68 -25.80 -46.91
C26 CLR J . 5.70 -25.45 -45.76
C27 CLR J . 5.98 -26.25 -48.22
O1 CLR J . 20.81 -28.72 -52.39
C1 DLP K . -1.05 -34.32 -22.60
C2 DLP K . -0.27 -35.13 -23.61
C3 DLP K . -0.90 -34.76 -24.97
C4 DLP K . -0.69 -32.21 -19.44
C5 DLP K . -1.75 -33.21 -18.92
C6 DLP K . -1.64 -32.22 -16.74
C7 DLP K . -3.10 -31.36 -18.33
C8 DLP K . -3.56 -33.46 -17.37
C11 DLP K . -3.03 -35.61 -25.56
C12 DLP K . -4.58 -35.50 -25.72
C13 DLP K . -5.07 -34.51 -26.80
C14 DLP K . -5.62 -35.26 -28.05
C15 DLP K . -4.75 -36.52 -28.31
C16 DLP K . -4.90 -37.16 -29.73
C17 DLP K . -4.68 -38.68 -29.60
C18 DLP K . -3.65 -39.32 -30.60
C19 DLP K . -3.34 -40.73 -30.06
C20 DLP K . -2.15 -40.92 -29.46
C21 DLP K . -1.16 -39.77 -29.35
C22 DLP K . -0.23 -39.84 -28.13
C23 DLP K . 0.90 -40.55 -28.18
C24 DLP K . 1.25 -41.31 -29.46
C25 DLP K . 2.43 -42.26 -29.17
C26 DLP K . 3.49 -42.17 -30.28
C27 DLP K . 4.71 -43.06 -30.04
C28 DLP K . 6.00 -42.25 -29.93
C31 DLP K . 1.79 -35.07 -22.29
C32 DLP K . 2.69 -36.31 -21.99
C33 DLP K . 3.31 -37.04 -23.23
C34 DLP K . 4.44 -38.02 -22.79
C35 DLP K . 5.74 -37.88 -23.62
C36 DLP K . 7.05 -38.18 -22.81
C37 DLP K . 8.37 -37.67 -23.47
C38 DLP K . 9.38 -38.79 -23.88
C39 DLP K . 10.00 -38.39 -25.23
C40 DLP K . 10.46 -39.29 -26.13
C41 DLP K . 10.40 -40.81 -25.89
C42 DLP K . 9.89 -41.50 -27.18
C43 DLP K . 10.24 -42.76 -27.48
C44 DLP K . 9.72 -43.44 -28.74
C45 DLP K . 10.72 -44.49 -29.25
C46 DLP K . 10.65 -44.60 -30.78
C47 DLP K . 11.60 -45.66 -31.39
C48 DLP K . 12.21 -45.25 -32.74
N DLP K . -2.52 -32.57 -17.84
O2 DLP K . 1.13 -34.87 -23.56
O3 DLP K . -2.32 -34.65 -24.81
O11 DLP K . -2.46 -36.50 -26.08
O31 DLP K . 1.69 -34.28 -21.42
O1P DLP K . 0.04 -30.89 -22.75
O2P DLP K . -2.20 -31.12 -21.72
O3P DLP K . -1.22 -33.03 -23.19
O4P DLP K . -0.27 -32.59 -20.75
P DLP K . -0.93 -31.81 -22.10
#